data_4RHF
# 
_entry.id   4RHF 
# 
_audit_conform.dict_name       mmcif_pdbx.dic 
_audit_conform.dict_version    5.387 
_audit_conform.dict_location   http://mmcif.pdb.org/dictionaries/ascii/mmcif_pdbx.dic 
# 
loop_
_database_2.database_id 
_database_2.database_code 
_database_2.pdbx_database_accession 
_database_2.pdbx_DOI 
PDB   4RHF         pdb_00004rhf 10.2210/pdb4rhf/pdb 
RCSB  RCSB087350   ?            ?                   
WWPDB D_1000087350 ?            ?                   
# 
loop_
_pdbx_audit_revision_history.ordinal 
_pdbx_audit_revision_history.data_content_type 
_pdbx_audit_revision_history.major_revision 
_pdbx_audit_revision_history.minor_revision 
_pdbx_audit_revision_history.revision_date 
1 'Structure model' 1 0 2015-02-18 
2 'Structure model' 1 1 2024-02-28 
# 
_pdbx_audit_revision_details.ordinal             1 
_pdbx_audit_revision_details.revision_ordinal    1 
_pdbx_audit_revision_details.data_content_type   'Structure model' 
_pdbx_audit_revision_details.provider            repository 
_pdbx_audit_revision_details.type                'Initial release' 
_pdbx_audit_revision_details.description         ? 
_pdbx_audit_revision_details.details             ? 
# 
loop_
_pdbx_audit_revision_group.ordinal 
_pdbx_audit_revision_group.revision_ordinal 
_pdbx_audit_revision_group.data_content_type 
_pdbx_audit_revision_group.group 
1 2 'Structure model' 'Data collection'      
2 2 'Structure model' 'Database references'  
3 2 'Structure model' 'Derived calculations' 
# 
loop_
_pdbx_audit_revision_category.ordinal 
_pdbx_audit_revision_category.revision_ordinal 
_pdbx_audit_revision_category.data_content_type 
_pdbx_audit_revision_category.category 
1 2 'Structure model' chem_comp_atom     
2 2 'Structure model' chem_comp_bond     
3 2 'Structure model' database_2         
4 2 'Structure model' struct_ref_seq_dif 
5 2 'Structure model' struct_site        
# 
loop_
_pdbx_audit_revision_item.ordinal 
_pdbx_audit_revision_item.revision_ordinal 
_pdbx_audit_revision_item.data_content_type 
_pdbx_audit_revision_item.item 
1 2 'Structure model' '_database_2.pdbx_DOI'                
2 2 'Structure model' '_database_2.pdbx_database_accession' 
3 2 'Structure model' '_struct_ref_seq_dif.details'         
4 2 'Structure model' '_struct_site.pdbx_auth_asym_id'      
5 2 'Structure model' '_struct_site.pdbx_auth_comp_id'      
6 2 'Structure model' '_struct_site.pdbx_auth_seq_id'       
# 
_pdbx_database_status.status_code                     REL 
_pdbx_database_status.entry_id                        4RHF 
_pdbx_database_status.recvd_initial_deposition_date   2014-10-02 
_pdbx_database_status.deposit_site                    RCSB 
_pdbx_database_status.process_site                    RCSB 
_pdbx_database_status.status_code_sf                  REL 
_pdbx_database_status.status_code_mr                  ? 
_pdbx_database_status.SG_entry                        ? 
_pdbx_database_status.status_code_cs                  ? 
_pdbx_database_status.methods_development_category    ? 
_pdbx_database_status.pdb_format_compatible           Y 
_pdbx_database_status.status_code_nmr_data            ? 
# 
_pdbx_database_related.db_name        PDB 
_pdbx_database_related.db_id          4RHE 
_pdbx_database_related.details        'Crystal structure of wild type UbiX' 
_pdbx_database_related.content_type   unspecified 
# 
loop_
_audit_author.name 
_audit_author.pdbx_ordinal 
'Do, H.'     1 
'Kim, S.J.'  2 
'Lee, C.W.'  3 
'Kim, H.-W.' 4 
'Park, H.H.' 5 
'Kim, H.M.'  6 
'Park, H.'   7 
'Park, H.J.' 8 
'Lee, J.H.'  9 
# 
_citation.id                        primary 
_citation.title                     
;Crystal structure of UbiX, an aromatic acid decarboxylase from the psychrophilic bacterium Colwellia psychrerythraea that undergoes FMN-induced conformational changes.
;
_citation.journal_abbrev            'Sci Rep' 
_citation.journal_volume            5 
_citation.page_first                8196 
_citation.page_last                 8196 
_citation.year                      2015 
_citation.journal_id_ASTM           ? 
_citation.country                   UK 
_citation.journal_id_ISSN           2045-2322 
_citation.journal_id_CSD            ? 
_citation.book_publisher            ? 
_citation.pdbx_database_id_PubMed   25645665 
_citation.pdbx_database_id_DOI      10.1038/srep08196 
# 
loop_
_citation_author.citation_id 
_citation_author.name 
_citation_author.ordinal 
_citation_author.identifier_ORCID 
primary 'Do, H.'     1 ? 
primary 'Kim, S.J.'  2 ? 
primary 'Lee, C.W.'  3 ? 
primary 'Kim, H.W.'  4 ? 
primary 'Park, H.H.' 5 ? 
primary 'Kim, H.M.'  6 ? 
primary 'Park, H.'   7 ? 
primary 'Park, H.'   8 ? 
primary 'Lee, J.H.'  9 ? 
# 
loop_
_entity.id 
_entity.type 
_entity.src_method 
_entity.pdbx_description 
_entity.formula_weight 
_entity.pdbx_number_of_molecules 
_entity.pdbx_ec 
_entity.pdbx_mutation 
_entity.pdbx_fragment 
_entity.details 
1 polymer     man '3-octaprenyl-4-hydroxybenzoate carboxy-lyase' 22842.277 1  4.1.1.- V47S ? ? 
2 non-polymer syn 'SULFATE ION'                                  96.063    2  ?       ?    ? ? 
3 water       nat water                                          18.015    54 ?       ?    ? ? 
# 
_entity_poly.entity_id                      1 
_entity_poly.type                           'polypeptide(L)' 
_entity_poly.nstd_linkage                   no 
_entity_poly.nstd_monomer                   no 
_entity_poly.pdbx_seq_one_letter_code       
;GSHMNNDFNGKITLAITGASGASYAMRLIECLIAANYQLYILCSSAGRISLDTEVGVKIPSSPDAASKFLTEKYQAKDQQ
ITVFGKEQWFSPVASGSSAPKQMVVCPCSTGTMAAICHGMSDNLIERAADVVIKERGQLILMVRETPFSTLHLQNMLSLS
QQGVTIMPASPGFYHKVETIEDLIDFMVGRVLDHLGIEQDIMPRWGYNI
;
_entity_poly.pdbx_seq_one_letter_code_can   
;GSHMNNDFNGKITLAITGASGASYAMRLIECLIAANYQLYILCSSAGRISLDTEVGVKIPSSPDAASKFLTEKYQAKDQQ
ITVFGKEQWFSPVASGSSAPKQMVVCPCSTGTMAAICHGMSDNLIERAADVVIKERGQLILMVRETPFSTLHLQNMLSLS
QQGVTIMPASPGFYHKVETIEDLIDFMVGRVLDHLGIEQDIMPRWGYNI
;
_entity_poly.pdbx_strand_id                 A 
_entity_poly.pdbx_target_identifier         ? 
# 
loop_
_pdbx_entity_nonpoly.entity_id 
_pdbx_entity_nonpoly.name 
_pdbx_entity_nonpoly.comp_id 
2 'SULFATE ION' SO4 
3 water         HOH 
# 
loop_
_entity_poly_seq.entity_id 
_entity_poly_seq.num 
_entity_poly_seq.mon_id 
_entity_poly_seq.hetero 
1 1   GLY n 
1 2   SER n 
1 3   HIS n 
1 4   MET n 
1 5   ASN n 
1 6   ASN n 
1 7   ASP n 
1 8   PHE n 
1 9   ASN n 
1 10  GLY n 
1 11  LYS n 
1 12  ILE n 
1 13  THR n 
1 14  LEU n 
1 15  ALA n 
1 16  ILE n 
1 17  THR n 
1 18  GLY n 
1 19  ALA n 
1 20  SER n 
1 21  GLY n 
1 22  ALA n 
1 23  SER n 
1 24  TYR n 
1 25  ALA n 
1 26  MET n 
1 27  ARG n 
1 28  LEU n 
1 29  ILE n 
1 30  GLU n 
1 31  CYS n 
1 32  LEU n 
1 33  ILE n 
1 34  ALA n 
1 35  ALA n 
1 36  ASN n 
1 37  TYR n 
1 38  GLN n 
1 39  LEU n 
1 40  TYR n 
1 41  ILE n 
1 42  LEU n 
1 43  CYS n 
1 44  SER n 
1 45  SER n 
1 46  ALA n 
1 47  GLY n 
1 48  ARG n 
1 49  ILE n 
1 50  SER n 
1 51  LEU n 
1 52  ASP n 
1 53  THR n 
1 54  GLU n 
1 55  VAL n 
1 56  GLY n 
1 57  VAL n 
1 58  LYS n 
1 59  ILE n 
1 60  PRO n 
1 61  SER n 
1 62  SER n 
1 63  PRO n 
1 64  ASP n 
1 65  ALA n 
1 66  ALA n 
1 67  SER n 
1 68  LYS n 
1 69  PHE n 
1 70  LEU n 
1 71  THR n 
1 72  GLU n 
1 73  LYS n 
1 74  TYR n 
1 75  GLN n 
1 76  ALA n 
1 77  LYS n 
1 78  ASP n 
1 79  GLN n 
1 80  GLN n 
1 81  ILE n 
1 82  THR n 
1 83  VAL n 
1 84  PHE n 
1 85  GLY n 
1 86  LYS n 
1 87  GLU n 
1 88  GLN n 
1 89  TRP n 
1 90  PHE n 
1 91  SER n 
1 92  PRO n 
1 93  VAL n 
1 94  ALA n 
1 95  SER n 
1 96  GLY n 
1 97  SER n 
1 98  SER n 
1 99  ALA n 
1 100 PRO n 
1 101 LYS n 
1 102 GLN n 
1 103 MET n 
1 104 VAL n 
1 105 VAL n 
1 106 CYS n 
1 107 PRO n 
1 108 CYS n 
1 109 SER n 
1 110 THR n 
1 111 GLY n 
1 112 THR n 
1 113 MET n 
1 114 ALA n 
1 115 ALA n 
1 116 ILE n 
1 117 CYS n 
1 118 HIS n 
1 119 GLY n 
1 120 MET n 
1 121 SER n 
1 122 ASP n 
1 123 ASN n 
1 124 LEU n 
1 125 ILE n 
1 126 GLU n 
1 127 ARG n 
1 128 ALA n 
1 129 ALA n 
1 130 ASP n 
1 131 VAL n 
1 132 VAL n 
1 133 ILE n 
1 134 LYS n 
1 135 GLU n 
1 136 ARG n 
1 137 GLY n 
1 138 GLN n 
1 139 LEU n 
1 140 ILE n 
1 141 LEU n 
1 142 MET n 
1 143 VAL n 
1 144 ARG n 
1 145 GLU n 
1 146 THR n 
1 147 PRO n 
1 148 PHE n 
1 149 SER n 
1 150 THR n 
1 151 LEU n 
1 152 HIS n 
1 153 LEU n 
1 154 GLN n 
1 155 ASN n 
1 156 MET n 
1 157 LEU n 
1 158 SER n 
1 159 LEU n 
1 160 SER n 
1 161 GLN n 
1 162 GLN n 
1 163 GLY n 
1 164 VAL n 
1 165 THR n 
1 166 ILE n 
1 167 MET n 
1 168 PRO n 
1 169 ALA n 
1 170 SER n 
1 171 PRO n 
1 172 GLY n 
1 173 PHE n 
1 174 TYR n 
1 175 HIS n 
1 176 LYS n 
1 177 VAL n 
1 178 GLU n 
1 179 THR n 
1 180 ILE n 
1 181 GLU n 
1 182 ASP n 
1 183 LEU n 
1 184 ILE n 
1 185 ASP n 
1 186 PHE n 
1 187 MET n 
1 188 VAL n 
1 189 GLY n 
1 190 ARG n 
1 191 VAL n 
1 192 LEU n 
1 193 ASP n 
1 194 HIS n 
1 195 LEU n 
1 196 GLY n 
1 197 ILE n 
1 198 GLU n 
1 199 GLN n 
1 200 ASP n 
1 201 ILE n 
1 202 MET n 
1 203 PRO n 
1 204 ARG n 
1 205 TRP n 
1 206 GLY n 
1 207 TYR n 
1 208 ASN n 
1 209 ILE n 
# 
_entity_src_gen.entity_id                          1 
_entity_src_gen.pdbx_src_id                        1 
_entity_src_gen.pdbx_alt_source_flag               sample 
_entity_src_gen.pdbx_seq_type                      ? 
_entity_src_gen.pdbx_beg_seq_num                   ? 
_entity_src_gen.pdbx_end_seq_num                   ? 
_entity_src_gen.gene_src_common_name               ? 
_entity_src_gen.gene_src_genus                     ? 
_entity_src_gen.pdbx_gene_src_gene                 'ubiX, CPS_0408' 
_entity_src_gen.gene_src_species                   ? 
_entity_src_gen.gene_src_strain                    ? 
_entity_src_gen.gene_src_tissue                    ? 
_entity_src_gen.gene_src_tissue_fraction           ? 
_entity_src_gen.gene_src_details                   ? 
_entity_src_gen.pdbx_gene_src_fragment             ? 
_entity_src_gen.pdbx_gene_src_scientific_name      'Colwellia psychrerythraea 34H' 
_entity_src_gen.pdbx_gene_src_ncbi_taxonomy_id     167879 
_entity_src_gen.pdbx_gene_src_variant              ? 
_entity_src_gen.pdbx_gene_src_cell_line            ? 
_entity_src_gen.pdbx_gene_src_atcc                 ? 
_entity_src_gen.pdbx_gene_src_organ                ? 
_entity_src_gen.pdbx_gene_src_organelle            ? 
_entity_src_gen.pdbx_gene_src_cell                 ? 
_entity_src_gen.pdbx_gene_src_cellular_location    ? 
_entity_src_gen.host_org_common_name               ? 
_entity_src_gen.pdbx_host_org_scientific_name      'Escherichia coli BL21(DE3)' 
_entity_src_gen.pdbx_host_org_ncbi_taxonomy_id     469008 
_entity_src_gen.host_org_genus                     ? 
_entity_src_gen.pdbx_host_org_gene                 ? 
_entity_src_gen.pdbx_host_org_organ                ? 
_entity_src_gen.host_org_species                   ? 
_entity_src_gen.pdbx_host_org_tissue               ? 
_entity_src_gen.pdbx_host_org_tissue_fraction      ? 
_entity_src_gen.pdbx_host_org_strain               ? 
_entity_src_gen.pdbx_host_org_variant              ? 
_entity_src_gen.pdbx_host_org_cell_line            ? 
_entity_src_gen.pdbx_host_org_atcc                 ? 
_entity_src_gen.pdbx_host_org_culture_collection   ? 
_entity_src_gen.pdbx_host_org_cell                 ? 
_entity_src_gen.pdbx_host_org_organelle            ? 
_entity_src_gen.pdbx_host_org_cellular_location    ? 
_entity_src_gen.pdbx_host_org_vector_type          plasmid 
_entity_src_gen.pdbx_host_org_vector               ? 
_entity_src_gen.host_org_details                   ? 
_entity_src_gen.expression_system_id               ? 
_entity_src_gen.plasmid_name                       pET28a 
_entity_src_gen.plasmid_details                    ? 
_entity_src_gen.pdbx_description                   ? 
# 
loop_
_chem_comp.id 
_chem_comp.type 
_chem_comp.mon_nstd_flag 
_chem_comp.name 
_chem_comp.pdbx_synonyms 
_chem_comp.formula 
_chem_comp.formula_weight 
ALA 'L-peptide linking' y ALANINE         ? 'C3 H7 N O2'     89.093  
ARG 'L-peptide linking' y ARGININE        ? 'C6 H15 N4 O2 1' 175.209 
ASN 'L-peptide linking' y ASPARAGINE      ? 'C4 H8 N2 O3'    132.118 
ASP 'L-peptide linking' y 'ASPARTIC ACID' ? 'C4 H7 N O4'     133.103 
CYS 'L-peptide linking' y CYSTEINE        ? 'C3 H7 N O2 S'   121.158 
GLN 'L-peptide linking' y GLUTAMINE       ? 'C5 H10 N2 O3'   146.144 
GLU 'L-peptide linking' y 'GLUTAMIC ACID' ? 'C5 H9 N O4'     147.129 
GLY 'peptide linking'   y GLYCINE         ? 'C2 H5 N O2'     75.067  
HIS 'L-peptide linking' y HISTIDINE       ? 'C6 H10 N3 O2 1' 156.162 
HOH non-polymer         . WATER           ? 'H2 O'           18.015  
ILE 'L-peptide linking' y ISOLEUCINE      ? 'C6 H13 N O2'    131.173 
LEU 'L-peptide linking' y LEUCINE         ? 'C6 H13 N O2'    131.173 
LYS 'L-peptide linking' y LYSINE          ? 'C6 H15 N2 O2 1' 147.195 
MET 'L-peptide linking' y METHIONINE      ? 'C5 H11 N O2 S'  149.211 
PHE 'L-peptide linking' y PHENYLALANINE   ? 'C9 H11 N O2'    165.189 
PRO 'L-peptide linking' y PROLINE         ? 'C5 H9 N O2'     115.130 
SER 'L-peptide linking' y SERINE          ? 'C3 H7 N O3'     105.093 
SO4 non-polymer         . 'SULFATE ION'   ? 'O4 S -2'        96.063  
THR 'L-peptide linking' y THREONINE       ? 'C4 H9 N O3'     119.119 
TRP 'L-peptide linking' y TRYPTOPHAN      ? 'C11 H12 N2 O2'  204.225 
TYR 'L-peptide linking' y TYROSINE        ? 'C9 H11 N O3'    181.189 
VAL 'L-peptide linking' y VALINE          ? 'C5 H11 N O2'    117.146 
# 
loop_
_pdbx_poly_seq_scheme.asym_id 
_pdbx_poly_seq_scheme.entity_id 
_pdbx_poly_seq_scheme.seq_id 
_pdbx_poly_seq_scheme.mon_id 
_pdbx_poly_seq_scheme.ndb_seq_num 
_pdbx_poly_seq_scheme.pdb_seq_num 
_pdbx_poly_seq_scheme.auth_seq_num 
_pdbx_poly_seq_scheme.pdb_mon_id 
_pdbx_poly_seq_scheme.auth_mon_id 
_pdbx_poly_seq_scheme.pdb_strand_id 
_pdbx_poly_seq_scheme.pdb_ins_code 
_pdbx_poly_seq_scheme.hetero 
A 1 1   GLY 1   -2  ?   ?   ?   A . n 
A 1 2   SER 2   -1  ?   ?   ?   A . n 
A 1 3   HIS 3   0   ?   ?   ?   A . n 
A 1 4   MET 4   1   ?   ?   ?   A . n 
A 1 5   ASN 5   2   ?   ?   ?   A . n 
A 1 6   ASN 6   3   ?   ?   ?   A . n 
A 1 7   ASP 7   4   4   ASP ASP A . n 
A 1 8   PHE 8   5   5   PHE PHE A . n 
A 1 9   ASN 9   6   6   ASN ASN A . n 
A 1 10  GLY 10  7   7   GLY GLY A . n 
A 1 11  LYS 11  8   8   LYS LYS A . n 
A 1 12  ILE 12  9   9   ILE ILE A . n 
A 1 13  THR 13  10  10  THR THR A . n 
A 1 14  LEU 14  11  11  LEU LEU A . n 
A 1 15  ALA 15  12  12  ALA ALA A . n 
A 1 16  ILE 16  13  13  ILE ILE A . n 
A 1 17  THR 17  14  14  THR THR A . n 
A 1 18  GLY 18  15  15  GLY GLY A . n 
A 1 19  ALA 19  16  16  ALA ALA A . n 
A 1 20  SER 20  17  17  SER SER A . n 
A 1 21  GLY 21  18  18  GLY GLY A . n 
A 1 22  ALA 22  19  19  ALA ALA A . n 
A 1 23  SER 23  20  20  SER SER A . n 
A 1 24  TYR 24  21  21  TYR TYR A . n 
A 1 25  ALA 25  22  22  ALA ALA A . n 
A 1 26  MET 26  23  23  MET MET A . n 
A 1 27  ARG 27  24  24  ARG ARG A . n 
A 1 28  LEU 28  25  25  LEU LEU A . n 
A 1 29  ILE 29  26  26  ILE ILE A . n 
A 1 30  GLU 30  27  27  GLU GLU A . n 
A 1 31  CYS 31  28  28  CYS CYS A . n 
A 1 32  LEU 32  29  29  LEU LEU A . n 
A 1 33  ILE 33  30  30  ILE ILE A . n 
A 1 34  ALA 34  31  31  ALA ALA A . n 
A 1 35  ALA 35  32  32  ALA ALA A . n 
A 1 36  ASN 36  33  33  ASN ASN A . n 
A 1 37  TYR 37  34  34  TYR TYR A . n 
A 1 38  GLN 38  35  35  GLN GLN A . n 
A 1 39  LEU 39  36  36  LEU LEU A . n 
A 1 40  TYR 40  37  37  TYR TYR A . n 
A 1 41  ILE 41  38  38  ILE ILE A . n 
A 1 42  LEU 42  39  39  LEU LEU A . n 
A 1 43  CYS 43  40  40  CYS CYS A . n 
A 1 44  SER 44  41  41  SER SER A . n 
A 1 45  SER 45  42  42  SER SER A . n 
A 1 46  ALA 46  43  43  ALA ALA A . n 
A 1 47  GLY 47  44  44  GLY GLY A . n 
A 1 48  ARG 48  45  45  ARG ARG A . n 
A 1 49  ILE 49  46  46  ILE ILE A . n 
A 1 50  SER 50  47  47  SER SER A . n 
A 1 51  LEU 51  48  48  LEU LEU A . n 
A 1 52  ASP 52  49  49  ASP ASP A . n 
A 1 53  THR 53  50  50  THR THR A . n 
A 1 54  GLU 54  51  51  GLU GLU A . n 
A 1 55  VAL 55  52  52  VAL VAL A . n 
A 1 56  GLY 56  53  53  GLY GLY A . n 
A 1 57  VAL 57  54  54  VAL VAL A . n 
A 1 58  LYS 58  55  55  LYS LYS A . n 
A 1 59  ILE 59  56  56  ILE ILE A . n 
A 1 60  PRO 60  57  57  PRO PRO A . n 
A 1 61  SER 61  58  58  SER SER A . n 
A 1 62  SER 62  59  59  SER SER A . n 
A 1 63  PRO 63  60  60  PRO PRO A . n 
A 1 64  ASP 64  61  61  ASP ASP A . n 
A 1 65  ALA 65  62  62  ALA ALA A . n 
A 1 66  ALA 66  63  63  ALA ALA A . n 
A 1 67  SER 67  64  64  SER SER A . n 
A 1 68  LYS 68  65  65  LYS LYS A . n 
A 1 69  PHE 69  66  66  PHE PHE A . n 
A 1 70  LEU 70  67  67  LEU LEU A . n 
A 1 71  THR 71  68  68  THR THR A . n 
A 1 72  GLU 72  69  69  GLU GLU A . n 
A 1 73  LYS 73  70  70  LYS LYS A . n 
A 1 74  TYR 74  71  71  TYR TYR A . n 
A 1 75  GLN 75  72  72  GLN GLN A . n 
A 1 76  ALA 76  73  73  ALA ALA A . n 
A 1 77  LYS 77  74  74  LYS LYS A . n 
A 1 78  ASP 78  75  75  ASP ASP A . n 
A 1 79  GLN 79  76  76  GLN GLN A . n 
A 1 80  GLN 80  77  77  GLN GLN A . n 
A 1 81  ILE 81  78  78  ILE ILE A . n 
A 1 82  THR 82  79  79  THR THR A . n 
A 1 83  VAL 83  80  80  VAL VAL A . n 
A 1 84  PHE 84  81  81  PHE PHE A . n 
A 1 85  GLY 85  82  82  GLY GLY A . n 
A 1 86  LYS 86  83  83  LYS LYS A . n 
A 1 87  GLU 87  84  84  GLU GLU A . n 
A 1 88  GLN 88  85  85  GLN GLN A . n 
A 1 89  TRP 89  86  86  TRP TRP A . n 
A 1 90  PHE 90  87  87  PHE PHE A . n 
A 1 91  SER 91  88  88  SER SER A . n 
A 1 92  PRO 92  89  89  PRO PRO A . n 
A 1 93  VAL 93  90  90  VAL VAL A . n 
A 1 94  ALA 94  91  91  ALA ALA A . n 
A 1 95  SER 95  92  92  SER SER A . n 
A 1 96  GLY 96  93  93  GLY GLY A . n 
A 1 97  SER 97  94  94  SER SER A . n 
A 1 98  SER 98  95  95  SER SER A . n 
A 1 99  ALA 99  96  96  ALA ALA A . n 
A 1 100 PRO 100 97  97  PRO PRO A . n 
A 1 101 LYS 101 98  98  LYS LYS A . n 
A 1 102 GLN 102 99  99  GLN GLN A . n 
A 1 103 MET 103 100 100 MET MET A . n 
A 1 104 VAL 104 101 101 VAL VAL A . n 
A 1 105 VAL 105 102 102 VAL VAL A . n 
A 1 106 CYS 106 103 103 CYS CYS A . n 
A 1 107 PRO 107 104 104 PRO PRO A . n 
A 1 108 CYS 108 105 105 CYS CYS A . n 
A 1 109 SER 109 106 106 SER SER A . n 
A 1 110 THR 110 107 107 THR THR A . n 
A 1 111 GLY 111 108 108 GLY GLY A . n 
A 1 112 THR 112 109 109 THR THR A . n 
A 1 113 MET 113 110 110 MET MET A . n 
A 1 114 ALA 114 111 111 ALA ALA A . n 
A 1 115 ALA 115 112 112 ALA ALA A . n 
A 1 116 ILE 116 113 113 ILE ILE A . n 
A 1 117 CYS 117 114 114 CYS CYS A . n 
A 1 118 HIS 118 115 115 HIS HIS A . n 
A 1 119 GLY 119 116 116 GLY GLY A . n 
A 1 120 MET 120 117 117 MET MET A . n 
A 1 121 SER 121 118 118 SER SER A . n 
A 1 122 ASP 122 119 119 ASP ASP A . n 
A 1 123 ASN 123 120 120 ASN ASN A . n 
A 1 124 LEU 124 121 121 LEU LEU A . n 
A 1 125 ILE 125 122 122 ILE ILE A . n 
A 1 126 GLU 126 123 123 GLU GLU A . n 
A 1 127 ARG 127 124 124 ARG ARG A . n 
A 1 128 ALA 128 125 125 ALA ALA A . n 
A 1 129 ALA 129 126 126 ALA ALA A . n 
A 1 130 ASP 130 127 127 ASP ASP A . n 
A 1 131 VAL 131 128 128 VAL VAL A . n 
A 1 132 VAL 132 129 129 VAL VAL A . n 
A 1 133 ILE 133 130 130 ILE ILE A . n 
A 1 134 LYS 134 131 131 LYS LYS A . n 
A 1 135 GLU 135 132 132 GLU GLU A . n 
A 1 136 ARG 136 133 133 ARG ARG A . n 
A 1 137 GLY 137 134 134 GLY GLY A . n 
A 1 138 GLN 138 135 135 GLN GLN A . n 
A 1 139 LEU 139 136 136 LEU LEU A . n 
A 1 140 ILE 140 137 137 ILE ILE A . n 
A 1 141 LEU 141 138 138 LEU LEU A . n 
A 1 142 MET 142 139 139 MET MET A . n 
A 1 143 VAL 143 140 140 VAL VAL A . n 
A 1 144 ARG 144 141 141 ARG ARG A . n 
A 1 145 GLU 145 142 142 GLU GLU A . n 
A 1 146 THR 146 143 143 THR THR A . n 
A 1 147 PRO 147 144 144 PRO PRO A . n 
A 1 148 PHE 148 145 145 PHE PHE A . n 
A 1 149 SER 149 146 146 SER SER A . n 
A 1 150 THR 150 147 147 THR THR A . n 
A 1 151 LEU 151 148 148 LEU LEU A . n 
A 1 152 HIS 152 149 149 HIS HIS A . n 
A 1 153 LEU 153 150 150 LEU LEU A . n 
A 1 154 GLN 154 151 151 GLN GLN A . n 
A 1 155 ASN 155 152 152 ASN ASN A . n 
A 1 156 MET 156 153 153 MET MET A . n 
A 1 157 LEU 157 154 154 LEU LEU A . n 
A 1 158 SER 158 155 155 SER SER A . n 
A 1 159 LEU 159 156 156 LEU LEU A . n 
A 1 160 SER 160 157 157 SER SER A . n 
A 1 161 GLN 161 158 158 GLN GLN A . n 
A 1 162 GLN 162 159 159 GLN GLN A . n 
A 1 163 GLY 163 160 160 GLY GLY A . n 
A 1 164 VAL 164 161 161 VAL VAL A . n 
A 1 165 THR 165 162 162 THR THR A . n 
A 1 166 ILE 166 163 163 ILE ILE A . n 
A 1 167 MET 167 164 164 MET MET A . n 
A 1 168 PRO 168 165 165 PRO PRO A . n 
A 1 169 ALA 169 166 166 ALA ALA A . n 
A 1 170 SER 170 167 167 SER SER A . n 
A 1 171 PRO 171 168 168 PRO PRO A . n 
A 1 172 GLY 172 169 169 GLY GLY A . n 
A 1 173 PHE 173 170 170 PHE PHE A . n 
A 1 174 TYR 174 171 171 TYR TYR A . n 
A 1 175 HIS 175 172 172 HIS HIS A . n 
A 1 176 LYS 176 173 173 LYS LYS A . n 
A 1 177 VAL 177 174 174 VAL VAL A . n 
A 1 178 GLU 178 175 175 GLU GLU A . n 
A 1 179 THR 179 176 176 THR THR A . n 
A 1 180 ILE 180 177 177 ILE ILE A . n 
A 1 181 GLU 181 178 178 GLU GLU A . n 
A 1 182 ASP 182 179 179 ASP ASP A . n 
A 1 183 LEU 183 180 180 LEU LEU A . n 
A 1 184 ILE 184 181 181 ILE ILE A . n 
A 1 185 ASP 185 182 182 ASP ASP A . n 
A 1 186 PHE 186 183 183 PHE PHE A . n 
A 1 187 MET 187 184 184 MET MET A . n 
A 1 188 VAL 188 185 185 VAL VAL A . n 
A 1 189 GLY 189 186 186 GLY GLY A . n 
A 1 190 ARG 190 187 187 ARG ARG A . n 
A 1 191 VAL 191 188 188 VAL VAL A . n 
A 1 192 LEU 192 189 189 LEU LEU A . n 
A 1 193 ASP 193 190 190 ASP ASP A . n 
A 1 194 HIS 194 191 191 HIS HIS A . n 
A 1 195 LEU 195 192 192 LEU LEU A . n 
A 1 196 GLY 196 193 193 GLY GLY A . n 
A 1 197 ILE 197 194 194 ILE ILE A . n 
A 1 198 GLU 198 195 195 GLU GLU A . n 
A 1 199 GLN 199 196 196 GLN GLN A . n 
A 1 200 ASP 200 197 197 ASP ASP A . n 
A 1 201 ILE 201 198 198 ILE ILE A . n 
A 1 202 MET 202 199 199 MET MET A . n 
A 1 203 PRO 203 200 200 PRO PRO A . n 
A 1 204 ARG 204 201 201 ARG ARG A . n 
A 1 205 TRP 205 202 202 TRP TRP A . n 
A 1 206 GLY 206 203 203 GLY GLY A . n 
A 1 207 TYR 207 204 ?   ?   ?   A . n 
A 1 208 ASN 208 205 ?   ?   ?   A . n 
A 1 209 ILE 209 206 ?   ?   ?   A . n 
# 
loop_
_pdbx_nonpoly_scheme.asym_id 
_pdbx_nonpoly_scheme.entity_id 
_pdbx_nonpoly_scheme.mon_id 
_pdbx_nonpoly_scheme.ndb_seq_num 
_pdbx_nonpoly_scheme.pdb_seq_num 
_pdbx_nonpoly_scheme.auth_seq_num 
_pdbx_nonpoly_scheme.pdb_mon_id 
_pdbx_nonpoly_scheme.auth_mon_id 
_pdbx_nonpoly_scheme.pdb_strand_id 
_pdbx_nonpoly_scheme.pdb_ins_code 
B 2 SO4 1  301 1  SO4 SO4 A . 
C 2 SO4 1  302 2  SO4 SO4 A . 
D 3 HOH 1  401 1  HOH HOH A . 
D 3 HOH 2  402 2  HOH HOH A . 
D 3 HOH 3  403 3  HOH HOH A . 
D 3 HOH 4  404 4  HOH HOH A . 
D 3 HOH 5  405 5  HOH HOH A . 
D 3 HOH 6  406 6  HOH HOH A . 
D 3 HOH 7  407 7  HOH HOH A . 
D 3 HOH 8  408 8  HOH HOH A . 
D 3 HOH 9  409 9  HOH HOH A . 
D 3 HOH 10 410 10 HOH HOH A . 
D 3 HOH 11 411 11 HOH HOH A . 
D 3 HOH 12 412 12 HOH HOH A . 
D 3 HOH 13 413 13 HOH HOH A . 
D 3 HOH 14 414 14 HOH HOH A . 
D 3 HOH 15 415 15 HOH HOH A . 
D 3 HOH 16 416 16 HOH HOH A . 
D 3 HOH 17 417 17 HOH HOH A . 
D 3 HOH 18 418 18 HOH HOH A . 
D 3 HOH 19 419 19 HOH HOH A . 
D 3 HOH 20 420 20 HOH HOH A . 
D 3 HOH 21 421 21 HOH HOH A . 
D 3 HOH 22 422 22 HOH HOH A . 
D 3 HOH 23 423 23 HOH HOH A . 
D 3 HOH 24 424 24 HOH HOH A . 
D 3 HOH 25 425 25 HOH HOH A . 
D 3 HOH 26 426 26 HOH HOH A . 
D 3 HOH 27 427 27 HOH HOH A . 
D 3 HOH 28 428 28 HOH HOH A . 
D 3 HOH 29 429 29 HOH HOH A . 
D 3 HOH 30 430 30 HOH HOH A . 
D 3 HOH 31 431 31 HOH HOH A . 
D 3 HOH 32 432 32 HOH HOH A . 
D 3 HOH 33 433 33 HOH HOH A . 
D 3 HOH 34 434 34 HOH HOH A . 
D 3 HOH 35 435 35 HOH HOH A . 
D 3 HOH 36 436 36 HOH HOH A . 
D 3 HOH 37 437 37 HOH HOH A . 
D 3 HOH 38 438 38 HOH HOH A . 
D 3 HOH 39 439 39 HOH HOH A . 
D 3 HOH 40 440 40 HOH HOH A . 
D 3 HOH 41 441 41 HOH HOH A . 
D 3 HOH 42 442 42 HOH HOH A . 
D 3 HOH 43 443 43 HOH HOH A . 
D 3 HOH 44 444 44 HOH HOH A . 
D 3 HOH 45 445 45 HOH HOH A . 
D 3 HOH 46 446 46 HOH HOH A . 
D 3 HOH 47 447 47 HOH HOH A . 
D 3 HOH 48 448 48 HOH HOH A . 
D 3 HOH 49 449 49 HOH HOH A . 
D 3 HOH 50 450 50 HOH HOH A . 
D 3 HOH 51 451 51 HOH HOH A . 
D 3 HOH 52 452 52 HOH HOH A . 
D 3 HOH 53 453 53 HOH HOH A . 
D 3 HOH 54 454 54 HOH HOH A . 
# 
loop_
_software.name 
_software.classification 
_software.version 
_software.citation_id 
_software.pdbx_ordinal 
HKL-2000 'data collection' .        ? 1 
MERLOT   phasing           .        ? 2 
REFMAC   refinement        5.8.0049 ? 3 
HKL-2000 'data reduction'  .        ? 4 
HKL-2000 'data scaling'    .        ? 5 
# 
_cell.entry_id           4RHF 
_cell.length_a           97.600 
_cell.length_b           97.600 
_cell.length_c           97.600 
_cell.angle_alpha        90.00 
_cell.angle_beta         90.00 
_cell.angle_gamma        90.00 
_cell.Z_PDB              12 
_cell.pdbx_unique_axis   ? 
# 
_symmetry.entry_id                         4RHF 
_symmetry.space_group_name_H-M             'P 2 3' 
_symmetry.pdbx_full_space_group_name_H-M   ? 
_symmetry.cell_setting                     ? 
_symmetry.Int_Tables_number                195 
# 
_exptl.entry_id          4RHF 
_exptl.method            'X-RAY DIFFRACTION' 
_exptl.crystals_number   1 
# 
_exptl_crystal.id                    1 
_exptl_crystal.density_meas          ? 
_exptl_crystal.density_Matthews      3.39 
_exptl_crystal.density_percent_sol   63.77 
_exptl_crystal.description           ? 
# 
_exptl_crystal_grow.crystal_id      1 
_exptl_crystal_grow.method          'VAPOR DIFFUSION, HANGING DROP' 
_exptl_crystal_grow.temp            293 
_exptl_crystal_grow.temp_details    ? 
_exptl_crystal_grow.pH              5.4 
_exptl_crystal_grow.pdbx_pH_range   ? 
_exptl_crystal_grow.pdbx_details    
'0.1 M tri-sodium citrate, pH 5.4, 0.5 M ammonium sulfate, 1.2 M lithium sulfate, VAPOR DIFFUSION, HANGING DROP, temperature 293K' 
# 
_diffrn.id                     1 
_diffrn.ambient_temp           100 
_diffrn.ambient_temp_details   ? 
_diffrn.crystal_id             1 
# 
_diffrn_detector.diffrn_id              1 
_diffrn_detector.detector               CCD 
_diffrn_detector.type                   'ADSC QUANTUM 315r' 
_diffrn_detector.pdbx_collection_date   2013-04-07 
_diffrn_detector.details                ? 
# 
_diffrn_radiation.diffrn_id                        1 
_diffrn_radiation.wavelength_id                    1 
_diffrn_radiation.pdbx_monochromatic_or_laue_m_l   M 
_diffrn_radiation.monochromator                    'double crystal Si(111)' 
_diffrn_radiation.pdbx_diffrn_protocol             'SINGLE WAVELENGTH' 
_diffrn_radiation.pdbx_scattering_type             x-ray 
# 
_diffrn_radiation_wavelength.id           1 
_diffrn_radiation_wavelength.wavelength   0.97952 
_diffrn_radiation_wavelength.wt           1.0 
# 
_diffrn_source.diffrn_id                   1 
_diffrn_source.source                      SYNCHROTRON 
_diffrn_source.type                        'PAL/PLS BEAMLINE 5C (4A)' 
_diffrn_source.pdbx_synchrotron_site       PAL/PLS 
_diffrn_source.pdbx_synchrotron_beamline   '5C (4A)' 
_diffrn_source.pdbx_wavelength             ? 
_diffrn_source.pdbx_wavelength_list        0.97952 
# 
_reflns.pdbx_diffrn_id               1 
_reflns.pdbx_ordinal                 1 
_reflns.entry_id                     4RHF 
_reflns.observed_criterion_sigma_I   -3 
_reflns.observed_criterion_sigma_F   ? 
_reflns.d_resolution_low             97.6 
_reflns.d_resolution_high            1.764 
_reflns.number_obs                   30737 
_reflns.number_all                   30802 
_reflns.percent_possible_obs         99.8 
_reflns.pdbx_Rmerge_I_obs            0.136 
_reflns.pdbx_Rsym_value              ? 
_reflns.pdbx_netI_over_sigmaI        26.8 
_reflns.B_iso_Wilson_estimate        ? 
_reflns.pdbx_redundancy              40.5 
# 
_reflns_shell.pdbx_diffrn_id         1 
_reflns_shell.pdbx_ordinal           1 
_reflns_shell.d_res_high             1.764 
_reflns_shell.d_res_low              1.86 
_reflns_shell.percent_possible_all   100 
_reflns_shell.Rmerge_I_obs           0.320 
_reflns_shell.pdbx_Rsym_value        ? 
_reflns_shell.meanI_over_sigI_obs    13.7 
_reflns_shell.pdbx_redundancy        39.9 
# 
_refine.pdbx_refine_id                           'X-RAY DIFFRACTION' 
_refine.entry_id                                 4RHF 
_refine.pdbx_diffrn_id                           1 
_refine.pdbx_TLS_residual_ADP_flag               ? 
_refine.ls_number_reflns_obs                     29186 
_refine.ls_number_reflns_all                     ? 
_refine.pdbx_ls_sigma_I                          ? 
_refine.pdbx_ls_sigma_F                          . 
_refine.pdbx_data_cutoff_high_absF               ? 
_refine.pdbx_data_cutoff_low_absF                ? 
_refine.pdbx_data_cutoff_high_rms_absF           ? 
_refine.ls_d_res_low                             97.60 
_refine.ls_d_res_high                            1.764 
_refine.ls_percent_reflns_obs                    99.78 
_refine.ls_R_factor_obs                          0.23759 
_refine.ls_R_factor_all                          ? 
_refine.ls_R_factor_R_work                       0.23658 
_refine.ls_R_factor_R_free                       0.25669 
_refine.ls_R_factor_R_free_error                 ? 
_refine.ls_R_factor_R_free_error_details         ? 
_refine.ls_percent_reflns_R_free                 5.0 
_refine.ls_number_reflns_R_free                  1549 
_refine.ls_number_parameters                     ? 
_refine.ls_number_restraints                     ? 
_refine.occupancy_min                            ? 
_refine.occupancy_max                            ? 
_refine.correlation_coeff_Fo_to_Fc               0.904 
_refine.correlation_coeff_Fo_to_Fc_free          0.892 
_refine.B_iso_mean                               24.390 
_refine.aniso_B[1][1]                            0.00 
_refine.aniso_B[2][2]                            0.00 
_refine.aniso_B[3][3]                            0.00 
_refine.aniso_B[1][2]                            0.00 
_refine.aniso_B[1][3]                            0.00 
_refine.aniso_B[2][3]                            0.00 
_refine.solvent_model_details                    MASK 
_refine.solvent_model_param_ksol                 ? 
_refine.solvent_model_param_bsol                 ? 
_refine.pdbx_solvent_vdw_probe_radii             1.20 
_refine.pdbx_solvent_ion_probe_radii             0.80 
_refine.pdbx_solvent_shrinkage_radii             0.80 
_refine.pdbx_ls_cross_valid_method               THROUGHOUT 
_refine.details                                  'HYDROGENS HAVE BEEN ADDED IN THE RIDING POSITIONS' 
_refine.pdbx_starting_model                      ? 
_refine.pdbx_method_to_determine_struct          'MOLECULAR REPLACEMENT' 
_refine.pdbx_isotropic_thermal_model             ? 
_refine.pdbx_stereochemistry_target_values       'MAXIMUM LIKELIHOOD' 
_refine.pdbx_stereochem_target_val_spec_case     ? 
_refine.pdbx_R_Free_selection_details            RANDOM 
_refine.pdbx_overall_ESU_R                       0.112 
_refine.pdbx_overall_ESU_R_Free                  0.107 
_refine.overall_SU_ML                            0.074 
_refine.pdbx_overall_phase_error                 ? 
_refine.overall_SU_B                             2.216 
_refine.overall_SU_R_Cruickshank_DPI             ? 
_refine.pdbx_overall_SU_R_free_Cruickshank_DPI   ? 
_refine.pdbx_overall_SU_R_Blow_DPI               ? 
_refine.pdbx_overall_SU_R_free_Blow_DPI          ? 
# 
_refine_hist.pdbx_refine_id                   'X-RAY DIFFRACTION' 
_refine_hist.cycle_id                         LAST 
_refine_hist.pdbx_number_atoms_protein        1522 
_refine_hist.pdbx_number_atoms_nucleic_acid   0 
_refine_hist.pdbx_number_atoms_ligand         10 
_refine_hist.number_atoms_solvent             54 
_refine_hist.number_atoms_total               1586 
_refine_hist.d_res_high                       1.764 
_refine_hist.d_res_low                        97.60 
# 
loop_
_refine_ls_restr.type 
_refine_ls_restr.dev_ideal 
_refine_ls_restr.dev_ideal_target 
_refine_ls_restr.weight 
_refine_ls_restr.number 
_refine_ls_restr.pdbx_refine_id 
_refine_ls_restr.pdbx_restraint_function 
r_bond_refined_d             0.022  0.019  ? 1558 'X-RAY DIFFRACTION' ? 
r_bond_other_d               0.001  0.020  ? 1500 'X-RAY DIFFRACTION' ? 
r_angle_refined_deg          2.229  1.973  ? 2110 'X-RAY DIFFRACTION' ? 
r_angle_other_deg            0.980  3.000  ? 3462 'X-RAY DIFFRACTION' ? 
r_dihedral_angle_1_deg       6.089  5.000  ? 199  'X-RAY DIFFRACTION' ? 
r_dihedral_angle_2_deg       39.050 24.667 ? 60   'X-RAY DIFFRACTION' ? 
r_dihedral_angle_3_deg       13.879 15.000 ? 273  'X-RAY DIFFRACTION' ? 
r_dihedral_angle_4_deg       18.725 15.000 ? 7    'X-RAY DIFFRACTION' ? 
r_chiral_restr               0.135  0.200  ? 245  'X-RAY DIFFRACTION' ? 
r_gen_planes_refined         0.010  0.021  ? 1740 'X-RAY DIFFRACTION' ? 
r_gen_planes_other           0.001  0.020  ? 331  'X-RAY DIFFRACTION' ? 
r_nbd_refined                ?      ?      ? ?    'X-RAY DIFFRACTION' ? 
r_nbd_other                  ?      ?      ? ?    'X-RAY DIFFRACTION' ? 
r_nbtor_refined              ?      ?      ? ?    'X-RAY DIFFRACTION' ? 
r_nbtor_other                ?      ?      ? ?    'X-RAY DIFFRACTION' ? 
r_xyhbond_nbd_refined        ?      ?      ? ?    'X-RAY DIFFRACTION' ? 
r_xyhbond_nbd_other          ?      ?      ? ?    'X-RAY DIFFRACTION' ? 
r_metal_ion_refined          ?      ?      ? ?    'X-RAY DIFFRACTION' ? 
r_metal_ion_other            ?      ?      ? ?    'X-RAY DIFFRACTION' ? 
r_symmetry_vdw_refined       ?      ?      ? ?    'X-RAY DIFFRACTION' ? 
r_symmetry_vdw_other         ?      ?      ? ?    'X-RAY DIFFRACTION' ? 
r_symmetry_hbond_refined     ?      ?      ? ?    'X-RAY DIFFRACTION' ? 
r_symmetry_hbond_other       ?      ?      ? ?    'X-RAY DIFFRACTION' ? 
r_symmetry_metal_ion_refined ?      ?      ? ?    'X-RAY DIFFRACTION' ? 
r_symmetry_metal_ion_other   ?      ?      ? ?    'X-RAY DIFFRACTION' ? 
r_mcbond_it                  2.276  2.249  ? 799  'X-RAY DIFFRACTION' ? 
r_mcbond_other               2.266  2.247  ? 798  'X-RAY DIFFRACTION' ? 
r_mcangle_it                 3.176  3.364  ? 997  'X-RAY DIFFRACTION' ? 
r_mcangle_other              3.253  3.403  ? 998  'X-RAY DIFFRACTION' ? 
r_scbond_it                  2.970  2.648  ? 759  'X-RAY DIFFRACTION' ? 
r_scbond_other               3.031  2.706  ? 752  'X-RAY DIFFRACTION' ? 
r_scangle_it                 ?      ?      ? ?    'X-RAY DIFFRACTION' ? 
r_scangle_other              4.298  3.915  ? 1102 'X-RAY DIFFRACTION' ? 
r_long_range_B_refined       5.543  19.115 ? 1735 'X-RAY DIFFRACTION' ? 
r_long_range_B_other         5.545  19.047 ? 1715 'X-RAY DIFFRACTION' ? 
r_rigid_bond_restr           ?      ?      ? ?    'X-RAY DIFFRACTION' ? 
r_sphericity_free            ?      ?      ? ?    'X-RAY DIFFRACTION' ? 
r_sphericity_bonded          ?      ?      ? ?    'X-RAY DIFFRACTION' ? 
# 
_refine_ls_shell.pdbx_refine_id                   'X-RAY DIFFRACTION' 
_refine_ls_shell.pdbx_total_number_of_bins_used   20 
_refine_ls_shell.d_res_high                       1.764 
_refine_ls_shell.d_res_low                        1.810 
_refine_ls_shell.number_reflns_R_work             2149 
_refine_ls_shell.R_factor_R_work                  0.243 
_refine_ls_shell.percent_reflns_obs               100.00 
_refine_ls_shell.R_factor_R_free                  0.283 
_refine_ls_shell.R_factor_R_free_error            ? 
_refine_ls_shell.percent_reflns_R_free            ? 
_refine_ls_shell.number_reflns_R_free             112 
_refine_ls_shell.number_reflns_all                ? 
_refine_ls_shell.R_factor_all                     ? 
# 
_struct.entry_id                  4RHF 
_struct.title                     'Crystal structure of UbiX mutant V47S from Colwellia psychrerythraea 34H' 
_struct.pdbx_model_details        ? 
_struct.pdbx_CASP_flag            ? 
_struct.pdbx_model_type_details   ? 
# 
_struct_keywords.entry_id        4RHF 
_struct_keywords.pdbx_keywords   LYASE 
_struct_keywords.text            'Rossmann fold, decarboxylation, LYASE' 
# 
loop_
_struct_asym.id 
_struct_asym.pdbx_blank_PDB_chainid_flag 
_struct_asym.pdbx_modified 
_struct_asym.entity_id 
_struct_asym.details 
A N N 1 ? 
B N N 2 ? 
C N N 2 ? 
D N N 3 ? 
# 
_struct_ref.id                         1 
_struct_ref.db_name                    UNP 
_struct_ref.db_code                    Q489U8_COLP3 
_struct_ref.pdbx_db_accession          Q489U8 
_struct_ref.entity_id                  1 
_struct_ref.pdbx_seq_one_letter_code   
;MNNDFNGKITLAITGASGASYAMRLIECLIAANYQLYILCSSAGRIVLDTEVGVKIPSSPDAASKFLTEKYQAKDQQITV
FGKEQWFSPVASGSSAPKQMVVCPCSTGTMAAICHGMSDNLIERAADVVIKERGQLILMVRETPFSTLHLQNMLSLSQQG
VTIMPASPGFYHKVETIEDLIDFMVGRVLDHLGIEQDIMPRWGYNI
;
_struct_ref.pdbx_align_begin           1 
_struct_ref.pdbx_db_isoform            ? 
# 
_struct_ref_seq.align_id                      1 
_struct_ref_seq.ref_id                        1 
_struct_ref_seq.pdbx_PDB_id_code              4RHF 
_struct_ref_seq.pdbx_strand_id                A 
_struct_ref_seq.seq_align_beg                 4 
_struct_ref_seq.pdbx_seq_align_beg_ins_code   ? 
_struct_ref_seq.seq_align_end                 209 
_struct_ref_seq.pdbx_seq_align_end_ins_code   ? 
_struct_ref_seq.pdbx_db_accession             Q489U8 
_struct_ref_seq.db_align_beg                  1 
_struct_ref_seq.pdbx_db_align_beg_ins_code    ? 
_struct_ref_seq.db_align_end                  206 
_struct_ref_seq.pdbx_db_align_end_ins_code    ? 
_struct_ref_seq.pdbx_auth_seq_align_beg       1 
_struct_ref_seq.pdbx_auth_seq_align_end       206 
# 
loop_
_struct_ref_seq_dif.align_id 
_struct_ref_seq_dif.pdbx_pdb_id_code 
_struct_ref_seq_dif.mon_id 
_struct_ref_seq_dif.pdbx_pdb_strand_id 
_struct_ref_seq_dif.seq_num 
_struct_ref_seq_dif.pdbx_pdb_ins_code 
_struct_ref_seq_dif.pdbx_seq_db_name 
_struct_ref_seq_dif.pdbx_seq_db_accession_code 
_struct_ref_seq_dif.db_mon_id 
_struct_ref_seq_dif.pdbx_seq_db_seq_num 
_struct_ref_seq_dif.details 
_struct_ref_seq_dif.pdbx_auth_seq_num 
_struct_ref_seq_dif.pdbx_ordinal 
1 4RHF GLY A 1  ? UNP Q489U8 ?   ?  'expression tag'      -2 1 
1 4RHF SER A 2  ? UNP Q489U8 ?   ?  'expression tag'      -1 2 
1 4RHF HIS A 3  ? UNP Q489U8 ?   ?  'expression tag'      0  3 
1 4RHF SER A 50 ? UNP Q489U8 VAL 47 'engineered mutation' 47 4 
# 
_pdbx_struct_assembly.id                   1 
_pdbx_struct_assembly.details              author_and_software_defined_assembly 
_pdbx_struct_assembly.method_details       PISA 
_pdbx_struct_assembly.oligomeric_details   dodecameric 
_pdbx_struct_assembly.oligomeric_count     12 
# 
loop_
_pdbx_struct_assembly_prop.biol_id 
_pdbx_struct_assembly_prop.type 
_pdbx_struct_assembly_prop.value 
_pdbx_struct_assembly_prop.details 
1 'ABSA (A^2)' 42190 ? 
1 MORE         -522  ? 
1 'SSA (A^2)'  78080 ? 
# 
_pdbx_struct_assembly_gen.assembly_id       1 
_pdbx_struct_assembly_gen.oper_expression   1,2,3,4,5,6,7,8,9,10,11,12 
_pdbx_struct_assembly_gen.asym_id_list      A,B,C,D 
# 
loop_
_pdbx_struct_oper_list.id 
_pdbx_struct_oper_list.type 
_pdbx_struct_oper_list.name 
_pdbx_struct_oper_list.symmetry_operation 
_pdbx_struct_oper_list.matrix[1][1] 
_pdbx_struct_oper_list.matrix[1][2] 
_pdbx_struct_oper_list.matrix[1][3] 
_pdbx_struct_oper_list.vector[1] 
_pdbx_struct_oper_list.matrix[2][1] 
_pdbx_struct_oper_list.matrix[2][2] 
_pdbx_struct_oper_list.matrix[2][3] 
_pdbx_struct_oper_list.vector[2] 
_pdbx_struct_oper_list.matrix[3][1] 
_pdbx_struct_oper_list.matrix[3][2] 
_pdbx_struct_oper_list.matrix[3][3] 
_pdbx_struct_oper_list.vector[3] 
1  'identity operation'         1_555  x,y,z       1.0000000000  0.0000000000  0.0000000000  0.0000000000   0.0000000000  1.0000000000  0.0000000000  0.0000000000   0.0000000000  0.0000000000  1.0000000000  0.0000000000  
2  'crystal symmetry operation' 2_445  -x-1,-y-1,z -0.9248334937 0.3129573789  -0.2161959480 -10.9244297392 0.3129573789  0.3030048332  -0.9001365174 39.4449667888  -0.2161959480 -0.9001365174 -0.3781713395 53.3009166345 
3  'crystal symmetry operation' 3_454  -x-1,y,-z-1 -0.7995541400 0.3080320341  0.5155865040  -29.6556654003 0.3080320341  -0.5266365988 0.7923194802  10.6328710902  0.5155865040  0.7923194802  0.3261907388  5.1768043251  
4  'crystal symmetry operation' 4_544  x,-y-1,-z-1 0.7243876337  -0.6209894130 -0.2993905560 18.7105542489  -0.6209894130 -0.7763682344 0.1078170372  28.7259881902  -0.2993905560 0.1078170372  -0.9480193993 48.1835967492 
5  'crystal symmetry operation' 5_555  z,x,y       -0.1753207165 0.7610268242  -0.6245805146 -4.7642423134  -0.7720918554 -0.4999057263 -0.3923881137 35.7914122068  -0.6108492558 0.4134397631  0.6752264428  -2.8247130971 
6  'crystal symmetry operation' 6_544  z,-x-1,-y-1 0.5353432074  0.7379346233  -0.4109259568 -6.1209995990  0.6424399425  -0.0399028244 0.7652964687  3.5926645282   0.5483416550  -0.6736915142 -0.4954403830 56.1467727394 
7  'crystal symmetry operation' 7_445  -z-1,-x-1,y 0.0525737614  -0.9496562839 0.3088510029  5.2935792017   0.2610322460  -0.2854571196 -0.9221585544 51.3415602990  0.9638973836  0.1291014148  0.2328833582  23.1819949156 
8  'crystal symmetry operation' 8_454  -z-1,x,-y-1 -0.4125962523 -0.5493051636 0.7266554685  -16.2778781799 -0.1313803331 0.8252656703  0.5492501994  -11.9218109647 -0.9013897829 0.1311503363  -0.4126694180 30.1572631509 
9  'crystal symmetry operation' 9_555  y,z,x       -0.1753207165 -0.7720918554 -0.6108492558 25.0735135874  0.7610268242  -0.4999057263 0.4134397631  22.6858968244  -0.6245805146 -0.3923881137 0.6752264428  12.9757927817 
10 'crystal symmetry operation' 10_454 -y-1,z,-x-1 0.0525737614  0.2610322460  0.9638973836  -36.0251704127 -0.9496562839 -0.2854571196 0.1291014148  16.6900663303  0.3088510029  -0.9221585544 0.2328833582  40.3114309544 
11 'crystal symmetry operation' 11_544 y,-z-1,-x-1 -0.4125962523 -0.1313803331 -0.9013897829 18.9009658572  -0.5493051636 0.8252656703  0.1311503363  -3.0579964252  0.7266554685  0.5492501994  -0.4126694180 30.8214464780 
12 'crystal symmetry operation' 12_445 -y-1,-z-1,x 0.5353432074  0.6424399425  0.5483416550  -29.8188499225 0.7379346233  -0.0399028244 -0.6736915142 42.4858593397  -0.4109259568 0.7652964687  -0.4954403830 22.5526474948   
# 
_struct_biol.id        1 
_struct_biol.details   ? 
# 
loop_
_struct_conf.conf_type_id 
_struct_conf.id 
_struct_conf.pdbx_PDB_helix_id 
_struct_conf.beg_label_comp_id 
_struct_conf.beg_label_asym_id 
_struct_conf.beg_label_seq_id 
_struct_conf.pdbx_beg_PDB_ins_code 
_struct_conf.end_label_comp_id 
_struct_conf.end_label_asym_id 
_struct_conf.end_label_seq_id 
_struct_conf.pdbx_end_PDB_ins_code 
_struct_conf.beg_auth_comp_id 
_struct_conf.beg_auth_asym_id 
_struct_conf.beg_auth_seq_id 
_struct_conf.end_auth_comp_id 
_struct_conf.end_auth_asym_id 
_struct_conf.end_auth_seq_id 
_struct_conf.pdbx_PDB_helix_class 
_struct_conf.details 
_struct_conf.pdbx_PDB_helix_length 
HELX_P HELX_P1 1 GLY A 21  ? ALA A 35  ? GLY A 18  ALA A 32  1 ? 15 
HELX_P HELX_P2 2 SER A 44  ? GLY A 56  ? SER A 41  GLY A 53  1 ? 13 
HELX_P HELX_P3 3 SER A 62  ? GLN A 75  ? SER A 59  GLN A 72  1 ? 14 
HELX_P HELX_P4 4 SER A 91  ? SER A 95  ? SER A 88  SER A 92  5 ? 5  
HELX_P HELX_P5 5 SER A 109 ? GLY A 119 ? SER A 106 GLY A 116 1 ? 11 
HELX_P HELX_P6 6 ASN A 123 ? GLU A 135 ? ASN A 120 GLU A 132 1 ? 13 
HELX_P HELX_P7 7 SER A 149 ? GLN A 162 ? SER A 146 GLN A 159 1 ? 14 
HELX_P HELX_P8 8 THR A 179 ? LEU A 195 ? THR A 176 LEU A 192 1 ? 17 
HELX_P HELX_P9 9 GLU A 198 ? MET A 202 ? GLU A 195 MET A 199 5 ? 5  
# 
_struct_conf_type.id          HELX_P 
_struct_conf_type.criteria    ? 
_struct_conf_type.reference   ? 
# 
loop_
_struct_mon_prot_cis.pdbx_id 
_struct_mon_prot_cis.label_comp_id 
_struct_mon_prot_cis.label_seq_id 
_struct_mon_prot_cis.label_asym_id 
_struct_mon_prot_cis.label_alt_id 
_struct_mon_prot_cis.pdbx_PDB_ins_code 
_struct_mon_prot_cis.auth_comp_id 
_struct_mon_prot_cis.auth_seq_id 
_struct_mon_prot_cis.auth_asym_id 
_struct_mon_prot_cis.pdbx_label_comp_id_2 
_struct_mon_prot_cis.pdbx_label_seq_id_2 
_struct_mon_prot_cis.pdbx_label_asym_id_2 
_struct_mon_prot_cis.pdbx_PDB_ins_code_2 
_struct_mon_prot_cis.pdbx_auth_comp_id_2 
_struct_mon_prot_cis.pdbx_auth_seq_id_2 
_struct_mon_prot_cis.pdbx_auth_asym_id_2 
_struct_mon_prot_cis.pdbx_PDB_model_num 
_struct_mon_prot_cis.pdbx_omega_angle 
1 CYS 106 A . ? CYS 103 A PRO 107 A ? PRO 104 A 1 -10.43 
2 THR 146 A . ? THR 143 A PRO 147 A ? PRO 144 A 1 -17.16 
# 
_struct_sheet.id               A 
_struct_sheet.type             ? 
_struct_sheet.number_strands   6 
_struct_sheet.details          ? 
# 
loop_
_struct_sheet_order.sheet_id 
_struct_sheet_order.range_id_1 
_struct_sheet_order.range_id_2 
_struct_sheet_order.offset 
_struct_sheet_order.sense 
A 1 2 ? parallel 
A 2 3 ? parallel 
A 3 4 ? parallel 
A 4 5 ? parallel 
A 5 6 ? parallel 
# 
loop_
_struct_sheet_range.sheet_id 
_struct_sheet_range.id 
_struct_sheet_range.beg_label_comp_id 
_struct_sheet_range.beg_label_asym_id 
_struct_sheet_range.beg_label_seq_id 
_struct_sheet_range.pdbx_beg_PDB_ins_code 
_struct_sheet_range.end_label_comp_id 
_struct_sheet_range.end_label_asym_id 
_struct_sheet_range.end_label_seq_id 
_struct_sheet_range.pdbx_end_PDB_ins_code 
_struct_sheet_range.beg_auth_comp_id 
_struct_sheet_range.beg_auth_asym_id 
_struct_sheet_range.beg_auth_seq_id 
_struct_sheet_range.end_auth_comp_id 
_struct_sheet_range.end_auth_asym_id 
_struct_sheet_range.end_auth_seq_id 
A 1 ILE A 81  ? VAL A 83  ? ILE A 78  VAL A 80  
A 2 GLN A 38  ? CYS A 43  ? GLN A 35  CYS A 40  
A 3 LYS A 11  ? ILE A 16  ? LYS A 8   ILE A 13  
A 4 GLN A 102 ? CYS A 108 ? GLN A 99  CYS A 105 
A 5 GLN A 138 ? VAL A 143 ? GLN A 135 VAL A 140 
A 6 THR A 165 ? ILE A 166 ? THR A 162 ILE A 163 
# 
loop_
_pdbx_struct_sheet_hbond.sheet_id 
_pdbx_struct_sheet_hbond.range_id_1 
_pdbx_struct_sheet_hbond.range_id_2 
_pdbx_struct_sheet_hbond.range_1_label_atom_id 
_pdbx_struct_sheet_hbond.range_1_label_comp_id 
_pdbx_struct_sheet_hbond.range_1_label_asym_id 
_pdbx_struct_sheet_hbond.range_1_label_seq_id 
_pdbx_struct_sheet_hbond.range_1_PDB_ins_code 
_pdbx_struct_sheet_hbond.range_1_auth_atom_id 
_pdbx_struct_sheet_hbond.range_1_auth_comp_id 
_pdbx_struct_sheet_hbond.range_1_auth_asym_id 
_pdbx_struct_sheet_hbond.range_1_auth_seq_id 
_pdbx_struct_sheet_hbond.range_2_label_atom_id 
_pdbx_struct_sheet_hbond.range_2_label_comp_id 
_pdbx_struct_sheet_hbond.range_2_label_asym_id 
_pdbx_struct_sheet_hbond.range_2_label_seq_id 
_pdbx_struct_sheet_hbond.range_2_PDB_ins_code 
_pdbx_struct_sheet_hbond.range_2_auth_atom_id 
_pdbx_struct_sheet_hbond.range_2_auth_comp_id 
_pdbx_struct_sheet_hbond.range_2_auth_asym_id 
_pdbx_struct_sheet_hbond.range_2_auth_seq_id 
A 1 2 O THR A 82  ? O THR A 79  N ILE A 41  ? N ILE A 38  
A 2 3 O LEU A 42  ? O LEU A 39  N ILE A 16  ? N ILE A 13  
A 3 4 N ALA A 15  ? N ALA A 12  O VAL A 104 ? O VAL A 101 
A 4 5 N VAL A 105 ? N VAL A 102 O ILE A 140 ? O ILE A 137 
A 5 6 N LEU A 139 ? N LEU A 136 O THR A 165 ? O THR A 162 
# 
loop_
_struct_site.id 
_struct_site.pdbx_evidence_code 
_struct_site.pdbx_auth_asym_id 
_struct_site.pdbx_auth_comp_id 
_struct_site.pdbx_auth_seq_id 
_struct_site.pdbx_auth_ins_code 
_struct_site.pdbx_num_residues 
_struct_site.details 
AC1 Software A SO4 301 ? 8 'BINDING SITE FOR RESIDUE SO4 A 301' 
AC2 Software A SO4 302 ? 8 'BINDING SITE FOR RESIDUE SO4 A 302' 
# 
loop_
_struct_site_gen.id 
_struct_site_gen.site_id 
_struct_site_gen.pdbx_num_res 
_struct_site_gen.label_comp_id 
_struct_site_gen.label_asym_id 
_struct_site_gen.label_seq_id 
_struct_site_gen.pdbx_auth_ins_code 
_struct_site_gen.auth_comp_id 
_struct_site_gen.auth_asym_id 
_struct_site_gen.auth_seq_id 
_struct_site_gen.label_atom_id 
_struct_site_gen.label_alt_id 
_struct_site_gen.symmetry 
_struct_site_gen.details 
1  AC1 8 GLY A 96  ? GLY A 93  . ? 8_454 ? 
2  AC1 8 SER A 97  ? SER A 94  . ? 8_454 ? 
3  AC1 8 ARG A 127 ? ARG A 124 . ? 8_454 ? 
4  AC1 8 LYS A 134 ? LYS A 131 . ? 8_454 ? 
5  AC1 8 THR A 146 ? THR A 143 . ? 1_555 ? 
6  AC1 8 TYR A 174 ? TYR A 171 . ? 3_454 ? 
7  AC1 8 ARG A 190 ? ARG A 187 . ? 3_454 ? 
8  AC1 8 HOH D .   ? HOH A 424 . ? 1_555 ? 
9  AC2 8 THR A 17  ? THR A 14  . ? 1_555 ? 
10 AC2 8 GLY A 18  ? GLY A 15  . ? 1_555 ? 
11 AC2 8 SER A 44  ? SER A 41  . ? 1_555 ? 
12 AC2 8 ALA A 46  ? ALA A 43  . ? 1_555 ? 
13 AC2 8 SER A 109 ? SER A 106 . ? 1_555 ? 
14 AC2 8 THR A 112 ? THR A 109 . ? 1_555 ? 
15 AC2 8 HOH D .   ? HOH A 438 . ? 1_555 ? 
16 AC2 8 HOH D .   ? HOH A 448 . ? 1_555 ? 
# 
_pdbx_validate_rmsd_bond.id                        1 
_pdbx_validate_rmsd_bond.PDB_model_num             1 
_pdbx_validate_rmsd_bond.auth_atom_id_1            CB 
_pdbx_validate_rmsd_bond.auth_asym_id_1            A 
_pdbx_validate_rmsd_bond.auth_comp_id_1            SER 
_pdbx_validate_rmsd_bond.auth_seq_id_1             167 
_pdbx_validate_rmsd_bond.PDB_ins_code_1            ? 
_pdbx_validate_rmsd_bond.label_alt_id_1            ? 
_pdbx_validate_rmsd_bond.auth_atom_id_2            OG 
_pdbx_validate_rmsd_bond.auth_asym_id_2            A 
_pdbx_validate_rmsd_bond.auth_comp_id_2            SER 
_pdbx_validate_rmsd_bond.auth_seq_id_2             167 
_pdbx_validate_rmsd_bond.PDB_ins_code_2            ? 
_pdbx_validate_rmsd_bond.label_alt_id_2            ? 
_pdbx_validate_rmsd_bond.bond_value                1.333 
_pdbx_validate_rmsd_bond.bond_target_value         1.418 
_pdbx_validate_rmsd_bond.bond_deviation            -0.085 
_pdbx_validate_rmsd_bond.bond_standard_deviation   0.013 
_pdbx_validate_rmsd_bond.linker_flag               N 
# 
loop_
_pdbx_validate_rmsd_angle.id 
_pdbx_validate_rmsd_angle.PDB_model_num 
_pdbx_validate_rmsd_angle.auth_atom_id_1 
_pdbx_validate_rmsd_angle.auth_asym_id_1 
_pdbx_validate_rmsd_angle.auth_comp_id_1 
_pdbx_validate_rmsd_angle.auth_seq_id_1 
_pdbx_validate_rmsd_angle.PDB_ins_code_1 
_pdbx_validate_rmsd_angle.label_alt_id_1 
_pdbx_validate_rmsd_angle.auth_atom_id_2 
_pdbx_validate_rmsd_angle.auth_asym_id_2 
_pdbx_validate_rmsd_angle.auth_comp_id_2 
_pdbx_validate_rmsd_angle.auth_seq_id_2 
_pdbx_validate_rmsd_angle.PDB_ins_code_2 
_pdbx_validate_rmsd_angle.label_alt_id_2 
_pdbx_validate_rmsd_angle.auth_atom_id_3 
_pdbx_validate_rmsd_angle.auth_asym_id_3 
_pdbx_validate_rmsd_angle.auth_comp_id_3 
_pdbx_validate_rmsd_angle.auth_seq_id_3 
_pdbx_validate_rmsd_angle.PDB_ins_code_3 
_pdbx_validate_rmsd_angle.label_alt_id_3 
_pdbx_validate_rmsd_angle.angle_value 
_pdbx_validate_rmsd_angle.angle_target_value 
_pdbx_validate_rmsd_angle.angle_deviation 
_pdbx_validate_rmsd_angle.angle_standard_deviation 
_pdbx_validate_rmsd_angle.linker_flag 
1 1 NE A ARG 124 ? ? CZ A ARG 124 ? ? NH1 A ARG 124 ? ? 123.33 120.30 3.03 0.50 N 
2 1 NE A ARG 141 ? ? CZ A ARG 141 ? ? NH2 A ARG 141 ? ? 123.86 120.30 3.56 0.50 N 
# 
_pdbx_validate_torsion.id              1 
_pdbx_validate_torsion.PDB_model_num   1 
_pdbx_validate_torsion.auth_comp_id    GLN 
_pdbx_validate_torsion.auth_asym_id    A 
_pdbx_validate_torsion.auth_seq_id     76 
_pdbx_validate_torsion.PDB_ins_code    ? 
_pdbx_validate_torsion.label_alt_id    ? 
_pdbx_validate_torsion.phi             59.96 
_pdbx_validate_torsion.psi             7.09 
# 
loop_
_pdbx_unobs_or_zero_occ_residues.id 
_pdbx_unobs_or_zero_occ_residues.PDB_model_num 
_pdbx_unobs_or_zero_occ_residues.polymer_flag 
_pdbx_unobs_or_zero_occ_residues.occupancy_flag 
_pdbx_unobs_or_zero_occ_residues.auth_asym_id 
_pdbx_unobs_or_zero_occ_residues.auth_comp_id 
_pdbx_unobs_or_zero_occ_residues.auth_seq_id 
_pdbx_unobs_or_zero_occ_residues.PDB_ins_code 
_pdbx_unobs_or_zero_occ_residues.label_asym_id 
_pdbx_unobs_or_zero_occ_residues.label_comp_id 
_pdbx_unobs_or_zero_occ_residues.label_seq_id 
1 1 Y 1 A GLY -2  ? A GLY 1   
2 1 Y 1 A SER -1  ? A SER 2   
3 1 Y 1 A HIS 0   ? A HIS 3   
4 1 Y 1 A MET 1   ? A MET 4   
5 1 Y 1 A ASN 2   ? A ASN 5   
6 1 Y 1 A ASN 3   ? A ASN 6   
7 1 Y 1 A TYR 204 ? A TYR 207 
8 1 Y 1 A ASN 205 ? A ASN 208 
9 1 Y 1 A ILE 206 ? A ILE 209 
# 
loop_
_chem_comp_atom.comp_id 
_chem_comp_atom.atom_id 
_chem_comp_atom.type_symbol 
_chem_comp_atom.pdbx_aromatic_flag 
_chem_comp_atom.pdbx_stereo_config 
_chem_comp_atom.pdbx_ordinal 
ALA N    N N N 1   
ALA CA   C N S 2   
ALA C    C N N 3   
ALA O    O N N 4   
ALA CB   C N N 5   
ALA OXT  O N N 6   
ALA H    H N N 7   
ALA H2   H N N 8   
ALA HA   H N N 9   
ALA HB1  H N N 10  
ALA HB2  H N N 11  
ALA HB3  H N N 12  
ALA HXT  H N N 13  
ARG N    N N N 14  
ARG CA   C N S 15  
ARG C    C N N 16  
ARG O    O N N 17  
ARG CB   C N N 18  
ARG CG   C N N 19  
ARG CD   C N N 20  
ARG NE   N N N 21  
ARG CZ   C N N 22  
ARG NH1  N N N 23  
ARG NH2  N N N 24  
ARG OXT  O N N 25  
ARG H    H N N 26  
ARG H2   H N N 27  
ARG HA   H N N 28  
ARG HB2  H N N 29  
ARG HB3  H N N 30  
ARG HG2  H N N 31  
ARG HG3  H N N 32  
ARG HD2  H N N 33  
ARG HD3  H N N 34  
ARG HE   H N N 35  
ARG HH11 H N N 36  
ARG HH12 H N N 37  
ARG HH21 H N N 38  
ARG HH22 H N N 39  
ARG HXT  H N N 40  
ASN N    N N N 41  
ASN CA   C N S 42  
ASN C    C N N 43  
ASN O    O N N 44  
ASN CB   C N N 45  
ASN CG   C N N 46  
ASN OD1  O N N 47  
ASN ND2  N N N 48  
ASN OXT  O N N 49  
ASN H    H N N 50  
ASN H2   H N N 51  
ASN HA   H N N 52  
ASN HB2  H N N 53  
ASN HB3  H N N 54  
ASN HD21 H N N 55  
ASN HD22 H N N 56  
ASN HXT  H N N 57  
ASP N    N N N 58  
ASP CA   C N S 59  
ASP C    C N N 60  
ASP O    O N N 61  
ASP CB   C N N 62  
ASP CG   C N N 63  
ASP OD1  O N N 64  
ASP OD2  O N N 65  
ASP OXT  O N N 66  
ASP H    H N N 67  
ASP H2   H N N 68  
ASP HA   H N N 69  
ASP HB2  H N N 70  
ASP HB3  H N N 71  
ASP HD2  H N N 72  
ASP HXT  H N N 73  
CYS N    N N N 74  
CYS CA   C N R 75  
CYS C    C N N 76  
CYS O    O N N 77  
CYS CB   C N N 78  
CYS SG   S N N 79  
CYS OXT  O N N 80  
CYS H    H N N 81  
CYS H2   H N N 82  
CYS HA   H N N 83  
CYS HB2  H N N 84  
CYS HB3  H N N 85  
CYS HG   H N N 86  
CYS HXT  H N N 87  
GLN N    N N N 88  
GLN CA   C N S 89  
GLN C    C N N 90  
GLN O    O N N 91  
GLN CB   C N N 92  
GLN CG   C N N 93  
GLN CD   C N N 94  
GLN OE1  O N N 95  
GLN NE2  N N N 96  
GLN OXT  O N N 97  
GLN H    H N N 98  
GLN H2   H N N 99  
GLN HA   H N N 100 
GLN HB2  H N N 101 
GLN HB3  H N N 102 
GLN HG2  H N N 103 
GLN HG3  H N N 104 
GLN HE21 H N N 105 
GLN HE22 H N N 106 
GLN HXT  H N N 107 
GLU N    N N N 108 
GLU CA   C N S 109 
GLU C    C N N 110 
GLU O    O N N 111 
GLU CB   C N N 112 
GLU CG   C N N 113 
GLU CD   C N N 114 
GLU OE1  O N N 115 
GLU OE2  O N N 116 
GLU OXT  O N N 117 
GLU H    H N N 118 
GLU H2   H N N 119 
GLU HA   H N N 120 
GLU HB2  H N N 121 
GLU HB3  H N N 122 
GLU HG2  H N N 123 
GLU HG3  H N N 124 
GLU HE2  H N N 125 
GLU HXT  H N N 126 
GLY N    N N N 127 
GLY CA   C N N 128 
GLY C    C N N 129 
GLY O    O N N 130 
GLY OXT  O N N 131 
GLY H    H N N 132 
GLY H2   H N N 133 
GLY HA2  H N N 134 
GLY HA3  H N N 135 
GLY HXT  H N N 136 
HIS N    N N N 137 
HIS CA   C N S 138 
HIS C    C N N 139 
HIS O    O N N 140 
HIS CB   C N N 141 
HIS CG   C Y N 142 
HIS ND1  N Y N 143 
HIS CD2  C Y N 144 
HIS CE1  C Y N 145 
HIS NE2  N Y N 146 
HIS OXT  O N N 147 
HIS H    H N N 148 
HIS H2   H N N 149 
HIS HA   H N N 150 
HIS HB2  H N N 151 
HIS HB3  H N N 152 
HIS HD1  H N N 153 
HIS HD2  H N N 154 
HIS HE1  H N N 155 
HIS HE2  H N N 156 
HIS HXT  H N N 157 
HOH O    O N N 158 
HOH H1   H N N 159 
HOH H2   H N N 160 
ILE N    N N N 161 
ILE CA   C N S 162 
ILE C    C N N 163 
ILE O    O N N 164 
ILE CB   C N S 165 
ILE CG1  C N N 166 
ILE CG2  C N N 167 
ILE CD1  C N N 168 
ILE OXT  O N N 169 
ILE H    H N N 170 
ILE H2   H N N 171 
ILE HA   H N N 172 
ILE HB   H N N 173 
ILE HG12 H N N 174 
ILE HG13 H N N 175 
ILE HG21 H N N 176 
ILE HG22 H N N 177 
ILE HG23 H N N 178 
ILE HD11 H N N 179 
ILE HD12 H N N 180 
ILE HD13 H N N 181 
ILE HXT  H N N 182 
LEU N    N N N 183 
LEU CA   C N S 184 
LEU C    C N N 185 
LEU O    O N N 186 
LEU CB   C N N 187 
LEU CG   C N N 188 
LEU CD1  C N N 189 
LEU CD2  C N N 190 
LEU OXT  O N N 191 
LEU H    H N N 192 
LEU H2   H N N 193 
LEU HA   H N N 194 
LEU HB2  H N N 195 
LEU HB3  H N N 196 
LEU HG   H N N 197 
LEU HD11 H N N 198 
LEU HD12 H N N 199 
LEU HD13 H N N 200 
LEU HD21 H N N 201 
LEU HD22 H N N 202 
LEU HD23 H N N 203 
LEU HXT  H N N 204 
LYS N    N N N 205 
LYS CA   C N S 206 
LYS C    C N N 207 
LYS O    O N N 208 
LYS CB   C N N 209 
LYS CG   C N N 210 
LYS CD   C N N 211 
LYS CE   C N N 212 
LYS NZ   N N N 213 
LYS OXT  O N N 214 
LYS H    H N N 215 
LYS H2   H N N 216 
LYS HA   H N N 217 
LYS HB2  H N N 218 
LYS HB3  H N N 219 
LYS HG2  H N N 220 
LYS HG3  H N N 221 
LYS HD2  H N N 222 
LYS HD3  H N N 223 
LYS HE2  H N N 224 
LYS HE3  H N N 225 
LYS HZ1  H N N 226 
LYS HZ2  H N N 227 
LYS HZ3  H N N 228 
LYS HXT  H N N 229 
MET N    N N N 230 
MET CA   C N S 231 
MET C    C N N 232 
MET O    O N N 233 
MET CB   C N N 234 
MET CG   C N N 235 
MET SD   S N N 236 
MET CE   C N N 237 
MET OXT  O N N 238 
MET H    H N N 239 
MET H2   H N N 240 
MET HA   H N N 241 
MET HB2  H N N 242 
MET HB3  H N N 243 
MET HG2  H N N 244 
MET HG3  H N N 245 
MET HE1  H N N 246 
MET HE2  H N N 247 
MET HE3  H N N 248 
MET HXT  H N N 249 
PHE N    N N N 250 
PHE CA   C N S 251 
PHE C    C N N 252 
PHE O    O N N 253 
PHE CB   C N N 254 
PHE CG   C Y N 255 
PHE CD1  C Y N 256 
PHE CD2  C Y N 257 
PHE CE1  C Y N 258 
PHE CE2  C Y N 259 
PHE CZ   C Y N 260 
PHE OXT  O N N 261 
PHE H    H N N 262 
PHE H2   H N N 263 
PHE HA   H N N 264 
PHE HB2  H N N 265 
PHE HB3  H N N 266 
PHE HD1  H N N 267 
PHE HD2  H N N 268 
PHE HE1  H N N 269 
PHE HE2  H N N 270 
PHE HZ   H N N 271 
PHE HXT  H N N 272 
PRO N    N N N 273 
PRO CA   C N S 274 
PRO C    C N N 275 
PRO O    O N N 276 
PRO CB   C N N 277 
PRO CG   C N N 278 
PRO CD   C N N 279 
PRO OXT  O N N 280 
PRO H    H N N 281 
PRO HA   H N N 282 
PRO HB2  H N N 283 
PRO HB3  H N N 284 
PRO HG2  H N N 285 
PRO HG3  H N N 286 
PRO HD2  H N N 287 
PRO HD3  H N N 288 
PRO HXT  H N N 289 
SER N    N N N 290 
SER CA   C N S 291 
SER C    C N N 292 
SER O    O N N 293 
SER CB   C N N 294 
SER OG   O N N 295 
SER OXT  O N N 296 
SER H    H N N 297 
SER H2   H N N 298 
SER HA   H N N 299 
SER HB2  H N N 300 
SER HB3  H N N 301 
SER HG   H N N 302 
SER HXT  H N N 303 
SO4 S    S N N 304 
SO4 O1   O N N 305 
SO4 O2   O N N 306 
SO4 O3   O N N 307 
SO4 O4   O N N 308 
THR N    N N N 309 
THR CA   C N S 310 
THR C    C N N 311 
THR O    O N N 312 
THR CB   C N R 313 
THR OG1  O N N 314 
THR CG2  C N N 315 
THR OXT  O N N 316 
THR H    H N N 317 
THR H2   H N N 318 
THR HA   H N N 319 
THR HB   H N N 320 
THR HG1  H N N 321 
THR HG21 H N N 322 
THR HG22 H N N 323 
THR HG23 H N N 324 
THR HXT  H N N 325 
TRP N    N N N 326 
TRP CA   C N S 327 
TRP C    C N N 328 
TRP O    O N N 329 
TRP CB   C N N 330 
TRP CG   C Y N 331 
TRP CD1  C Y N 332 
TRP CD2  C Y N 333 
TRP NE1  N Y N 334 
TRP CE2  C Y N 335 
TRP CE3  C Y N 336 
TRP CZ2  C Y N 337 
TRP CZ3  C Y N 338 
TRP CH2  C Y N 339 
TRP OXT  O N N 340 
TRP H    H N N 341 
TRP H2   H N N 342 
TRP HA   H N N 343 
TRP HB2  H N N 344 
TRP HB3  H N N 345 
TRP HD1  H N N 346 
TRP HE1  H N N 347 
TRP HE3  H N N 348 
TRP HZ2  H N N 349 
TRP HZ3  H N N 350 
TRP HH2  H N N 351 
TRP HXT  H N N 352 
TYR N    N N N 353 
TYR CA   C N S 354 
TYR C    C N N 355 
TYR O    O N N 356 
TYR CB   C N N 357 
TYR CG   C Y N 358 
TYR CD1  C Y N 359 
TYR CD2  C Y N 360 
TYR CE1  C Y N 361 
TYR CE2  C Y N 362 
TYR CZ   C Y N 363 
TYR OH   O N N 364 
TYR OXT  O N N 365 
TYR H    H N N 366 
TYR H2   H N N 367 
TYR HA   H N N 368 
TYR HB2  H N N 369 
TYR HB3  H N N 370 
TYR HD1  H N N 371 
TYR HD2  H N N 372 
TYR HE1  H N N 373 
TYR HE2  H N N 374 
TYR HH   H N N 375 
TYR HXT  H N N 376 
VAL N    N N N 377 
VAL CA   C N S 378 
VAL C    C N N 379 
VAL O    O N N 380 
VAL CB   C N N 381 
VAL CG1  C N N 382 
VAL CG2  C N N 383 
VAL OXT  O N N 384 
VAL H    H N N 385 
VAL H2   H N N 386 
VAL HA   H N N 387 
VAL HB   H N N 388 
VAL HG11 H N N 389 
VAL HG12 H N N 390 
VAL HG13 H N N 391 
VAL HG21 H N N 392 
VAL HG22 H N N 393 
VAL HG23 H N N 394 
VAL HXT  H N N 395 
# 
loop_
_chem_comp_bond.comp_id 
_chem_comp_bond.atom_id_1 
_chem_comp_bond.atom_id_2 
_chem_comp_bond.value_order 
_chem_comp_bond.pdbx_aromatic_flag 
_chem_comp_bond.pdbx_stereo_config 
_chem_comp_bond.pdbx_ordinal 
ALA N   CA   sing N N 1   
ALA N   H    sing N N 2   
ALA N   H2   sing N N 3   
ALA CA  C    sing N N 4   
ALA CA  CB   sing N N 5   
ALA CA  HA   sing N N 6   
ALA C   O    doub N N 7   
ALA C   OXT  sing N N 8   
ALA CB  HB1  sing N N 9   
ALA CB  HB2  sing N N 10  
ALA CB  HB3  sing N N 11  
ALA OXT HXT  sing N N 12  
ARG N   CA   sing N N 13  
ARG N   H    sing N N 14  
ARG N   H2   sing N N 15  
ARG CA  C    sing N N 16  
ARG CA  CB   sing N N 17  
ARG CA  HA   sing N N 18  
ARG C   O    doub N N 19  
ARG C   OXT  sing N N 20  
ARG CB  CG   sing N N 21  
ARG CB  HB2  sing N N 22  
ARG CB  HB3  sing N N 23  
ARG CG  CD   sing N N 24  
ARG CG  HG2  sing N N 25  
ARG CG  HG3  sing N N 26  
ARG CD  NE   sing N N 27  
ARG CD  HD2  sing N N 28  
ARG CD  HD3  sing N N 29  
ARG NE  CZ   sing N N 30  
ARG NE  HE   sing N N 31  
ARG CZ  NH1  sing N N 32  
ARG CZ  NH2  doub N N 33  
ARG NH1 HH11 sing N N 34  
ARG NH1 HH12 sing N N 35  
ARG NH2 HH21 sing N N 36  
ARG NH2 HH22 sing N N 37  
ARG OXT HXT  sing N N 38  
ASN N   CA   sing N N 39  
ASN N   H    sing N N 40  
ASN N   H2   sing N N 41  
ASN CA  C    sing N N 42  
ASN CA  CB   sing N N 43  
ASN CA  HA   sing N N 44  
ASN C   O    doub N N 45  
ASN C   OXT  sing N N 46  
ASN CB  CG   sing N N 47  
ASN CB  HB2  sing N N 48  
ASN CB  HB3  sing N N 49  
ASN CG  OD1  doub N N 50  
ASN CG  ND2  sing N N 51  
ASN ND2 HD21 sing N N 52  
ASN ND2 HD22 sing N N 53  
ASN OXT HXT  sing N N 54  
ASP N   CA   sing N N 55  
ASP N   H    sing N N 56  
ASP N   H2   sing N N 57  
ASP CA  C    sing N N 58  
ASP CA  CB   sing N N 59  
ASP CA  HA   sing N N 60  
ASP C   O    doub N N 61  
ASP C   OXT  sing N N 62  
ASP CB  CG   sing N N 63  
ASP CB  HB2  sing N N 64  
ASP CB  HB3  sing N N 65  
ASP CG  OD1  doub N N 66  
ASP CG  OD2  sing N N 67  
ASP OD2 HD2  sing N N 68  
ASP OXT HXT  sing N N 69  
CYS N   CA   sing N N 70  
CYS N   H    sing N N 71  
CYS N   H2   sing N N 72  
CYS CA  C    sing N N 73  
CYS CA  CB   sing N N 74  
CYS CA  HA   sing N N 75  
CYS C   O    doub N N 76  
CYS C   OXT  sing N N 77  
CYS CB  SG   sing N N 78  
CYS CB  HB2  sing N N 79  
CYS CB  HB3  sing N N 80  
CYS SG  HG   sing N N 81  
CYS OXT HXT  sing N N 82  
GLN N   CA   sing N N 83  
GLN N   H    sing N N 84  
GLN N   H2   sing N N 85  
GLN CA  C    sing N N 86  
GLN CA  CB   sing N N 87  
GLN CA  HA   sing N N 88  
GLN C   O    doub N N 89  
GLN C   OXT  sing N N 90  
GLN CB  CG   sing N N 91  
GLN CB  HB2  sing N N 92  
GLN CB  HB3  sing N N 93  
GLN CG  CD   sing N N 94  
GLN CG  HG2  sing N N 95  
GLN CG  HG3  sing N N 96  
GLN CD  OE1  doub N N 97  
GLN CD  NE2  sing N N 98  
GLN NE2 HE21 sing N N 99  
GLN NE2 HE22 sing N N 100 
GLN OXT HXT  sing N N 101 
GLU N   CA   sing N N 102 
GLU N   H    sing N N 103 
GLU N   H2   sing N N 104 
GLU CA  C    sing N N 105 
GLU CA  CB   sing N N 106 
GLU CA  HA   sing N N 107 
GLU C   O    doub N N 108 
GLU C   OXT  sing N N 109 
GLU CB  CG   sing N N 110 
GLU CB  HB2  sing N N 111 
GLU CB  HB3  sing N N 112 
GLU CG  CD   sing N N 113 
GLU CG  HG2  sing N N 114 
GLU CG  HG3  sing N N 115 
GLU CD  OE1  doub N N 116 
GLU CD  OE2  sing N N 117 
GLU OE2 HE2  sing N N 118 
GLU OXT HXT  sing N N 119 
GLY N   CA   sing N N 120 
GLY N   H    sing N N 121 
GLY N   H2   sing N N 122 
GLY CA  C    sing N N 123 
GLY CA  HA2  sing N N 124 
GLY CA  HA3  sing N N 125 
GLY C   O    doub N N 126 
GLY C   OXT  sing N N 127 
GLY OXT HXT  sing N N 128 
HIS N   CA   sing N N 129 
HIS N   H    sing N N 130 
HIS N   H2   sing N N 131 
HIS CA  C    sing N N 132 
HIS CA  CB   sing N N 133 
HIS CA  HA   sing N N 134 
HIS C   O    doub N N 135 
HIS C   OXT  sing N N 136 
HIS CB  CG   sing N N 137 
HIS CB  HB2  sing N N 138 
HIS CB  HB3  sing N N 139 
HIS CG  ND1  sing Y N 140 
HIS CG  CD2  doub Y N 141 
HIS ND1 CE1  doub Y N 142 
HIS ND1 HD1  sing N N 143 
HIS CD2 NE2  sing Y N 144 
HIS CD2 HD2  sing N N 145 
HIS CE1 NE2  sing Y N 146 
HIS CE1 HE1  sing N N 147 
HIS NE2 HE2  sing N N 148 
HIS OXT HXT  sing N N 149 
HOH O   H1   sing N N 150 
HOH O   H2   sing N N 151 
ILE N   CA   sing N N 152 
ILE N   H    sing N N 153 
ILE N   H2   sing N N 154 
ILE CA  C    sing N N 155 
ILE CA  CB   sing N N 156 
ILE CA  HA   sing N N 157 
ILE C   O    doub N N 158 
ILE C   OXT  sing N N 159 
ILE CB  CG1  sing N N 160 
ILE CB  CG2  sing N N 161 
ILE CB  HB   sing N N 162 
ILE CG1 CD1  sing N N 163 
ILE CG1 HG12 sing N N 164 
ILE CG1 HG13 sing N N 165 
ILE CG2 HG21 sing N N 166 
ILE CG2 HG22 sing N N 167 
ILE CG2 HG23 sing N N 168 
ILE CD1 HD11 sing N N 169 
ILE CD1 HD12 sing N N 170 
ILE CD1 HD13 sing N N 171 
ILE OXT HXT  sing N N 172 
LEU N   CA   sing N N 173 
LEU N   H    sing N N 174 
LEU N   H2   sing N N 175 
LEU CA  C    sing N N 176 
LEU CA  CB   sing N N 177 
LEU CA  HA   sing N N 178 
LEU C   O    doub N N 179 
LEU C   OXT  sing N N 180 
LEU CB  CG   sing N N 181 
LEU CB  HB2  sing N N 182 
LEU CB  HB3  sing N N 183 
LEU CG  CD1  sing N N 184 
LEU CG  CD2  sing N N 185 
LEU CG  HG   sing N N 186 
LEU CD1 HD11 sing N N 187 
LEU CD1 HD12 sing N N 188 
LEU CD1 HD13 sing N N 189 
LEU CD2 HD21 sing N N 190 
LEU CD2 HD22 sing N N 191 
LEU CD2 HD23 sing N N 192 
LEU OXT HXT  sing N N 193 
LYS N   CA   sing N N 194 
LYS N   H    sing N N 195 
LYS N   H2   sing N N 196 
LYS CA  C    sing N N 197 
LYS CA  CB   sing N N 198 
LYS CA  HA   sing N N 199 
LYS C   O    doub N N 200 
LYS C   OXT  sing N N 201 
LYS CB  CG   sing N N 202 
LYS CB  HB2  sing N N 203 
LYS CB  HB3  sing N N 204 
LYS CG  CD   sing N N 205 
LYS CG  HG2  sing N N 206 
LYS CG  HG3  sing N N 207 
LYS CD  CE   sing N N 208 
LYS CD  HD2  sing N N 209 
LYS CD  HD3  sing N N 210 
LYS CE  NZ   sing N N 211 
LYS CE  HE2  sing N N 212 
LYS CE  HE3  sing N N 213 
LYS NZ  HZ1  sing N N 214 
LYS NZ  HZ2  sing N N 215 
LYS NZ  HZ3  sing N N 216 
LYS OXT HXT  sing N N 217 
MET N   CA   sing N N 218 
MET N   H    sing N N 219 
MET N   H2   sing N N 220 
MET CA  C    sing N N 221 
MET CA  CB   sing N N 222 
MET CA  HA   sing N N 223 
MET C   O    doub N N 224 
MET C   OXT  sing N N 225 
MET CB  CG   sing N N 226 
MET CB  HB2  sing N N 227 
MET CB  HB3  sing N N 228 
MET CG  SD   sing N N 229 
MET CG  HG2  sing N N 230 
MET CG  HG3  sing N N 231 
MET SD  CE   sing N N 232 
MET CE  HE1  sing N N 233 
MET CE  HE2  sing N N 234 
MET CE  HE3  sing N N 235 
MET OXT HXT  sing N N 236 
PHE N   CA   sing N N 237 
PHE N   H    sing N N 238 
PHE N   H2   sing N N 239 
PHE CA  C    sing N N 240 
PHE CA  CB   sing N N 241 
PHE CA  HA   sing N N 242 
PHE C   O    doub N N 243 
PHE C   OXT  sing N N 244 
PHE CB  CG   sing N N 245 
PHE CB  HB2  sing N N 246 
PHE CB  HB3  sing N N 247 
PHE CG  CD1  doub Y N 248 
PHE CG  CD2  sing Y N 249 
PHE CD1 CE1  sing Y N 250 
PHE CD1 HD1  sing N N 251 
PHE CD2 CE2  doub Y N 252 
PHE CD2 HD2  sing N N 253 
PHE CE1 CZ   doub Y N 254 
PHE CE1 HE1  sing N N 255 
PHE CE2 CZ   sing Y N 256 
PHE CE2 HE2  sing N N 257 
PHE CZ  HZ   sing N N 258 
PHE OXT HXT  sing N N 259 
PRO N   CA   sing N N 260 
PRO N   CD   sing N N 261 
PRO N   H    sing N N 262 
PRO CA  C    sing N N 263 
PRO CA  CB   sing N N 264 
PRO CA  HA   sing N N 265 
PRO C   O    doub N N 266 
PRO C   OXT  sing N N 267 
PRO CB  CG   sing N N 268 
PRO CB  HB2  sing N N 269 
PRO CB  HB3  sing N N 270 
PRO CG  CD   sing N N 271 
PRO CG  HG2  sing N N 272 
PRO CG  HG3  sing N N 273 
PRO CD  HD2  sing N N 274 
PRO CD  HD3  sing N N 275 
PRO OXT HXT  sing N N 276 
SER N   CA   sing N N 277 
SER N   H    sing N N 278 
SER N   H2   sing N N 279 
SER CA  C    sing N N 280 
SER CA  CB   sing N N 281 
SER CA  HA   sing N N 282 
SER C   O    doub N N 283 
SER C   OXT  sing N N 284 
SER CB  OG   sing N N 285 
SER CB  HB2  sing N N 286 
SER CB  HB3  sing N N 287 
SER OG  HG   sing N N 288 
SER OXT HXT  sing N N 289 
SO4 S   O1   doub N N 290 
SO4 S   O2   doub N N 291 
SO4 S   O3   sing N N 292 
SO4 S   O4   sing N N 293 
THR N   CA   sing N N 294 
THR N   H    sing N N 295 
THR N   H2   sing N N 296 
THR CA  C    sing N N 297 
THR CA  CB   sing N N 298 
THR CA  HA   sing N N 299 
THR C   O    doub N N 300 
THR C   OXT  sing N N 301 
THR CB  OG1  sing N N 302 
THR CB  CG2  sing N N 303 
THR CB  HB   sing N N 304 
THR OG1 HG1  sing N N 305 
THR CG2 HG21 sing N N 306 
THR CG2 HG22 sing N N 307 
THR CG2 HG23 sing N N 308 
THR OXT HXT  sing N N 309 
TRP N   CA   sing N N 310 
TRP N   H    sing N N 311 
TRP N   H2   sing N N 312 
TRP CA  C    sing N N 313 
TRP CA  CB   sing N N 314 
TRP CA  HA   sing N N 315 
TRP C   O    doub N N 316 
TRP C   OXT  sing N N 317 
TRP CB  CG   sing N N 318 
TRP CB  HB2  sing N N 319 
TRP CB  HB3  sing N N 320 
TRP CG  CD1  doub Y N 321 
TRP CG  CD2  sing Y N 322 
TRP CD1 NE1  sing Y N 323 
TRP CD1 HD1  sing N N 324 
TRP CD2 CE2  doub Y N 325 
TRP CD2 CE3  sing Y N 326 
TRP NE1 CE2  sing Y N 327 
TRP NE1 HE1  sing N N 328 
TRP CE2 CZ2  sing Y N 329 
TRP CE3 CZ3  doub Y N 330 
TRP CE3 HE3  sing N N 331 
TRP CZ2 CH2  doub Y N 332 
TRP CZ2 HZ2  sing N N 333 
TRP CZ3 CH2  sing Y N 334 
TRP CZ3 HZ3  sing N N 335 
TRP CH2 HH2  sing N N 336 
TRP OXT HXT  sing N N 337 
TYR N   CA   sing N N 338 
TYR N   H    sing N N 339 
TYR N   H2   sing N N 340 
TYR CA  C    sing N N 341 
TYR CA  CB   sing N N 342 
TYR CA  HA   sing N N 343 
TYR C   O    doub N N 344 
TYR C   OXT  sing N N 345 
TYR CB  CG   sing N N 346 
TYR CB  HB2  sing N N 347 
TYR CB  HB3  sing N N 348 
TYR CG  CD1  doub Y N 349 
TYR CG  CD2  sing Y N 350 
TYR CD1 CE1  sing Y N 351 
TYR CD1 HD1  sing N N 352 
TYR CD2 CE2  doub Y N 353 
TYR CD2 HD2  sing N N 354 
TYR CE1 CZ   doub Y N 355 
TYR CE1 HE1  sing N N 356 
TYR CE2 CZ   sing Y N 357 
TYR CE2 HE2  sing N N 358 
TYR CZ  OH   sing N N 359 
TYR OH  HH   sing N N 360 
TYR OXT HXT  sing N N 361 
VAL N   CA   sing N N 362 
VAL N   H    sing N N 363 
VAL N   H2   sing N N 364 
VAL CA  C    sing N N 365 
VAL CA  CB   sing N N 366 
VAL CA  HA   sing N N 367 
VAL C   O    doub N N 368 
VAL C   OXT  sing N N 369 
VAL CB  CG1  sing N N 370 
VAL CB  CG2  sing N N 371 
VAL CB  HB   sing N N 372 
VAL CG1 HG11 sing N N 373 
VAL CG1 HG12 sing N N 374 
VAL CG1 HG13 sing N N 375 
VAL CG2 HG21 sing N N 376 
VAL CG2 HG22 sing N N 377 
VAL CG2 HG23 sing N N 378 
VAL OXT HXT  sing N N 379 
# 
_atom_sites.entry_id                    4RHF 
_atom_sites.fract_transf_matrix[1][1]   0.00951386 
_atom_sites.fract_transf_matrix[1][2]   -0.00342615 
_atom_sites.fract_transf_matrix[1][3]   -0.00165181 
_atom_sites.fract_transf_matrix[2][1]   -0.00324368 
_atom_sites.fract_transf_matrix[2][2]   -0.00498467 
_atom_sites.fract_transf_matrix[2][3]   -0.00834339 
_atom_sites.fract_transf_matrix[3][1]   0.00198633 
_atom_sites.fract_transf_matrix[3][2]   0.00827013 
_atom_sites.fract_transf_matrix[3][3]   -0.00571314 
_atom_sites.fract_transf_vector[1]      -0.336444 
_atom_sites.fract_transf_vector[2]      -0.197057 
_atom_sites.fract_transf_vector[3]      -0.499732 
# 
loop_
_atom_type.symbol 
C 
N 
O 
S 
# 
loop_
_atom_site.group_PDB 
_atom_site.id 
_atom_site.type_symbol 
_atom_site.label_atom_id 
_atom_site.label_alt_id 
_atom_site.label_comp_id 
_atom_site.label_asym_id 
_atom_site.label_entity_id 
_atom_site.label_seq_id 
_atom_site.pdbx_PDB_ins_code 
_atom_site.Cartn_x 
_atom_site.Cartn_y 
_atom_site.Cartn_z 
_atom_site.occupancy 
_atom_site.B_iso_or_equiv 
_atom_site.pdbx_formal_charge 
_atom_site.auth_seq_id 
_atom_site.auth_comp_id 
_atom_site.auth_asym_id 
_atom_site.auth_atom_id 
_atom_site.pdbx_PDB_model_num 
ATOM   1    N N   . ASP A 1 7   ? 17.033  1.535   -13.919 1.00 42.68 ? 4   ASP A N   1 
ATOM   2    C CA  . ASP A 1 7   ? 16.701  2.988   -14.071 1.00 40.27 ? 4   ASP A CA  1 
ATOM   3    C C   . ASP A 1 7   ? 15.179  3.225   -13.949 1.00 40.39 ? 4   ASP A C   1 
ATOM   4    O O   . ASP A 1 7   ? 14.480  3.506   -14.925 1.00 40.62 ? 4   ASP A O   1 
ATOM   5    C CB  . ASP A 1 7   ? 17.243  3.541   -15.388 1.00 45.93 ? 4   ASP A CB  1 
ATOM   6    C CG  . ASP A 1 7   ? 17.691  5.013   -15.282 1.00 48.26 ? 4   ASP A CG  1 
ATOM   7    O OD1 . ASP A 1 7   ? 16.818  5.898   -15.060 1.00 45.05 ? 4   ASP A OD1 1 
ATOM   8    O OD2 . ASP A 1 7   ? 18.924  5.271   -15.425 1.00 46.69 ? 4   ASP A OD2 1 
ATOM   9    N N   . PHE A 1 8   ? 14.709  3.140   -12.704 1.00 32.60 ? 5   PHE A N   1 
ATOM   10   C CA  . PHE A 1 8   ? 13.323  3.379   -12.346 1.00 30.47 ? 5   PHE A CA  1 
ATOM   11   C C   . PHE A 1 8   ? 13.190  4.837   -11.959 1.00 30.43 ? 5   PHE A C   1 
ATOM   12   O O   . PHE A 1 8   ? 14.197  5.519   -11.742 1.00 36.34 ? 5   PHE A O   1 
ATOM   13   C CB  . PHE A 1 8   ? 12.943  2.475   -11.170 1.00 27.54 ? 5   PHE A CB  1 
ATOM   14   C CG  . PHE A 1 8   ? 13.065  1.024   -11.456 1.00 26.72 ? 5   PHE A CG  1 
ATOM   15   C CD1 . PHE A 1 8   ? 12.174  0.405   -12.298 1.00 27.09 ? 5   PHE A CD1 1 
ATOM   16   C CD2 . PHE A 1 8   ? 14.028  0.251   -10.804 1.00 30.03 ? 5   PHE A CD2 1 
ATOM   17   C CE1 . PHE A 1 8   ? 12.278  -0.951  -12.536 1.00 30.01 ? 5   PHE A CE1 1 
ATOM   18   C CE2 . PHE A 1 8   ? 14.115  -1.121  -11.024 1.00 31.64 ? 5   PHE A CE2 1 
ATOM   19   C CZ  . PHE A 1 8   ? 13.243  -1.715  -11.894 1.00 30.61 ? 5   PHE A CZ  1 
ATOM   20   N N   . ASN A 1 9   ? 11.965  5.346   -11.920 1.00 28.73 ? 6   ASN A N   1 
ATOM   21   C CA  . ASN A 1 9   ? 11.673  6.752   -11.596 1.00 30.65 ? 6   ASN A CA  1 
ATOM   22   C C   . ASN A 1 9   ? 11.599  7.033   -10.066 1.00 29.43 ? 6   ASN A C   1 
ATOM   23   O O   . ASN A 1 9   ? 11.596  8.166   -9.615  1.00 28.53 ? 6   ASN A O   1 
ATOM   24   C CB  . ASN A 1 9   ? 10.319  7.167   -12.230 1.00 35.59 ? 6   ASN A CB  1 
ATOM   25   C CG  . ASN A 1 9   ? 10.429  7.581   -13.687 1.00 38.63 ? 6   ASN A CG  1 
ATOM   26   O OD1 . ASN A 1 9   ? 10.180  8.730   -14.019 1.00 39.00 ? 6   ASN A OD1 1 
ATOM   27   N ND2 . ASN A 1 9   ? 10.773  6.641   -14.567 1.00 40.21 ? 6   ASN A ND2 1 
ATOM   28   N N   . GLY A 1 10  ? 11.471  5.987   -9.280  1.00 34.71 ? 7   GLY A N   1 
ATOM   29   C CA  . GLY A 1 10  ? 11.396  6.161   -7.859  1.00 37.02 ? 7   GLY A CA  1 
ATOM   30   C C   . GLY A 1 10  ? 11.286  4.816   -7.204  1.00 31.41 ? 7   GLY A C   1 
ATOM   31   O O   . GLY A 1 10  ? 11.192  3.813   -7.887  1.00 30.07 ? 7   GLY A O   1 
ATOM   32   N N   . LYS A 1 11  ? 11.377  4.805   -5.877  1.00 23.43 ? 8   LYS A N   1 
ATOM   33   C CA  . LYS A 1 11  ? 11.165  3.617   -5.091  1.00 25.38 ? 8   LYS A CA  1 
ATOM   34   C C   . LYS A 1 11  ? 10.018  3.941   -4.135  1.00 21.35 ? 8   LYS A C   1 
ATOM   35   O O   . LYS A 1 11  ? 9.958   5.058   -3.688  1.00 19.79 ? 8   LYS A O   1 
ATOM   36   C CB  . LYS A 1 11  ? 12.395  3.302   -4.281  1.00 26.02 ? 8   LYS A CB  1 
ATOM   37   C CG  . LYS A 1 11  ? 13.502  2.696   -5.054  1.00 32.67 ? 8   LYS A CG  1 
ATOM   38   C CD  . LYS A 1 11  ? 14.778  2.632   -4.221  1.00 29.34 ? 8   LYS A CD  1 
ATOM   39   C CE  . LYS A 1 11  ? 14.788  1.496   -3.238  1.00 37.15 ? 8   LYS A CE  1 
ATOM   40   N NZ  . LYS A 1 11  ? 16.135  1.281   -2.606  1.00 39.94 ? 8   LYS A NZ  1 
ATOM   41   N N   . ILE A 1 12  ? 9.066   3.019   -3.983  1.00 22.02 ? 9   ILE A N   1 
ATOM   42   C CA  . ILE A 1 12  ? 7.917   3.201   -3.084  1.00 19.55 ? 9   ILE A CA  1 
ATOM   43   C C   . ILE A 1 12  ? 7.775   1.933   -2.279  1.00 18.26 ? 9   ILE A C   1 
ATOM   44   O O   . ILE A 1 12  ? 7.910   0.808   -2.803  1.00 20.71 ? 9   ILE A O   1 
ATOM   45   C CB  . ILE A 1 12  ? 6.654   3.472   -3.897  1.00 21.89 ? 9   ILE A CB  1 
ATOM   46   C CG1 . ILE A 1 12  ? 6.766   4.789   -4.705  1.00 22.93 ? 9   ILE A CG1 1 
ATOM   47   C CG2 . ILE A 1 12  ? 5.376   3.512   -3.025  1.00 23.03 ? 9   ILE A CG2 1 
ATOM   48   C CD1 . ILE A 1 12  ? 5.793   4.919   -5.861  1.00 25.84 ? 9   ILE A CD1 1 
ATOM   49   N N   . THR A 1 13  ? 7.459   2.028   -0.956  1.00 14.85 ? 10  THR A N   1 
ATOM   50   C CA  . THR A 1 13  ? 7.006   0.926   -0.220  1.00 14.96 ? 10  THR A CA  1 
ATOM   51   C C   . THR A 1 13  ? 5.489   0.773   -0.247  1.00 15.01 ? 10  THR A C   1 
ATOM   52   O O   . THR A 1 13  ? 4.759   1.708   0.039   1.00 14.55 ? 10  THR A O   1 
ATOM   53   C CB  . THR A 1 13  ? 7.503   1.008   1.245   1.00 14.65 ? 10  THR A CB  1 
ATOM   54   O OG1 . THR A 1 13  ? 8.880   1.045   1.197   1.00 14.36 ? 10  THR A OG1 1 
ATOM   55   C CG2 . THR A 1 13  ? 7.087   -0.155  2.134   1.00 14.26 ? 10  THR A CG2 1 
ATOM   56   N N   . LEU A 1 14  ? 5.050   -0.413  -0.639  1.00 14.30 ? 11  LEU A N   1 
ATOM   57   C CA  . LEU A 1 14  ? 3.649   -0.812  -0.646  1.00 17.00 ? 11  LEU A CA  1 
ATOM   58   C C   . LEU A 1 14  ? 3.377   -1.894  0.366   1.00 16.99 ? 11  LEU A C   1 
ATOM   59   O O   . LEU A 1 14  ? 3.888   -3.037  0.275   1.00 17.14 ? 11  LEU A O   1 
ATOM   60   C CB  . LEU A 1 14  ? 3.219   -1.247  -2.077  1.00 20.91 ? 11  LEU A CB  1 
ATOM   61   C CG  . LEU A 1 14  ? 1.744   -1.267  -2.401  1.00 29.59 ? 11  LEU A CG  1 
ATOM   62   C CD1 . LEU A 1 14  ? 1.631   -1.287  -3.917  1.00 32.51 ? 11  LEU A CD1 1 
ATOM   63   C CD2 . LEU A 1 14  ? 1.014   -2.468  -1.810  1.00 35.17 ? 11  LEU A CD2 1 
ATOM   64   N N   . ALA A 1 15  ? 2.516   -1.586  1.348   1.00 14.32 ? 12  ALA A N   1 
ATOM   65   C CA  . ALA A 1 15  ? 2.043   -2.554  2.308   1.00 15.34 ? 12  ALA A CA  1 
ATOM   66   C C   . ALA A 1 15  ? 0.564   -2.947  2.120   1.00 15.69 ? 12  ALA A C   1 
ATOM   67   O O   . ALA A 1 15  ? -0.252  -2.096  1.988   1.00 16.11 ? 12  ALA A O   1 
ATOM   68   C CB  . ALA A 1 15  ? 2.240   -2.004  3.714   1.00 17.45 ? 12  ALA A CB  1 
ATOM   69   N N   . ILE A 1 16  ? 0.214   -4.239  2.180   1.00 15.88 ? 13  ILE A N   1 
ATOM   70   C CA  . ILE A 1 16  ? -1.115  -4.663  1.986   1.00 15.59 ? 13  ILE A CA  1 
ATOM   71   C C   . ILE A 1 16  ? -1.524  -5.322  3.291   1.00 14.75 ? 13  ILE A C   1 
ATOM   72   O O   . ILE A 1 16  ? -0.891  -6.278  3.732   1.00 16.14 ? 13  ILE A O   1 
ATOM   73   C CB  . ILE A 1 16  ? -1.192  -5.678  0.765   1.00 17.58 ? 13  ILE A CB  1 
ATOM   74   C CG1 . ILE A 1 16  ? -0.644  -5.026  -0.475  1.00 19.27 ? 13  ILE A CG1 1 
ATOM   75   C CG2 . ILE A 1 16  ? -2.601  -6.206  0.571   1.00 15.30 ? 13  ILE A CG2 1 
ATOM   76   C CD1 . ILE A 1 16  ? -0.549  -5.815  -1.761  1.00 19.65 ? 13  ILE A CD1 1 
ATOM   77   N N   . THR A 1 17  ? -2.546  -4.796  3.929   1.00 15.05 ? 14  THR A N   1 
ATOM   78   C CA  . THR A 1 17  ? -3.220  -5.448  5.068   1.00 14.23 ? 14  THR A CA  1 
ATOM   79   C C   . THR A 1 17  ? -4.585  -6.056  4.744   1.00 16.81 ? 14  THR A C   1 
ATOM   80   O O   . THR A 1 17  ? -5.104  -5.958  3.635   1.00 18.51 ? 14  THR A O   1 
ATOM   81   C CB  . THR A 1 17  ? -3.311  -4.506  6.305   1.00 16.14 ? 14  THR A CB  1 
ATOM   82   O OG1 . THR A 1 17  ? -4.381  -3.571  6.096   1.00 19.79 ? 14  THR A OG1 1 
ATOM   83   C CG2 . THR A 1 17  ? -2.005  -3.775  6.530   1.00 17.09 ? 14  THR A CG2 1 
ATOM   84   N N   . GLY A 1 18  ? -5.178  -6.687  5.739   1.00 17.78 ? 15  GLY A N   1 
ATOM   85   C CA  . GLY A 1 18  ? -6.533  -7.302  5.548   1.00 20.80 ? 15  GLY A CA  1 
ATOM   86   C C   . GLY A 1 18  ? -7.533  -6.278  6.001   1.00 21.34 ? 15  GLY A C   1 
ATOM   87   O O   . GLY A 1 18  ? -7.722  -6.104  7.201   1.00 30.10 ? 15  GLY A O   1 
ATOM   88   N N   . ALA A 1 19  ? -8.102  -5.552  5.077   1.00 20.22 ? 16  ALA A N   1 
ATOM   89   C CA  . ALA A 1 19  ? -9.234  -4.675  5.406   1.00 21.03 ? 16  ALA A CA  1 
ATOM   90   C C   . ALA A 1 19  ? -10.295 -4.763  4.331   1.00 20.29 ? 16  ALA A C   1 
ATOM   91   O O   . ALA A 1 19  ? -11.040 -3.827  4.142   1.00 24.51 ? 16  ALA A O   1 
ATOM   92   C CB  . ALA A 1 19  ? -8.725  -3.221  5.585   1.00 17.87 ? 16  ALA A CB  1 
ATOM   93   N N   . SER A 1 20  ? -10.388 -5.853  3.568   1.00 19.84 ? 17  SER A N   1 
ATOM   94   C CA  . SER A 1 20  ? -11.317 -5.979  2.484   1.00 22.84 ? 17  SER A CA  1 
ATOM   95   C C   . SER A 1 20  ? -11.183 -4.931  1.373   1.00 20.61 ? 17  SER A C   1 
ATOM   96   O O   . SER A 1 20  ? -12.179 -4.403  0.869   1.00 26.97 ? 17  SER A O   1 
ATOM   97   C CB  . SER A 1 20  ? -12.793 -6.027  2.931   1.00 23.37 ? 17  SER A CB  1 
ATOM   98   O OG  . SER A 1 20  ? -13.061 -6.953  3.992   1.00 29.73 ? 17  SER A OG  1 
ATOM   99   N N   . GLY A 1 21  ? -9.988  -4.618  0.963   1.00 20.18 ? 18  GLY A N   1 
ATOM   100  C CA  . GLY A 1 21  ? -9.834  -3.703  -0.185  1.00 18.46 ? 18  GLY A CA  1 
ATOM   101  C C   . GLY A 1 21  ? -8.697  -4.174  -1.058  1.00 18.60 ? 18  GLY A C   1 
ATOM   102  O O   . GLY A 1 21  ? -7.948  -3.355  -1.580  1.00 18.95 ? 18  GLY A O   1 
ATOM   103  N N   . ALA A 1 22  ? -8.590  -5.495  -1.250  1.00 18.90 ? 19  ALA A N   1 
ATOM   104  C CA  . ALA A 1 22  ? -7.491  -6.101  -2.050  1.00 19.38 ? 19  ALA A CA  1 
ATOM   105  C C   . ALA A 1 22  ? -7.398  -5.604  -3.445  1.00 20.90 ? 19  ALA A C   1 
ATOM   106  O O   . ALA A 1 22  ? -6.279  -5.404  -3.952  1.00 20.12 ? 19  ALA A O   1 
ATOM   107  C CB  . ALA A 1 22  ? -7.559  -7.632  -2.037  1.00 23.68 ? 19  ALA A CB  1 
ATOM   108  N N   . SER A 1 23  ? -8.560  -5.430  -4.101  1.00 22.69 ? 20  SER A N   1 
ATOM   109  C CA  . SER A 1 23  ? -8.593  -4.899  -5.457  1.00 21.04 ? 20  SER A CA  1 
ATOM   110  C C   . SER A 1 23  ? -7.907  -3.563  -5.588  1.00 17.92 ? 20  SER A C   1 
ATOM   111  O O   . SER A 1 23  ? -7.261  -3.258  -6.612  1.00 18.99 ? 20  SER A O   1 
ATOM   112  C CB  . SER A 1 23  ? -10.020 -4.620  -5.881  1.00 23.55 ? 20  SER A CB  1 
ATOM   113  O OG  . SER A 1 23  ? -10.550 -5.833  -6.203  1.00 27.15 ? 20  SER A OG  1 
ATOM   114  N N   . TYR A 1 24  ? -8.102  -2.663  -4.616  1.00 15.51 ? 21  TYR A N   1 
ATOM   115  C CA  . TYR A 1 24  ? -7.399  -1.417  -4.702  1.00 14.36 ? 21  TYR A CA  1 
ATOM   116  C C   . TYR A 1 24  ? -5.861  -1.624  -4.787  1.00 14.86 ? 21  TYR A C   1 
ATOM   117  O O   . TYR A 1 24  ? -5.158  -0.923  -5.486  1.00 15.83 ? 21  TYR A O   1 
ATOM   118  C CB  . TYR A 1 24  ? -7.683  -0.564  -3.404  1.00 15.08 ? 21  TYR A CB  1 
ATOM   119  C CG  . TYR A 1 24  ? -9.066  -0.052  -3.228  1.00 13.51 ? 21  TYR A CG  1 
ATOM   120  C CD1 . TYR A 1 24  ? -9.604  0.895   -4.103  1.00 13.62 ? 21  TYR A CD1 1 
ATOM   121  C CD2 . TYR A 1 24  ? -9.847  -0.529  -2.235  1.00 15.25 ? 21  TYR A CD2 1 
ATOM   122  C CE1 . TYR A 1 24  ? -10.894 1.371   -3.907  1.00 16.55 ? 21  TYR A CE1 1 
ATOM   123  C CE2 . TYR A 1 24  ? -11.113 -0.049  -1.980  1.00 14.78 ? 21  TYR A CE2 1 
ATOM   124  C CZ  . TYR A 1 24  ? -11.668 0.892   -2.819  1.00 14.20 ? 21  TYR A CZ  1 
ATOM   125  O OH  . TYR A 1 24  ? -12.942 1.379   -2.691  1.00 15.80 ? 21  TYR A OH  1 
ATOM   126  N N   . ALA A 1 25  ? -5.343  -2.542  -3.963  1.00 15.30 ? 22  ALA A N   1 
ATOM   127  C CA  . ALA A 1 25  ? -3.889  -2.817  -3.868  1.00 17.13 ? 22  ALA A CA  1 
ATOM   128  C C   . ALA A 1 25  ? -3.341  -3.317  -5.203  1.00 19.12 ? 22  ALA A C   1 
ATOM   129  O O   . ALA A 1 25  ? -2.311  -2.850  -5.672  1.00 17.04 ? 22  ALA A O   1 
ATOM   130  C CB  . ALA A 1 25  ? -3.657  -3.784  -2.765  1.00 17.81 ? 22  ALA A CB  1 
ATOM   131  N N   . MET A 1 26  ? -4.130  -4.165  -5.830  1.00 20.46 ? 23  MET A N   1 
ATOM   132  C CA  . MET A 1 26  ? -3.718  -4.859  -7.062  1.00 23.24 ? 23  MET A CA  1 
ATOM   133  C C   . MET A 1 26  ? -3.705  -3.851  -8.190  1.00 19.66 ? 23  MET A C   1 
ATOM   134  O O   . MET A 1 26  ? -2.740  -3.803  -8.957  1.00 18.97 ? 23  MET A O   1 
ATOM   135  C CB  . MET A 1 26  ? -4.649  -6.006  -7.356  1.00 26.73 ? 23  MET A CB  1 
ATOM   136  C CG  . MET A 1 26  ? -4.610  -7.164  -6.381  1.00 29.20 ? 23  MET A CG  1 
ATOM   137  S SD  . MET A 1 26  ? -2.979  -7.746  -5.997  1.00 39.25 ? 23  MET A SD  1 
ATOM   138  C CE  . MET A 1 26  ? -2.541  -8.355  -7.644  1.00 38.78 ? 23  MET A CE  1 
ATOM   139  N N   . ARG A 1 27  ? -4.715  -2.998  -8.270  1.00 15.86 ? 24  ARG A N   1 
ATOM   140  C CA  . ARG A 1 27  ? -4.675  -1.922  -9.245  1.00 17.75 ? 24  ARG A CA  1 
ATOM   141  C C   . ARG A 1 27  ? -3.558  -0.883  -9.034  1.00 16.54 ? 24  ARG A C   1 
ATOM   142  O O   . ARG A 1 27  ? -2.907  -0.491  -9.987  1.00 15.77 ? 24  ARG A O   1 
ATOM   143  C CB  . ARG A 1 27  ? -6.041  -1.291  -9.380  1.00 18.88 ? 24  ARG A CB  1 
ATOM   144  C CG  . ARG A 1 27  ? -6.165  -0.184  -10.403 1.00 19.18 ? 24  ARG A CG  1 
ATOM   145  C CD  . ARG A 1 27  ? -6.043  -0.698  -11.836 1.00 20.59 ? 24  ARG A CD  1 
ATOM   146  N NE  . ARG A 1 27  ? -6.447  0.388   -12.694 1.00 22.44 ? 24  ARG A NE  1 
ATOM   147  C CZ  . ARG A 1 27  ? -6.192  0.483   -14.012 1.00 24.90 ? 24  ARG A CZ  1 
ATOM   148  N NH1 . ARG A 1 27  ? -5.490  -0.448  -14.622 1.00 21.12 ? 24  ARG A NH1 1 
ATOM   149  N NH2 . ARG A 1 27  ? -6.691  1.497   -14.692 1.00 26.00 ? 24  ARG A NH2 1 
ATOM   150  N N   . LEU A 1 28  ? -3.338  -0.453  -7.776  1.00 15.65 ? 25  LEU A N   1 
ATOM   151  C CA  . LEU A 1 28  ? -2.197  0.335   -7.430  1.00 16.07 ? 25  LEU A CA  1 
ATOM   152  C C   . LEU A 1 28  ? -0.841  -0.202  -7.964  1.00 15.94 ? 25  LEU A C   1 
ATOM   153  O O   . LEU A 1 28  ? -0.116  0.609   -8.621  1.00 17.33 ? 25  LEU A O   1 
ATOM   154  C CB  . LEU A 1 28  ? -2.154  0.572   -5.869  1.00 16.77 ? 25  LEU A CB  1 
ATOM   155  C CG  . LEU A 1 28  ? -1.057  1.534   -5.383  1.00 16.83 ? 25  LEU A CG  1 
ATOM   156  C CD1 . LEU A 1 28  ? -1.193  2.813   -6.232  1.00 18.69 ? 25  LEU A CD1 1 
ATOM   157  C CD2 . LEU A 1 28  ? -1.219  1.684   -3.853  1.00 19.02 ? 25  LEU A CD2 1 
ATOM   158  N N   . ILE A 1 29  ? -0.557  -1.453  -7.666  1.00 16.79 ? 26  ILE A N   1 
ATOM   159  C CA  . ILE A 1 29  ? 0.686   -2.106  -8.112  1.00 20.68 ? 26  ILE A CA  1 
ATOM   160  C C   . ILE A 1 29  ? 0.794   -2.037  -9.645  1.00 23.36 ? 26  ILE A C   1 
ATOM   161  O O   . ILE A 1 29  ? 1.851   -1.653  -10.209 1.00 23.08 ? 26  ILE A O   1 
ATOM   162  C CB  . ILE A 1 29  ? 0.771   -3.545  -7.675  1.00 21.96 ? 26  ILE A CB  1 
ATOM   163  C CG1 . ILE A 1 29  ? 0.974   -3.667  -6.198  1.00 22.41 ? 26  ILE A CG1 1 
ATOM   164  C CG2 . ILE A 1 29  ? 1.891   -4.277  -8.408  1.00 21.37 ? 26  ILE A CG2 1 
ATOM   165  C CD1 . ILE A 1 29  ? 0.625   -5.037  -5.667  1.00 21.83 ? 26  ILE A CD1 1 
ATOM   166  N N   . GLU A 1 30  ? -0.321  -2.289  -10.325 1.00 22.10 ? 27  GLU A N   1 
ATOM   167  C CA  . GLU A 1 30  ? -0.284  -2.288  -11.765 1.00 23.21 ? 27  GLU A CA  1 
ATOM   168  C C   . GLU A 1 30  ? 0.120   -0.922  -12.280 1.00 25.82 ? 27  GLU A C   1 
ATOM   169  O O   . GLU A 1 30  ? 0.976   -0.849  -13.177 1.00 26.27 ? 27  GLU A O   1 
ATOM   170  C CB  . GLU A 1 30  ? -1.662  -2.710  -12.359 1.00 27.38 ? 27  GLU A CB  1 
ATOM   171  C CG  . GLU A 1 30  ? -1.852  -2.629  -13.870 1.00 28.73 ? 27  GLU A CG  1 
ATOM   172  C CD  . GLU A 1 30  ? -3.207  -3.216  -14.292 1.00 33.21 ? 27  GLU A CD  1 
ATOM   173  O OE1 . GLU A 1 30  ? -4.221  -2.974  -13.628 1.00 30.98 ? 27  GLU A OE1 1 
ATOM   174  O OE2 . GLU A 1 30  ? -3.299  -3.951  -15.289 1.00 38.44 ? 27  GLU A OE2 1 
ATOM   175  N N   . CYS A 1 31  ? -0.425  0.154   -11.667 1.00 23.54 ? 28  CYS A N   1 
ATOM   176  C CA  . CYS A 1 31  ? -0.261  1.511   -12.143 1.00 23.48 ? 28  CYS A CA  1 
ATOM   177  C C   . CYS A 1 31  ? 1.156   2.030   -11.807 1.00 22.78 ? 28  CYS A C   1 
ATOM   178  O O   . CYS A 1 31  ? 1.760   2.830   -12.554 1.00 22.58 ? 28  CYS A O   1 
ATOM   179  C CB  . CYS A 1 31  ? -1.363  2.451   -11.617 1.00 22.65 ? 28  CYS A CB  1 
ATOM   180  S SG  . CYS A 1 31  ? -3.099  2.114   -12.133 1.00 23.24 ? 28  CYS A SG  1 
ATOM   181  N N   . LEU A 1 32  ? 1.648   1.598   -10.652 1.00 24.29 ? 29  LEU A N   1 
ATOM   182  C CA  . LEU A 1 32  ? 2.968   1.910   -10.236 1.00 24.08 ? 29  LEU A CA  1 
ATOM   183  C C   . LEU A 1 32  ? 4.017   1.179   -11.069 1.00 26.47 ? 29  LEU A C   1 
ATOM   184  O O   . LEU A 1 32  ? 5.056   1.784   -11.379 1.00 28.48 ? 29  LEU A O   1 
ATOM   185  C CB  . LEU A 1 32  ? 3.162   1.639   -8.740  1.00 24.44 ? 29  LEU A CB  1 
ATOM   186  C CG  . LEU A 1 32  ? 2.485   2.633   -7.765  1.00 24.13 ? 29  LEU A CG  1 
ATOM   187  C CD1 . LEU A 1 32  ? 2.926   2.321   -6.366  1.00 25.01 ? 29  LEU A CD1 1 
ATOM   188  C CD2 . LEU A 1 32  ? 2.747   4.108   -8.044  1.00 25.04 ? 29  LEU A CD2 1 
ATOM   189  N N   . ILE A 1 33  ? 3.730   -0.048  -11.478 1.00 24.44 ? 30  ILE A N   1 
ATOM   190  C CA  . ILE A 1 33  ? 4.639   -0.759  -12.380 1.00 27.25 ? 30  ILE A CA  1 
ATOM   191  C C   . ILE A 1 33  ? 4.646   0.013   -13.685 1.00 27.49 ? 30  ILE A C   1 
ATOM   192  O O   . ILE A 1 33  ? 5.699   0.420   -14.153 1.00 30.28 ? 30  ILE A O   1 
ATOM   193  C CB  . ILE A 1 33  ? 4.214   -2.225  -12.571 1.00 26.55 ? 30  ILE A CB  1 
ATOM   194  C CG1 . ILE A 1 33  ? 4.478   -3.015  -11.300 1.00 24.94 ? 30  ILE A CG1 1 
ATOM   195  C CG2 . ILE A 1 33  ? 4.867   -2.802  -13.826 1.00 30.10 ? 30  ILE A CG2 1 
ATOM   196  C CD1 . ILE A 1 33  ? 5.883   -2.941  -10.717 1.00 24.36 ? 30  ILE A CD1 1 
ATOM   197  N N   . ALA A 1 34  ? 3.460   0.265   -14.269 1.00 29.51 ? 31  ALA A N   1 
ATOM   198  C CA  . ALA A 1 34  ? 3.383   1.072   -15.490 1.00 27.81 ? 31  ALA A CA  1 
ATOM   199  C C   . ALA A 1 34  ? 4.036   2.481   -15.437 1.00 30.44 ? 31  ALA A C   1 
ATOM   200  O O   . ALA A 1 34  ? 4.487   3.043   -16.444 1.00 30.04 ? 31  ALA A O   1 
ATOM   201  C CB  . ALA A 1 34  ? 1.932   1.182   -15.924 1.00 28.11 ? 31  ALA A CB  1 
ATOM   202  N N   . ALA A 1 35  ? 4.015   3.098   -14.271 1.00 29.11 ? 32  ALA A N   1 
ATOM   203  C CA  . ALA A 1 35  ? 4.639   4.388   -14.041 1.00 30.43 ? 32  ALA A CA  1 
ATOM   204  C C   . ALA A 1 35  ? 6.166   4.276   -13.932 1.00 30.72 ? 32  ALA A C   1 
ATOM   205  O O   . ALA A 1 35  ? 6.861   5.280   -13.768 1.00 30.01 ? 32  ALA A O   1 
ATOM   206  C CB  . ALA A 1 35  ? 4.048   5.005   -12.779 1.00 31.32 ? 32  ALA A CB  1 
ATOM   207  N N   . ASN A 1 36  ? 6.649   3.034   -13.981 1.00 32.62 ? 33  ASN A N   1 
ATOM   208  C CA  . ASN A 1 36  ? 8.037   2.683   -13.929 1.00 30.43 ? 33  ASN A CA  1 
ATOM   209  C C   . ASN A 1 36  ? 8.682   3.018   -12.573 1.00 29.76 ? 33  ASN A C   1 
ATOM   210  O O   . ASN A 1 36  ? 9.802   3.528   -12.530 1.00 29.22 ? 33  ASN A O   1 
ATOM   211  C CB  . ASN A 1 36  ? 8.798   3.306   -15.108 1.00 31.02 ? 33  ASN A CB  1 
ATOM   212  C CG  . ASN A 1 36  ? 10.198  2.760   -15.246 1.00 28.39 ? 33  ASN A CG  1 
ATOM   213  O OD1 . ASN A 1 36  ? 10.444  1.579   -15.128 1.00 29.01 ? 33  ASN A OD1 1 
ATOM   214  N ND2 . ASN A 1 36  ? 11.121  3.635   -15.417 1.00 34.40 ? 33  ASN A ND2 1 
ATOM   215  N N   . TYR A 1 37  ? 7.983   2.686   -11.473 1.00 28.70 ? 34  TYR A N   1 
ATOM   216  C CA  . TYR A 1 37  ? 8.576   2.775   -10.156 1.00 27.66 ? 34  TYR A CA  1 
ATOM   217  C C   . TYR A 1 37  ? 9.039   1.405   -9.668  1.00 24.47 ? 34  TYR A C   1 
ATOM   218  O O   . TYR A 1 37  ? 8.549   0.340   -10.104 1.00 21.49 ? 34  TYR A O   1 
ATOM   219  C CB  . TYR A 1 37  ? 7.597   3.444   -9.137  1.00 31.09 ? 34  TYR A CB  1 
ATOM   220  C CG  . TYR A 1 37  ? 7.506   4.949   -9.299  1.00 30.61 ? 34  TYR A CG  1 
ATOM   221  C CD1 . TYR A 1 37  ? 6.841   5.491   -10.393 1.00 34.66 ? 34  TYR A CD1 1 
ATOM   222  C CD2 . TYR A 1 37  ? 8.090   5.830   -8.397  1.00 36.44 ? 34  TYR A CD2 1 
ATOM   223  C CE1 . TYR A 1 37  ? 6.731   6.855   -10.586 1.00 36.61 ? 34  TYR A CE1 1 
ATOM   224  C CE2 . TYR A 1 37  ? 8.004   7.215   -8.592  1.00 37.32 ? 34  TYR A CE2 1 
ATOM   225  C CZ  . TYR A 1 37  ? 7.325   7.719   -9.700  1.00 36.22 ? 34  TYR A CZ  1 
ATOM   226  O OH  . TYR A 1 37  ? 7.189   9.057   -9.949  1.00 36.79 ? 34  TYR A OH  1 
ATOM   227  N N   . GLN A 1 38  ? 10.046  1.462   -8.803  1.00 24.96 ? 35  GLN A N   1 
ATOM   228  C CA  . GLN A 1 38  ? 10.516  0.342   -8.075  1.00 24.92 ? 35  GLN A CA  1 
ATOM   229  C C   . GLN A 1 38  ? 9.686   0.197   -6.844  1.00 23.15 ? 35  GLN A C   1 
ATOM   230  O O   . GLN A 1 38  ? 9.577   1.171   -6.079  1.00 22.21 ? 35  GLN A O   1 
ATOM   231  C CB  . GLN A 1 38  ? 11.957  0.535   -7.632  1.00 26.71 ? 35  GLN A CB  1 
ATOM   232  C CG  . GLN A 1 38  ? 12.635  -0.689  -7.046  1.00 27.99 ? 35  GLN A CG  1 
ATOM   233  C CD  . GLN A 1 38  ? 14.162  -0.577  -7.042  1.00 33.64 ? 35  GLN A CD  1 
ATOM   234  O OE1 . GLN A 1 38  ? 14.745  0.528   -7.016  1.00 36.23 ? 35  GLN A OE1 1 
ATOM   235  N NE2 . GLN A 1 38  ? 14.828  -1.723  -7.149  1.00 34.77 ? 35  GLN A NE2 1 
ATOM   236  N N   . LEU A 1 39  ? 9.242   -1.022  -6.632  1.00 20.86 ? 36  LEU A N   1 
ATOM   237  C CA  . LEU A 1 39  ? 8.366   -1.383  -5.496  1.00 21.95 ? 36  LEU A CA  1 
ATOM   238  C C   . LEU A 1 39  ? 8.982   -2.340  -4.516  1.00 20.23 ? 36  LEU A C   1 
ATOM   239  O O   . LEU A 1 39  ? 9.528   -3.415  -4.861  1.00 22.21 ? 36  LEU A O   1 
ATOM   240  C CB  . LEU A 1 39  ? 7.018   -1.935  -5.968  1.00 20.90 ? 36  LEU A CB  1 
ATOM   241  C CG  . LEU A 1 39  ? 6.220   -1.009  -6.852  1.00 19.54 ? 36  LEU A CG  1 
ATOM   242  C CD1 . LEU A 1 39  ? 4.935   -1.681  -7.364  1.00 22.02 ? 36  LEU A CD1 1 
ATOM   243  C CD2 . LEU A 1 39  ? 5.837   0.380   -6.336  1.00 22.11 ? 36  LEU A CD2 1 
ATOM   244  N N   . TYR A 1 40  ? 8.877   -2.001  -3.226  1.00 19.89 ? 37  TYR A N   1 
ATOM   245  C CA  . TYR A 1 40  ? 9.100   -2.933  -2.157  1.00 18.40 ? 37  TYR A CA  1 
ATOM   246  C C   . TYR A 1 40  ? 7.740   -3.259  -1.489  1.00 21.24 ? 37  TYR A C   1 
ATOM   247  O O   . TYR A 1 40  ? 7.114   -2.380  -0.910  1.00 17.28 ? 37  TYR A O   1 
ATOM   248  C CB  . TYR A 1 40  ? 10.013  -2.366  -1.065  1.00 20.32 ? 37  TYR A CB  1 
ATOM   249  C CG  . TYR A 1 40  ? 11.426  -2.072  -1.476  1.00 21.91 ? 37  TYR A CG  1 
ATOM   250  C CD1 . TYR A 1 40  ? 12.111  -2.877  -2.435  1.00 26.06 ? 37  TYR A CD1 1 
ATOM   251  C CD2 . TYR A 1 40  ? 12.139  -1.041  -0.879  1.00 25.28 ? 37  TYR A CD2 1 
ATOM   252  C CE1 . TYR A 1 40  ? 13.422  -2.609  -2.797  1.00 27.02 ? 37  TYR A CE1 1 
ATOM   253  C CE2 . TYR A 1 40  ? 13.417  -0.774  -1.253  1.00 27.48 ? 37  TYR A CE2 1 
ATOM   254  C CZ  . TYR A 1 40  ? 14.060  -1.557  -2.205  1.00 26.04 ? 37  TYR A CZ  1 
ATOM   255  O OH  . TYR A 1 40  ? 15.367  -1.187  -2.462  1.00 30.53 ? 37  TYR A OH  1 
ATOM   256  N N   . ILE A 1 41  ? 7.326   -4.529  -1.561  1.00 19.39 ? 38  ILE A N   1 
ATOM   257  C CA  . ILE A 1 41  ? 6.014   -4.985  -1.216  1.00 17.63 ? 38  ILE A CA  1 
ATOM   258  C C   . ILE A 1 41  ? 6.049   -5.799  0.061   1.00 19.79 ? 38  ILE A C   1 
ATOM   259  O O   . ILE A 1 41  ? 6.772   -6.748  0.183   1.00 22.33 ? 38  ILE A O   1 
ATOM   260  C CB  . ILE A 1 41  ? 5.330   -5.788  -2.367  1.00 19.43 ? 38  ILE A CB  1 
ATOM   261  C CG1 . ILE A 1 41  ? 5.200   -4.853  -3.568  1.00 21.67 ? 38  ILE A CG1 1 
ATOM   262  C CG2 . ILE A 1 41  ? 3.938   -6.241  -1.943  1.00 22.93 ? 38  ILE A CG2 1 
ATOM   263  C CD1 . ILE A 1 41  ? 4.413   -5.327  -4.776  1.00 24.06 ? 38  ILE A CD1 1 
ATOM   264  N N   . LEU A 1 42  ? 5.211   -5.403  1.028   1.00 18.27 ? 39  LEU A N   1 
ATOM   265  C CA  . LEU A 1 42  ? 4.976   -6.030  2.275   1.00 17.29 ? 39  LEU A CA  1 
ATOM   266  C C   . LEU A 1 42  ? 3.501   -6.473  2.404   1.00 19.16 ? 39  LEU A C   1 
ATOM   267  O O   . LEU A 1 42  ? 2.553   -5.713  2.122   1.00 20.67 ? 39  LEU A O   1 
ATOM   268  C CB  . LEU A 1 42  ? 5.296   -5.039  3.422   1.00 19.77 ? 39  LEU A CB  1 
ATOM   269  C CG  . LEU A 1 42  ? 6.503   -4.130  3.236   1.00 19.84 ? 39  LEU A CG  1 
ATOM   270  C CD1 . LEU A 1 42  ? 6.642   -3.199  4.439   1.00 19.20 ? 39  LEU A CD1 1 
ATOM   271  C CD2 . LEU A 1 42  ? 7.700   -5.041  3.028   1.00 20.85 ? 39  LEU A CD2 1 
ATOM   272  N N   . CYS A 1 43  ? 3.268   -7.693  2.849   1.00 18.52 ? 40  CYS A N   1 
ATOM   273  C CA  . CYS A 1 43  ? 1.903   -8.165  2.946   1.00 22.16 ? 40  CYS A CA  1 
ATOM   274  C C   . CYS A 1 43  ? 1.746   -8.845  4.270   1.00 24.39 ? 40  CYS A C   1 
ATOM   275  O O   . CYS A 1 43  ? 2.569   -9.686  4.609   1.00 22.98 ? 40  CYS A O   1 
ATOM   276  C CB  . CYS A 1 43  ? 1.655   -9.080  1.703   1.00 26.01 ? 40  CYS A CB  1 
ATOM   277  S SG  . CYS A 1 43  ? -0.050  -9.575  1.629   1.00 32.91 ? 40  CYS A SG  1 
ATOM   278  N N   . SER A 1 44  ? 0.719   -8.485  5.056   1.00 22.70 ? 41  SER A N   1 
ATOM   279  C CA  . SER A 1 44  ? 0.500   -9.121  6.341   1.00 20.01 ? 41  SER A CA  1 
ATOM   280  C C   . SER A 1 44  ? -0.123  -10.493 6.122   1.00 20.43 ? 41  SER A C   1 
ATOM   281  O O   . SER A 1 44  ? -0.510  -10.788 5.033   1.00 21.69 ? 41  SER A O   1 
ATOM   282  C CB  . SER A 1 44  ? -0.469  -8.302  7.211   1.00 20.86 ? 41  SER A CB  1 
ATOM   283  O OG  . SER A 1 44  ? -1.747  -8.365  6.742   1.00 19.38 ? 41  SER A OG  1 
ATOM   284  N N   . SER A 1 45  ? -0.270  -11.276 7.185   1.00 24.72 ? 42  SER A N   1 
ATOM   285  C CA  . SER A 1 45  ? -0.965  -12.566 7.124   1.00 24.48 ? 42  SER A CA  1 
ATOM   286  C C   . SER A 1 45  ? -2.367  -12.464 6.554   1.00 25.59 ? 42  SER A C   1 
ATOM   287  O O   . SER A 1 45  ? -2.734  -13.148 5.572   1.00 27.89 ? 42  SER A O   1 
ATOM   288  C CB  . SER A 1 45  ? -0.980  -13.180 8.495   1.00 26.98 ? 42  SER A CB  1 
ATOM   289  O OG  . SER A 1 45  ? 0.295   -13.711 8.754   1.00 29.73 ? 42  SER A OG  1 
ATOM   290  N N   . ALA A 1 46  ? -3.144  -11.582 7.181   1.00 22.18 ? 43  ALA A N   1 
ATOM   291  C CA  . ALA A 1 46  ? -4.484  -11.272 6.745   1.00 21.00 ? 43  ALA A CA  1 
ATOM   292  C C   . ALA A 1 46  ? -4.504  -10.648 5.381   1.00 20.29 ? 43  ALA A C   1 
ATOM   293  O O   . ALA A 1 46  ? -5.458  -10.854 4.643   1.00 23.06 ? 43  ALA A O   1 
ATOM   294  C CB  . ALA A 1 46  ? -5.112  -10.330 7.742   1.00 22.70 ? 43  ALA A CB  1 
ATOM   295  N N   . GLY A 1 47  ? -3.472  -9.868  5.045   1.00 17.62 ? 44  GLY A N   1 
ATOM   296  C CA  . GLY A 1 47  ? -3.352  -9.254  3.650   1.00 17.98 ? 44  GLY A CA  1 
ATOM   297  C C   . GLY A 1 47  ? -3.330  -10.414 2.565   1.00 20.92 ? 44  GLY A C   1 
ATOM   298  O O   . GLY A 1 47  ? -4.077  -10.410 1.567   1.00 19.21 ? 44  GLY A O   1 
ATOM   299  N N   . ARG A 1 48  ? -2.478  -11.376 2.809   1.00 22.15 ? 45  ARG A N   1 
ATOM   300  C CA  . ARG A 1 48  ? -2.332  -12.555 1.904   1.00 26.46 ? 45  ARG A CA  1 
ATOM   301  C C   . ARG A 1 48  ? -3.642  -13.315 1.686   1.00 28.41 ? 45  ARG A C   1 
ATOM   302  O O   . ARG A 1 48  ? -4.080  -13.564 0.560   1.00 28.15 ? 45  ARG A O   1 
ATOM   303  C CB  . ARG A 1 48  ? -1.234  -13.445 2.478   1.00 31.08 ? 45  ARG A CB  1 
ATOM   304  C CG  . ARG A 1 48  ? -0.439  -14.214 1.452   1.00 34.57 ? 45  ARG A CG  1 
ATOM   305  C CD  . ARG A 1 48  ? 0.870   -14.715 2.021   1.00 36.23 ? 45  ARG A CD  1 
ATOM   306  N NE  . ARG A 1 48  ? 1.967   -13.785 1.695   1.00 34.68 ? 45  ARG A NE  1 
ATOM   307  C CZ  . ARG A 1 48  ? 2.646   -13.046 2.590   1.00 42.16 ? 45  ARG A CZ  1 
ATOM   308  N NH1 . ARG A 1 48  ? 2.371   -13.120 3.918   1.00 41.46 ? 45  ARG A NH1 1 
ATOM   309  N NH2 . ARG A 1 48  ? 3.616   -12.214 2.160   1.00 42.20 ? 45  ARG A NH2 1 
ATOM   310  N N   . ILE A 1 49  ? -4.330  -13.592 2.780   1.00 26.15 ? 46  ILE A N   1 
ATOM   311  C CA  . ILE A 1 49  ? -5.600  -14.295 2.765   1.00 29.46 ? 46  ILE A CA  1 
ATOM   312  C C   . ILE A 1 49  ? -6.694  -13.446 2.126   1.00 31.37 ? 46  ILE A C   1 
ATOM   313  O O   . ILE A 1 49  ? -7.534  -13.971 1.417   1.00 24.48 ? 46  ILE A O   1 
ATOM   314  C CB  . ILE A 1 49  ? -5.975  -14.729 4.212   1.00 32.28 ? 46  ILE A CB  1 
ATOM   315  C CG1 . ILE A 1 49  ? -4.869  -15.665 4.718   1.00 35.51 ? 46  ILE A CG1 1 
ATOM   316  C CG2 . ILE A 1 49  ? -7.350  -15.376 4.277   1.00 32.60 ? 46  ILE A CG2 1 
ATOM   317  C CD1 . ILE A 1 49  ? -4.562  -16.802 3.762   1.00 36.14 ? 46  ILE A CD1 1 
ATOM   318  N N   . SER A 1 50  ? -6.653  -12.120 2.327   1.00 26.58 ? 47  SER A N   1 
ATOM   319  C CA  . SER A 1 50  ? -7.567  -11.242 1.641   1.00 25.80 ? 47  SER A CA  1 
ATOM   320  C C   . SER A 1 50  ? -7.453  -11.252 0.121   1.00 24.86 ? 47  SER A C   1 
ATOM   321  O O   . SER A 1 50  ? -8.453  -11.115 -0.588  1.00 26.24 ? 47  SER A O   1 
ATOM   322  C CB  . SER A 1 50  ? -7.333  -9.765  2.131   1.00 23.26 ? 47  SER A CB  1 
ATOM   323  O OG  . SER A 1 50  ? -8.232  -8.881  1.500   1.00 27.00 ? 47  SER A OG  1 
ATOM   324  N N   . LEU A 1 51  ? -6.218  -11.253 -0.349  1.00 25.84 ? 48  LEU A N   1 
ATOM   325  C CA  . LEU A 1 51  ? -5.915  -11.301 -1.783  0.96 24.84 ? 48  LEU A CA  1 
ATOM   326  C C   . LEU A 1 51  ? -6.456  -12.556 -2.427  1.00 25.76 ? 48  LEU A C   1 
ATOM   327  O O   . LEU A 1 51  ? -6.968  -12.493 -3.542  1.00 23.02 ? 48  LEU A O   1 
ATOM   328  C CB  . LEU A 1 51  ? -4.393  -11.204 -2.028  1.00 27.70 ? 48  LEU A CB  1 
ATOM   329  C CG  . LEU A 1 51  ? -3.837  -9.764  -1.857  1.00 29.61 ? 48  LEU A CG  1 
ATOM   330  C CD1 . LEU A 1 51  ? -2.323  -9.706  -1.678  1.00 33.26 ? 48  LEU A CD1 1 
ATOM   331  C CD2 . LEU A 1 51  ? -4.232  -8.904  -3.022  1.00 37.44 ? 48  LEU A CD2 1 
ATOM   332  N N   . ASP A 1 52  ? -6.308  -13.684 -1.736  1.00 27.91 ? 49  ASP A N   1 
ATOM   333  C CA  . ASP A 1 52  ? -6.871  -14.999 -2.223  1.00 29.00 ? 49  ASP A CA  1 
ATOM   334  C C   . ASP A 1 52  ? -8.417  -14.969 -2.293  1.00 28.82 ? 49  ASP A C   1 
ATOM   335  O O   . ASP A 1 52  ? -9.041  -15.062 -3.379  1.00 32.03 ? 49  ASP A O   1 
ATOM   336  C CB  . ASP A 1 52  ? -6.405  -16.091 -1.289  1.00 27.93 ? 49  ASP A CB  1 
ATOM   337  C CG  . ASP A 1 52  ? -6.402  -17.495 -1.920  1.00 34.06 ? 49  ASP A CG  1 
ATOM   338  O OD1 . ASP A 1 52  ? -6.918  -17.743 -3.062  1.00 30.95 ? 49  ASP A OD1 1 
ATOM   339  O OD2 . ASP A 1 52  ? -5.873  -18.366 -1.206  1.00 39.35 ? 49  ASP A OD2 1 
ATOM   340  N N   . THR A 1 53  ? -9.057  -14.783 -1.155  1.00 29.87 ? 50  THR A N   1 
ATOM   341  C CA  . THR A 1 53  ? -10.511 -14.624 -1.086  1.00 32.72 ? 50  THR A CA  1 
ATOM   342  C C   . THR A 1 53  ? -11.114 -13.594 -2.002  1.00 33.19 ? 50  THR A C   1 
ATOM   343  O O   . THR A 1 53  ? -11.998 -13.881 -2.793  1.00 33.42 ? 50  THR A O   1 
ATOM   344  C CB  . THR A 1 53  ? -10.860 -14.266 0.353   1.00 36.65 ? 50  THR A CB  1 
ATOM   345  O OG1 . THR A 1 53  ? -10.075 -15.100 1.189   1.00 40.90 ? 50  THR A OG1 1 
ATOM   346  C CG2 . THR A 1 53  ? -12.301 -14.487 0.652   1.00 36.82 ? 50  THR A CG2 1 
ATOM   347  N N   . GLU A 1 54  ? -10.673 -12.349 -1.903  1.00 31.62 ? 51  GLU A N   1 
ATOM   348  C CA  . GLU A 1 54  ? -11.304 -11.304 -2.706  1.00 29.81 ? 51  GLU A CA  1 
ATOM   349  C C   . GLU A 1 54  ? -10.960 -11.339 -4.206  1.00 28.41 ? 51  GLU A C   1 
ATOM   350  O O   . GLU A 1 54  ? -11.823 -11.046 -5.064  1.00 31.51 ? 51  GLU A O   1 
ATOM   351  C CB  . GLU A 1 54  ? -10.984 -9.920  -2.131  1.00 30.12 ? 51  GLU A CB  1 
ATOM   352  C CG  . GLU A 1 54  ? -11.911 -9.533  -1.046  1.00 32.27 ? 51  GLU A CG  1 
ATOM   353  C CD  . GLU A 1 54  ? -11.265 -8.495  -0.137  1.00 34.58 ? 51  GLU A CD  1 
ATOM   354  O OE1 . GLU A 1 54  ? -10.710 -7.504  -0.677  1.00 27.63 ? 51  GLU A OE1 1 
ATOM   355  O OE2 . GLU A 1 54  ? -11.316 -8.727  1.096   1.00 35.81 ? 51  GLU A OE2 1 
ATOM   356  N N   . VAL A 1 55  ? -9.730  -11.660 -4.563  1.00 27.99 ? 52  VAL A N   1 
ATOM   357  C CA  . VAL A 1 55  ? -9.380  -11.542 -5.983  1.00 31.68 ? 52  VAL A CA  1 
ATOM   358  C C   . VAL A 1 55  ? -8.651  -12.703 -6.614  1.00 26.58 ? 52  VAL A C   1 
ATOM   359  O O   . VAL A 1 55  ? -8.188  -12.593 -7.737  1.00 25.49 ? 52  VAL A O   1 
ATOM   360  C CB  . VAL A 1 55  ? -8.648  -10.210 -6.291  1.00 37.13 ? 52  VAL A CB  1 
ATOM   361  C CG1 . VAL A 1 55  ? -9.622  -9.061  -6.148  1.00 39.65 ? 52  VAL A CG1 1 
ATOM   362  C CG2 . VAL A 1 55  ? -7.438  -10.010 -5.402  1.00 42.62 ? 52  VAL A CG2 1 
ATOM   363  N N   . GLY A 1 56  ? -8.538  -13.787 -5.869  1.00 25.71 ? 53  GLY A N   1 
ATOM   364  C CA  . GLY A 1 56  ? -7.890  -15.019 -6.338  1.00 32.99 ? 53  GLY A CA  1 
ATOM   365  C C   . GLY A 1 56  ? -6.403  -14.948 -6.636  1.00 35.79 ? 53  GLY A C   1 
ATOM   366  O O   . GLY A 1 56  ? -5.894  -15.675 -7.473  1.00 36.25 ? 53  GLY A O   1 
ATOM   367  N N   . VAL A 1 57  ? -5.700  -14.074 -5.945  1.00 30.80 ? 54  VAL A N   1 
ATOM   368  C CA  . VAL A 1 57  ? -4.277  -13.904 -6.121  1.00 31.96 ? 54  VAL A CA  1 
ATOM   369  C C   . VAL A 1 57  ? -3.693  -14.613 -4.926  1.00 30.71 ? 54  VAL A C   1 
ATOM   370  O O   . VAL A 1 57  ? -4.054  -14.316 -3.788  1.00 30.99 ? 54  VAL A O   1 
ATOM   371  C CB  . VAL A 1 57  ? -3.899  -12.406 -6.223  1.00 32.67 ? 54  VAL A CB  1 
ATOM   372  C CG1 . VAL A 1 57  ? -2.392  -12.219 -6.259  1.00 33.29 ? 54  VAL A CG1 1 
ATOM   373  C CG2 . VAL A 1 57  ? -4.519  -11.795 -7.475  1.00 33.44 ? 54  VAL A CG2 1 
ATOM   374  N N   . LYS A 1 58  ? -2.856  -15.620 -5.191  1.00 33.32 ? 55  LYS A N   1 
ATOM   375  C CA  . LYS A 1 58  ? -2.325  -16.489 -4.156  1.00 35.44 ? 55  LYS A CA  1 
ATOM   376  C C   . LYS A 1 58  ? -0.784  -16.201 -4.069  1.00 35.91 ? 55  LYS A C   1 
ATOM   377  O O   . LYS A 1 58  ? 0.046   -16.855 -4.676  1.00 38.35 ? 55  LYS A O   1 
ATOM   378  C CB  . LYS A 1 58  ? -2.704  -17.967 -4.472  1.00 37.02 ? 55  LYS A CB  1 
ATOM   379  C CG  . LYS A 1 58  ? -2.691  -18.964 -3.309  1.00 41.93 ? 55  LYS A CG  1 
ATOM   380  C CD  . LYS A 1 58  ? -3.858  -20.000 -3.354  1.00 41.65 ? 55  LYS A CD  1 
ATOM   381  C CE  . LYS A 1 58  ? -3.941  -20.802 -4.655  1.00 43.58 ? 55  LYS A CE  1 
ATOM   382  N NZ  . LYS A 1 58  ? -5.025  -21.843 -4.753  1.00 41.66 ? 55  LYS A NZ  1 
ATOM   383  N N   . ILE A 1 59  ? -0.429  -15.192 -3.286  1.00 34.45 ? 56  ILE A N   1 
ATOM   384  C CA  . ILE A 1 59  ? 0.966   -14.824 -3.098  1.00 37.64 ? 56  ILE A CA  1 
ATOM   385  C C   . ILE A 1 59  ? 1.708   -15.902 -2.273  1.00 38.09 ? 56  ILE A C   1 
ATOM   386  O O   . ILE A 1 59  ? 1.256   -16.249 -1.159  1.00 40.77 ? 56  ILE A O   1 
ATOM   387  C CB  . ILE A 1 59  ? 1.039   -13.397 -2.494  1.00 39.67 ? 56  ILE A CB  1 
ATOM   388  C CG1 . ILE A 1 59  ? 0.526   -12.417 -3.552  1.00 40.13 ? 56  ILE A CG1 1 
ATOM   389  C CG2 . ILE A 1 59  ? 2.472   -13.056 -2.036  1.00 41.07 ? 56  ILE A CG2 1 
ATOM   390  C CD1 . ILE A 1 59  ? 0.353   -10.998 -3.065  1.00 44.28 ? 56  ILE A CD1 1 
ATOM   391  N N   . PRO A 1 60  ? 2.810   -16.487 -2.829  1.00 34.29 ? 57  PRO A N   1 
ATOM   392  C CA  . PRO A 1 60  ? 3.500   -17.497 -2.018  1.00 39.22 ? 57  PRO A CA  1 
ATOM   393  C C   . PRO A 1 60  ? 3.998   -16.827 -0.764  1.00 42.06 ? 57  PRO A C   1 
ATOM   394  O O   . PRO A 1 60  ? 4.334   -15.656 -0.830  1.00 42.95 ? 57  PRO A O   1 
ATOM   395  C CB  . PRO A 1 60  ? 4.692   -17.924 -2.892  1.00 39.30 ? 57  PRO A CB  1 
ATOM   396  C CG  . PRO A 1 60  ? 4.326   -17.552 -4.269  1.00 35.85 ? 57  PRO A CG  1 
ATOM   397  C CD  . PRO A 1 60  ? 3.462   -16.315 -4.145  1.00 37.32 ? 57  PRO A CD  1 
ATOM   398  N N   . SER A 1 61  ? 4.035   -17.522 0.367   1.00 45.27 ? 58  SER A N   1 
ATOM   399  C CA  . SER A 1 61  ? 4.548   -16.890 1.586   1.00 48.56 ? 58  SER A CA  1 
ATOM   400  C C   . SER A 1 61  ? 6.058   -16.703 1.525   1.00 43.59 ? 58  SER A C   1 
ATOM   401  O O   . SER A 1 61  ? 6.567   -15.728 2.055   1.00 44.85 ? 58  SER A O   1 
ATOM   402  C CB  . SER A 1 61  ? 4.150   -17.641 2.857   1.00 50.47 ? 58  SER A CB  1 
ATOM   403  O OG  . SER A 1 61  ? 3.920   -16.714 3.914   1.00 51.04 ? 58  SER A OG  1 
ATOM   404  N N   . SER A 1 62  ? 6.771   -17.610 0.874   1.00 40.84 ? 59  SER A N   1 
ATOM   405  C CA  . SER A 1 62  ? 8.226   -17.406 0.637   1.00 41.21 ? 59  SER A CA  1 
ATOM   406  C C   . SER A 1 62  ? 8.537   -16.053 -0.035  1.00 38.61 ? 59  SER A C   1 
ATOM   407  O O   . SER A 1 62  ? 8.131   -15.827 -1.149  1.00 39.94 ? 59  SER A O   1 
ATOM   408  C CB  . SER A 1 62  ? 8.823   -18.571 -0.204  1.00 38.72 ? 59  SER A CB  1 
ATOM   409  O OG  . SER A 1 62  ? 9.906   -18.135 -1.022  1.00 37.61 ? 59  SER A OG  1 
ATOM   410  N N   . PRO A 1 63  ? 9.304   -15.162 0.621   1.00 36.70 ? 60  PRO A N   1 
ATOM   411  C CA  . PRO A 1 63  ? 9.532   -13.879 -0.077  1.00 36.30 ? 60  PRO A CA  1 
ATOM   412  C C   . PRO A 1 63  ? 10.186  -13.941 -1.464  1.00 35.07 ? 60  PRO A C   1 
ATOM   413  O O   . PRO A 1 63  ? 9.795   -13.183 -2.354  1.00 33.70 ? 60  PRO A O   1 
ATOM   414  C CB  . PRO A 1 63  ? 10.413  -13.099 0.923   1.00 38.75 ? 60  PRO A CB  1 
ATOM   415  C CG  . PRO A 1 63  ? 10.134  -13.736 2.240   1.00 33.86 ? 60  PRO A CG  1 
ATOM   416  C CD  . PRO A 1 63  ? 10.000  -15.195 1.914   1.00 36.74 ? 60  PRO A CD  1 
ATOM   417  N N   . ASP A 1 64  ? 11.092  -14.886 -1.711  1.00 37.42 ? 61  ASP A N   1 
ATOM   418  C CA  . ASP A 1 64  ? 11.725  -14.974 -3.040  1.00 38.01 ? 61  ASP A CA  1 
ATOM   419  C C   . ASP A 1 64  ? 10.742  -15.408 -4.135  1.00 35.37 ? 61  ASP A C   1 
ATOM   420  O O   . ASP A 1 64  ? 10.605  -14.748 -5.185  1.00 34.03 ? 61  ASP A O   1 
ATOM   421  C CB  . ASP A 1 64  ? 12.924  -15.942 -3.019  1.00 46.20 ? 61  ASP A CB  1 
ATOM   422  C CG  . ASP A 1 64  ? 14.229  -15.248 -2.687  1.00 49.03 ? 61  ASP A CG  1 
ATOM   423  O OD1 . ASP A 1 64  ? 14.292  -14.450 -1.713  1.00 45.19 ? 61  ASP A OD1 1 
ATOM   424  O OD2 . ASP A 1 64  ? 15.196  -15.518 -3.419  1.00 51.79 ? 61  ASP A OD2 1 
ATOM   425  N N   . ALA A 1 65  ? 10.021  -16.486 -3.859  1.00 34.95 ? 62  ALA A N   1 
ATOM   426  C CA  . ALA A 1 65  ? 9.038   -16.988 -4.772  1.00 35.27 ? 62  ALA A CA  1 
ATOM   427  C C   . ALA A 1 65  ? 7.890   -15.979 -4.895  1.00 34.18 ? 62  ALA A C   1 
ATOM   428  O O   . ALA A 1 65  ? 7.184   -15.955 -5.919  1.00 34.00 ? 62  ALA A O   1 
ATOM   429  C CB  . ALA A 1 65  ? 8.539   -18.348 -4.319  1.00 35.67 ? 62  ALA A CB  1 
ATOM   430  N N   . ALA A 1 66  ? 7.694   -15.151 -3.871  1.00 31.51 ? 63  ALA A N   1 
ATOM   431  C CA  . ALA A 1 66  ? 6.644   -14.133 -3.963  1.00 31.52 ? 63  ALA A CA  1 
ATOM   432  C C   . ALA A 1 66  ? 7.056   -13.029 -4.882  1.00 24.84 ? 63  ALA A C   1 
ATOM   433  O O   . ALA A 1 66  ? 6.228   -12.486 -5.615  1.00 29.44 ? 63  ALA A O   1 
ATOM   434  C CB  . ALA A 1 66  ? 6.299   -13.586 -2.588  1.00 29.39 ? 63  ALA A CB  1 
ATOM   435  N N   . SER A 1 67  ? 8.322   -12.645 -4.840  1.00 27.87 ? 64  SER A N   1 
ATOM   436  C CA  . SER A 1 67  ? 8.831   -11.597 -5.727  1.00 28.22 ? 64  SER A CA  1 
ATOM   437  C C   . SER A 1 67  ? 8.718   -12.040 -7.174  1.00 30.26 ? 64  SER A C   1 
ATOM   438  O O   . SER A 1 67  ? 8.379   -11.264 -8.049  1.00 33.09 ? 64  SER A O   1 
ATOM   439  C CB  . SER A 1 67  ? 10.303  -11.225 -5.420  1.00 28.64 ? 64  SER A CB  1 
ATOM   440  O OG  . SER A 1 67  ? 10.459  -10.795 -4.034  1.00 28.70 ? 64  SER A OG  1 
ATOM   441  N N   . LYS A 1 68  ? 9.001   -13.299 -7.408  1.00 28.88 ? 65  LYS A N   1 
ATOM   442  C CA  . LYS A 1 68  ? 9.093   -13.815 -8.789  1.00 32.53 ? 65  LYS A CA  1 
ATOM   443  C C   . LYS A 1 68  ? 7.704   -13.824 -9.367  1.00 27.68 ? 65  LYS A C   1 
ATOM   444  O O   . LYS A 1 68  ? 7.456   -13.366 -10.526 1.00 32.14 ? 65  LYS A O   1 
ATOM   445  C CB  . LYS A 1 68  ? 9.683   -15.230 -8.740  1.00 32.64 ? 65  LYS A CB  1 
ATOM   446  C CG  . LYS A 1 68  ? 9.500   -16.037 -10.010 1.00 38.61 ? 65  LYS A CG  1 
ATOM   447  C CD  . LYS A 1 68  ? 10.440  -17.214 -10.016 1.00 44.17 ? 65  LYS A CD  1 
ATOM   448  C CE  . LYS A 1 68  ? 10.413  -17.972 -11.339 1.00 46.51 ? 65  LYS A CE  1 
ATOM   449  N NZ  . LYS A 1 68  ? 11.439  -19.058 -11.302 1.00 48.56 ? 65  LYS A NZ  1 
ATOM   450  N N   . PHE A 1 69  ? 6.822   -14.342 -8.534  1.00 28.23 ? 66  PHE A N   1 
ATOM   451  C CA  . PHE A 1 69  ? 5.357   -14.400 -8.784  1.00 26.51 ? 66  PHE A CA  1 
ATOM   452  C C   . PHE A 1 69  ? 4.745   -13.088 -9.173  1.00 30.23 ? 66  PHE A C   1 
ATOM   453  O O   . PHE A 1 69  ? 3.964   -13.036 -10.134 1.00 28.55 ? 66  PHE A O   1 
ATOM   454  C CB  . PHE A 1 69  ? 4.672   -14.980 -7.549  1.00 28.67 ? 66  PHE A CB  1 
ATOM   455  C CG  . PHE A 1 69  ? 3.175   -15.096 -7.670  1.00 32.66 ? 66  PHE A CG  1 
ATOM   456  C CD1 . PHE A 1 69  ? 2.577   -16.223 -8.217  1.00 35.67 ? 66  PHE A CD1 1 
ATOM   457  C CD2 . PHE A 1 69  ? 2.351   -14.062 -7.239  1.00 32.63 ? 66  PHE A CD2 1 
ATOM   458  C CE1 . PHE A 1 69  ? 1.200   -16.316 -8.317  1.00 39.24 ? 66  PHE A CE1 1 
ATOM   459  C CE2 . PHE A 1 69  ? 0.962   -14.155 -7.347  1.00 34.28 ? 66  PHE A CE2 1 
ATOM   460  C CZ  . PHE A 1 69  ? 0.390   -15.271 -7.892  1.00 38.39 ? 66  PHE A CZ  1 
ATOM   461  N N   . LEU A 1 70  ? 5.012   -12.012 -8.430  1.00 27.41 ? 67  LEU A N   1 
ATOM   462  C CA  . LEU A 1 70  ? 4.437   -10.751 -8.809  1.00 26.61 ? 67  LEU A CA  1 
ATOM   463  C C   . LEU A 1 70  ? 5.172   -10.212 -10.015 1.00 24.14 ? 67  LEU A C   1 
ATOM   464  O O   . LEU A 1 70  ? 4.629   -9.516  -10.802 1.00 24.97 ? 67  LEU A O   1 
ATOM   465  C CB  . LEU A 1 70  ? 4.481   -9.735  -7.658  1.00 27.28 ? 67  LEU A CB  1 
ATOM   466  C CG  . LEU A 1 70  ? 3.574   -10.043 -6.498  1.00 29.89 ? 67  LEU A CG  1 
ATOM   467  C CD1 . LEU A 1 70  ? 3.841   -9.037  -5.395  1.00 30.07 ? 67  LEU A CD1 1 
ATOM   468  C CD2 . LEU A 1 70  ? 2.124   -9.962  -6.949  1.00 29.89 ? 67  LEU A CD2 1 
ATOM   469  N N   . THR A 1 71  ? 6.461   -10.517 -10.147 1.00 25.57 ? 68  THR A N   1 
ATOM   470  C CA  . THR A 1 71  ? 7.188   -10.034 -11.276 1.00 26.70 ? 68  THR A CA  1 
ATOM   471  C C   . THR A 1 71  ? 6.556   -10.567 -12.588 1.00 27.47 ? 68  THR A C   1 
ATOM   472  O O   . THR A 1 71  ? 6.433   -9.851  -13.594 1.00 27.78 ? 68  THR A O   1 
ATOM   473  C CB  . THR A 1 71  ? 8.691   -10.363 -11.216 1.00 25.99 ? 68  THR A CB  1 
ATOM   474  O OG1 . THR A 1 71  ? 9.292   -9.671  -10.132 1.00 27.00 ? 68  THR A OG1 1 
ATOM   475  C CG2 . THR A 1 71  ? 9.375   -9.829  -12.479 1.00 27.20 ? 68  THR A CG2 1 
ATOM   476  N N   . GLU A 1 72  ? 6.131   -11.817 -12.559 1.00 30.14 ? 69  GLU A N   1 
ATOM   477  C CA  . GLU A 1 72  ? 5.578   -12.428 -13.799 1.00 31.08 ? 69  GLU A CA  1 
ATOM   478  C C   . GLU A 1 72  ? 4.166   -11.998 -13.969 1.00 31.01 ? 69  GLU A C   1 
ATOM   479  O O   . GLU A 1 72  ? 3.736   -11.694 -15.068 1.00 34.38 ? 69  GLU A O   1 
ATOM   480  C CB  . GLU A 1 72  ? 5.563   -13.898 -13.696 1.00 34.74 ? 69  GLU A CB  1 
ATOM   481  C CG  . GLU A 1 72  ? 6.913   -14.559 -13.684 1.00 40.92 ? 69  GLU A CG  1 
ATOM   482  C CD  . GLU A 1 72  ? 6.740   -15.921 -13.080 1.00 44.35 ? 69  GLU A CD  1 
ATOM   483  O OE1 . GLU A 1 72  ? 5.717   -16.067 -12.385 1.00 48.51 ? 69  GLU A OE1 1 
ATOM   484  O OE2 . GLU A 1 72  ? 7.583   -16.819 -13.286 1.00 44.45 ? 69  GLU A OE2 1 
ATOM   485  N N   . LYS A 1 73  ? 3.419   -11.957 -12.875 1.00 32.31 ? 70  LYS A N   1 
ATOM   486  C CA  . LYS A 1 73  ? 2.082   -11.443 -12.999 1.00 32.23 ? 70  LYS A CA  1 
ATOM   487  C C   . LYS A 1 73  ? 1.972   -10.119 -13.743 1.00 29.48 ? 70  LYS A C   1 
ATOM   488  O O   . LYS A 1 73  ? 1.205   -9.962  -14.668 1.00 27.00 ? 70  LYS A O   1 
ATOM   489  C CB  . LYS A 1 73  ? 1.453   -11.303 -11.629 1.00 37.05 ? 70  LYS A CB  1 
ATOM   490  C CG  . LYS A 1 73  ? -0.017  -10.974 -11.709 1.00 35.44 ? 70  LYS A CG  1 
ATOM   491  C CD  . LYS A 1 73  ? -0.659  -11.069 -10.335 1.00 40.45 ? 70  LYS A CD  1 
ATOM   492  C CE  . LYS A 1 73  ? -2.142  -10.767 -10.463 1.00 40.26 ? 70  LYS A CE  1 
ATOM   493  N NZ  . LYS A 1 73  ? -2.895  -11.934 -10.990 1.00 41.55 ? 70  LYS A NZ  1 
ATOM   494  N N   . TYR A 1 74  ? 2.740   -9.147  -13.312 1.00 30.28 ? 71  TYR A N   1 
ATOM   495  C CA  . TYR A 1 74  ? 2.698   -7.794  -13.831 1.00 30.49 ? 71  TYR A CA  1 
ATOM   496  C C   . TYR A 1 74  ? 3.742   -7.519  -14.887 1.00 35.28 ? 71  TYR A C   1 
ATOM   497  O O   . TYR A 1 74  ? 3.754   -6.412  -15.441 1.00 29.86 ? 71  TYR A O   1 
ATOM   498  C CB  . TYR A 1 74  ? 2.959   -6.792  -12.690 1.00 31.64 ? 71  TYR A CB  1 
ATOM   499  C CG  . TYR A 1 74  ? 1.832   -6.682  -11.704 1.00 26.18 ? 71  TYR A CG  1 
ATOM   500  C CD1 . TYR A 1 74  ? 0.712   -5.929  -12.029 1.00 29.48 ? 71  TYR A CD1 1 
ATOM   501  C CD2 . TYR A 1 74  ? 1.857   -7.314  -10.482 1.00 26.81 ? 71  TYR A CD2 1 
ATOM   502  C CE1 . TYR A 1 74  ? -0.328  -5.783  -11.139 1.00 29.00 ? 71  TYR A CE1 1 
ATOM   503  C CE2 . TYR A 1 74  ? 0.787   -7.164  -9.583  1.00 27.44 ? 71  TYR A CE2 1 
ATOM   504  C CZ  . TYR A 1 74  ? -0.292  -6.428  -9.948  1.00 27.80 ? 71  TYR A CZ  1 
ATOM   505  O OH  . TYR A 1 74  ? -1.370  -6.210  -9.124  1.00 38.27 ? 71  TYR A OH  1 
ATOM   506  N N   . GLN A 1 75  ? 4.643   -8.480  -15.144 1.00 38.65 ? 72  GLN A N   1 
ATOM   507  C CA  . GLN A 1 75  ? 5.578   -8.362  -16.273 1.00 41.46 ? 72  GLN A CA  1 
ATOM   508  C C   . GLN A 1 75  ? 6.593   -7.273  -16.004 1.00 38.91 ? 72  GLN A C   1 
ATOM   509  O O   . GLN A 1 75  ? 6.835   -6.399  -16.838 1.00 38.53 ? 72  GLN A O   1 
ATOM   510  C CB  . GLN A 1 75  ? 4.805   -8.047  -17.562 1.00 44.56 ? 72  GLN A CB  1 
ATOM   511  C CG  . GLN A 1 75  ? 3.790   -9.108  -17.899 1.00 46.93 ? 72  GLN A CG  1 
ATOM   512  C CD  . GLN A 1 75  ? 4.321   -10.021 -18.967 1.00 48.70 ? 72  GLN A CD  1 
ATOM   513  O OE1 . GLN A 1 75  ? 5.246   -10.826 -18.748 1.00 48.52 ? 72  GLN A OE1 1 
ATOM   514  N NE2 . GLN A 1 75  ? 3.779   -9.868  -20.151 1.00 43.48 ? 72  GLN A NE2 1 
ATOM   515  N N   . ALA A 1 76  ? 7.145   -7.302  -14.792 1.00 38.30 ? 73  ALA A N   1 
ATOM   516  C CA  . ALA A 1 76  ? 7.904   -6.156  -14.297 1.00 33.24 ? 73  ALA A CA  1 
ATOM   517  C C   . ALA A 1 76  ? 9.344   -6.375  -14.692 1.00 33.75 ? 73  ALA A C   1 
ATOM   518  O O   . ALA A 1 76  ? 9.753   -7.516  -15.021 1.00 33.80 ? 73  ALA A O   1 
ATOM   519  C CB  . ALA A 1 76  ? 7.779   -6.079  -12.778 1.00 34.65 ? 73  ALA A CB  1 
ATOM   520  N N   . LYS A 1 77  ? 10.121  -5.306  -14.634 1.00 32.03 ? 74  LYS A N   1 
ATOM   521  C CA  . LYS A 1 77  ? 11.582  -5.337  -14.928 1.00 30.43 ? 74  LYS A CA  1 
ATOM   522  C C   . LYS A 1 77  ? 12.368  -5.990  -13.814 1.00 34.45 ? 74  LYS A C   1 
ATOM   523  O O   . LYS A 1 77  ? 11.929  -5.987  -12.665 1.00 35.80 ? 74  LYS A O   1 
ATOM   524  C CB  . LYS A 1 77  ? 12.132  -3.917  -15.178 1.00 32.65 ? 74  LYS A CB  1 
ATOM   525  C CG  . LYS A 1 77  ? 11.394  -3.114  -16.260 1.00 33.40 ? 74  LYS A CG  1 
ATOM   526  C CD  . LYS A 1 77  ? 12.165  -1.938  -16.889 1.00 33.59 ? 74  LYS A CD  1 
ATOM   527  C CE  . LYS A 1 77  ? 12.621  -0.889  -15.888 1.00 38.45 ? 74  LYS A CE  1 
ATOM   528  N NZ  . LYS A 1 77  ? 13.011  0.451   -16.426 1.00 37.44 ? 74  LYS A NZ  1 
ATOM   529  N N   . ASP A 1 78  ? 13.533  -6.561  -14.127 1.00 31.61 ? 75  ASP A N   1 
ATOM   530  C CA  . ASP A 1 78  ? 14.491  -7.069  -13.122 1.00 34.07 ? 75  ASP A CA  1 
ATOM   531  C C   . ASP A 1 78  ? 14.576  -6.045  -11.972 1.00 30.86 ? 75  ASP A C   1 
ATOM   532  O O   . ASP A 1 78  ? 14.644  -4.832  -12.200 1.00 29.97 ? 75  ASP A O   1 
ATOM   533  C CB  . ASP A 1 78  ? 15.892  -7.404  -13.773 1.00 37.65 ? 75  ASP A CB  1 
ATOM   534  C CG  . ASP A 1 78  ? 16.855  -8.215  -12.845 1.00 43.38 ? 75  ASP A CG  1 
ATOM   535  O OD1 . ASP A 1 78  ? 16.464  -8.780  -11.793 1.00 47.18 ? 75  ASP A OD1 1 
ATOM   536  O OD2 . ASP A 1 78  ? 18.068  -8.291  -13.196 1.00 52.36 ? 75  ASP A OD2 1 
ATOM   537  N N   . GLN A 1 79  ? 14.524  -6.578  -10.756 1.00 29.90 ? 76  GLN A N   1 
ATOM   538  C CA  . GLN A 1 79  ? 14.554  -5.808  -9.497  1.00 31.64 ? 76  GLN A CA  1 
ATOM   539  C C   . GLN A 1 79  ? 13.401  -4.803  -9.340  1.00 27.43 ? 76  GLN A C   1 
ATOM   540  O O   . GLN A 1 79  ? 13.389  -4.005  -8.381  1.00 33.33 ? 76  GLN A O   1 
ATOM   541  C CB  . GLN A 1 79  ? 15.934  -5.134  -9.322  1.00 34.71 ? 76  GLN A CB  1 
ATOM   542  C CG  . GLN A 1 79  ? 17.012  -6.133  -8.902  1.00 39.56 ? 76  GLN A CG  1 
ATOM   543  C CD  . GLN A 1 79  ? 16.727  -6.709  -7.514  1.00 47.18 ? 76  GLN A CD  1 
ATOM   544  O OE1 . GLN A 1 79  ? 16.111  -7.779  -7.376  1.00 51.50 ? 76  GLN A OE1 1 
ATOM   545  N NE2 . GLN A 1 79  ? 17.124  -5.965  -6.466  1.00 50.16 ? 76  GLN A NE2 1 
ATOM   546  N N   . GLN A 1 80  ? 12.419  -4.799  -10.234 1.00 26.84 ? 77  GLN A N   1 
ATOM   547  C CA  . GLN A 1 80  ? 11.356  -3.801  -10.133 1.00 26.31 ? 77  GLN A CA  1 
ATOM   548  C C   . GLN A 1 80  ? 10.417  -4.059  -8.957  1.00 24.16 ? 77  GLN A C   1 
ATOM   549  O O   . GLN A 1 80  ? 9.762   -3.077  -8.522  1.00 21.50 ? 77  GLN A O   1 
ATOM   550  C CB  . GLN A 1 80  ? 10.523  -3.615  -11.420 1.00 27.28 ? 77  GLN A CB  1 
ATOM   551  C CG  . GLN A 1 80  ? 9.471   -2.492  -11.348 1.00 29.19 ? 77  GLN A CG  1 
ATOM   552  C CD  . GLN A 1 80  ? 8.872   -2.104  -12.679 1.00 30.45 ? 77  GLN A CD  1 
ATOM   553  O OE1 . GLN A 1 80  ? 8.948   -2.889  -13.664 1.00 30.16 ? 77  GLN A OE1 1 
ATOM   554  N NE2 . GLN A 1 80  ? 8.238   -0.933  -12.734 1.00 28.22 ? 77  GLN A NE2 1 
ATOM   555  N N   . ILE A 1 81  ? 10.300  -5.321  -8.538  1.00 22.15 ? 78  ILE A N   1 
ATOM   556  C CA  . ILE A 1 81  ? 9.404   -5.801  -7.454  1.00 22.59 ? 78  ILE A CA  1 
ATOM   557  C C   . ILE A 1 81  ? 10.130  -6.757  -6.519  1.00 25.30 ? 78  ILE A C   1 
ATOM   558  O O   . ILE A 1 81  ? 10.659  -7.799  -6.986  1.00 22.46 ? 78  ILE A O   1 
ATOM   559  C CB  . ILE A 1 81  ? 8.194   -6.607  -7.956  1.00 24.10 ? 78  ILE A CB  1 
ATOM   560  C CG1 . ILE A 1 81  ? 7.258   -5.711  -8.746  1.00 22.74 ? 78  ILE A CG1 1 
ATOM   561  C CG2 . ILE A 1 81  ? 7.533   -7.308  -6.750  1.00 25.84 ? 78  ILE A CG2 1 
ATOM   562  C CD1 . ILE A 1 81  ? 5.880   -6.292  -9.123  1.00 26.14 ? 78  ILE A CD1 1 
ATOM   563  N N   . THR A 1 82  ? 10.207  -6.433  -5.195  1.00 21.40 ? 79  THR A N   1 
ATOM   564  C CA  . THR A 1 82  ? 10.807  -7.286  -4.221  1.00 21.15 ? 79  THR A CA  1 
ATOM   565  C C   . THR A 1 82  ? 9.860   -7.342  -3.042  1.00 26.00 ? 79  THR A C   1 
ATOM   566  O O   . THR A 1 82  ? 9.440   -6.281  -2.551  1.00 24.55 ? 79  THR A O   1 
ATOM   567  C CB  . THR A 1 82  ? 12.144  -6.740  -3.686  1.00 23.99 ? 79  THR A CB  1 
ATOM   568  O OG1 . THR A 1 82  ? 12.988  -6.430  -4.777  1.00 25.87 ? 79  THR A OG1 1 
ATOM   569  C CG2 . THR A 1 82  ? 12.816  -7.732  -2.822  1.00 24.04 ? 79  THR A CG2 1 
ATOM   570  N N   . VAL A 1 83  ? 9.515   -8.553  -2.637  1.00 26.39 ? 80  VAL A N   1 
ATOM   571  C CA  . VAL A 1 83  ? 8.669   -8.804  -1.485  1.00 25.40 ? 80  VAL A CA  1 
ATOM   572  C C   . VAL A 1 83  ? 9.495   -9.084  -0.265  1.00 28.49 ? 80  VAL A C   1 
ATOM   573  O O   . VAL A 1 83  ? 10.408  -9.937  -0.278  1.00 24.13 ? 80  VAL A O   1 
ATOM   574  C CB  . VAL A 1 83  ? 7.793   -10.004 -1.779  1.00 26.39 ? 80  VAL A CB  1 
ATOM   575  C CG1 . VAL A 1 83  ? 6.879   -10.351 -0.590  1.00 27.30 ? 80  VAL A CG1 1 
ATOM   576  C CG2 . VAL A 1 83  ? 6.976   -9.703  -3.023  1.00 25.87 ? 80  VAL A CG2 1 
ATOM   577  N N   . PHE A 1 84  ? 9.208   -8.395  0.823   1.00 22.46 ? 81  PHE A N   1 
ATOM   578  C CA  . PHE A 1 84  ? 9.886   -8.761  2.070   1.00 22.69 ? 81  PHE A CA  1 
ATOM   579  C C   . PHE A 1 84  ? 8.943   -9.357  3.051   1.00 27.12 ? 81  PHE A C   1 
ATOM   580  O O   . PHE A 1 84  ? 7.780   -9.044  3.030   1.00 29.49 ? 81  PHE A O   1 
ATOM   581  C CB  . PHE A 1 84  ? 10.553  -7.531  2.717   1.00 22.20 ? 81  PHE A CB  1 
ATOM   582  C CG  . PHE A 1 84  ? 11.549  -6.899  1.842   1.00 22.45 ? 81  PHE A CG  1 
ATOM   583  C CD1 . PHE A 1 84  ? 12.841  -7.446  1.711   1.00 22.29 ? 81  PHE A CD1 1 
ATOM   584  C CD2 . PHE A 1 84  ? 11.244  -5.757  1.127   1.00 23.48 ? 81  PHE A CD2 1 
ATOM   585  C CE1 . PHE A 1 84  ? 13.742  -6.894  0.857   1.00 22.27 ? 81  PHE A CE1 1 
ATOM   586  C CE2 . PHE A 1 84  ? 12.173  -5.200  0.300   1.00 23.14 ? 81  PHE A CE2 1 
ATOM   587  C CZ  . PHE A 1 84  ? 13.425  -5.769  0.160   1.00 24.04 ? 81  PHE A CZ  1 
ATOM   588  N N   . GLY A 1 85  ? 9.477   -10.190 3.937   1.00 26.85 ? 82  GLY A N   1 
ATOM   589  C CA  . GLY A 1 85  ? 8.713   -11.041 4.842   1.00 29.57 ? 82  GLY A CA  1 
ATOM   590  C C   . GLY A 1 85  ? 8.393   -10.341 6.132   1.00 29.28 ? 82  GLY A C   1 
ATOM   591  O O   . GLY A 1 85  ? 8.997   -9.371  6.493   1.00 28.66 ? 82  GLY A O   1 
ATOM   592  N N   . LYS A 1 86  ? 7.418   -10.846 6.840   1.00 35.52 ? 83  LYS A N   1 
ATOM   593  C CA  . LYS A 1 86  ? 6.878   -10.108 7.979   1.00 38.39 ? 83  LYS A CA  1 
ATOM   594  C C   . LYS A 1 86  ? 7.826   -9.847  9.150   1.00 40.73 ? 83  LYS A C   1 
ATOM   595  O O   . LYS A 1 86  ? 7.624   -8.897  9.898   1.00 33.58 ? 83  LYS A O   1 
ATOM   596  C CB  . LYS A 1 86  ? 5.575   -10.748 8.476   1.00 40.66 ? 83  LYS A CB  1 
ATOM   597  C CG  . LYS A 1 86  ? 5.643   -12.229 8.781   1.00 42.14 ? 83  LYS A CG  1 
ATOM   598  C CD  . LYS A 1 86  ? 4.492   -12.634 9.702   1.00 43.97 ? 83  LYS A CD  1 
ATOM   599  C CE  . LYS A 1 86  ? 4.861   -12.408 11.165  1.00 46.00 ? 83  LYS A CE  1 
ATOM   600  N NZ  . LYS A 1 86  ? 3.801   -11.672 11.883  1.00 47.68 ? 83  LYS A NZ  1 
ATOM   601  N N   . GLU A 1 87  ? 8.845   -10.678 9.314   1.00 41.23 ? 84  GLU A N   1 
ATOM   602  C CA  . GLU A 1 87  ? 9.896   -10.431 10.310  1.00 44.32 ? 84  GLU A CA  1 
ATOM   603  C C   . GLU A 1 87  ? 11.354  -10.280 9.752   1.00 43.43 ? 84  GLU A C   1 
ATOM   604  O O   . GLU A 1 87  ? 12.302  -10.418 10.509  1.00 42.82 ? 84  GLU A O   1 
ATOM   605  C CB  . GLU A 1 87  ? 9.846   -11.547 11.369  1.00 53.00 ? 84  GLU A CB  1 
ATOM   606  C CG  . GLU A 1 87  ? 8.627   -11.476 12.276  1.00 56.33 ? 84  GLU A CG  1 
ATOM   607  C CD  . GLU A 1 87  ? 8.929   -11.982 13.680  1.00 59.52 ? 84  GLU A CD  1 
ATOM   608  O OE1 . GLU A 1 87  ? 9.356   -13.146 13.802  1.00 55.29 ? 84  GLU A OE1 1 
ATOM   609  O OE2 . GLU A 1 87  ? 8.764   -11.214 14.652  1.00 65.24 ? 84  GLU A OE2 1 
ATOM   610  N N   . GLN A 1 88  ? 11.517  -9.986  8.457   1.00 37.76 ? 85  GLN A N   1 
ATOM   611  C CA  . GLN A 1 88  ? 12.831  -9.815  7.838   1.00 39.64 ? 85  GLN A CA  1 
ATOM   612  C C   . GLN A 1 88  ? 13.363  -8.386  8.082   1.00 40.06 ? 85  GLN A C   1 
ATOM   613  O O   . GLN A 1 88  ? 13.183  -7.444  7.279   1.00 34.45 ? 85  GLN A O   1 
ATOM   614  C CB  . GLN A 1 88  ? 12.744  -10.099 6.364   1.00 39.94 ? 85  GLN A CB  1 
ATOM   615  C CG  . GLN A 1 88  ? 12.286  -11.498 6.010   1.00 37.63 ? 85  GLN A CG  1 
ATOM   616  C CD  . GLN A 1 88  ? 12.460  -11.818 4.533   1.00 40.60 ? 85  GLN A CD  1 
ATOM   617  O OE1 . GLN A 1 88  ? 12.201  -10.990 3.663   1.00 35.06 ? 85  GLN A OE1 1 
ATOM   618  N NE2 . GLN A 1 88  ? 12.864  -13.056 4.245   1.00 40.17 ? 85  GLN A NE2 1 
ATOM   619  N N   . TRP A 1 89  ? 14.004  -8.243  9.238   1.00 38.40 ? 86  TRP A N   1 
ATOM   620  C CA  . TRP A 1 89  ? 14.321  -6.948  9.828   1.00 37.80 ? 86  TRP A CA  1 
ATOM   621  C C   . TRP A 1 89  ? 15.538  -6.320  9.209   1.00 40.05 ? 86  TRP A C   1 
ATOM   622  O O   . TRP A 1 89  ? 15.920  -5.226  9.597   1.00 42.46 ? 86  TRP A O   1 
ATOM   623  C CB  . TRP A 1 89  ? 14.625  -7.136  11.311  1.00 38.59 ? 86  TRP A CB  1 
ATOM   624  C CG  . TRP A 1 89  ? 13.528  -7.726  12.127  1.00 39.89 ? 86  TRP A CG  1 
ATOM   625  C CD1 . TRP A 1 89  ? 13.504  -8.948  12.737  1.00 35.50 ? 86  TRP A CD1 1 
ATOM   626  C CD2 . TRP A 1 89  ? 12.293  -7.091  12.439  1.00 37.51 ? 86  TRP A CD2 1 
ATOM   627  N NE1 . TRP A 1 89  ? 12.302  -9.127  13.388  1.00 40.27 ? 86  TRP A NE1 1 
ATOM   628  C CE2 . TRP A 1 89  ? 11.550  -7.987  13.236  1.00 41.95 ? 86  TRP A CE2 1 
ATOM   629  C CE3 . TRP A 1 89  ? 11.742  -5.843  12.127  1.00 38.11 ? 86  TRP A CE3 1 
ATOM   630  C CZ2 . TRP A 1 89  ? 10.295  -7.656  13.736  1.00 44.07 ? 86  TRP A CZ2 1 
ATOM   631  C CZ3 . TRP A 1 89  ? 10.508  -5.518  12.636  1.00 37.15 ? 86  TRP A CZ3 1 
ATOM   632  C CH2 . TRP A 1 89  ? 9.790   -6.415  13.400  1.00 39.70 ? 86  TRP A CH2 1 
ATOM   633  N N   . PHE A 1 90  ? 16.171  -7.037  8.290   1.00 40.94 ? 87  PHE A N   1 
ATOM   634  C CA  . PHE A 1 90  ? 17.394  -6.587  7.590   1.00 42.52 ? 87  PHE A CA  1 
ATOM   635  C C   . PHE A 1 90  ? 17.062  -5.883  6.285   1.00 36.09 ? 87  PHE A C   1 
ATOM   636  O O   . PHE A 1 90  ? 17.944  -5.386  5.634   1.00 34.93 ? 87  PHE A O   1 
ATOM   637  C CB  . PHE A 1 90  ? 18.303  -7.790  7.254   1.00 45.64 ? 87  PHE A CB  1 
ATOM   638  C CG  . PHE A 1 90  ? 17.586  -8.932  6.557   1.00 49.06 ? 87  PHE A CG  1 
ATOM   639  C CD1 . PHE A 1 90  ? 16.999  -9.969  7.308   1.00 49.74 ? 87  PHE A CD1 1 
ATOM   640  C CD2 . PHE A 1 90  ? 17.488  -8.984  5.164   1.00 47.76 ? 87  PHE A CD2 1 
ATOM   641  C CE1 . PHE A 1 90  ? 16.355  -11.013 6.682   1.00 51.54 ? 87  PHE A CE1 1 
ATOM   642  C CE2 . PHE A 1 90  ? 16.825  -10.035 4.537   1.00 48.49 ? 87  PHE A CE2 1 
ATOM   643  C CZ  . PHE A 1 90  ? 16.262  -11.045 5.298   1.00 50.80 ? 87  PHE A CZ  1 
ATOM   644  N N   . SER A 1 91  ? 15.768  -5.870  5.939   1.00 29.51 ? 88  SER A N   1 
ATOM   645  C CA  . SER A 1 91  ? 15.258  -5.291  4.728   1.00 25.34 ? 88  SER A CA  1 
ATOM   646  C C   . SER A 1 91  ? 15.582  -3.799  4.631   1.00 26.04 ? 88  SER A C   1 
ATOM   647  O O   . SER A 1 91  ? 15.750  -3.147  5.664   1.00 28.68 ? 88  SER A O   1 
ATOM   648  C CB  . SER A 1 91  ? 13.730  -5.497  4.663   1.00 24.16 ? 88  SER A CB  1 
ATOM   649  O OG  . SER A 1 91  ? 13.157  -4.567  3.737   1.00 30.44 ? 88  SER A OG  1 
ATOM   650  N N   . PRO A 1 92  ? 15.654  -3.239  3.409   1.00 22.89 ? 89  PRO A N   1 
ATOM   651  C CA  . PRO A 1 92  ? 15.924  -1.835  3.268   1.00 22.05 ? 89  PRO A CA  1 
ATOM   652  C C   . PRO A 1 92  ? 14.789  -0.968  3.847   1.00 18.11 ? 89  PRO A C   1 
ATOM   653  O O   . PRO A 1 92  ? 15.014  0.167   4.179   1.00 19.29 ? 89  PRO A O   1 
ATOM   654  C CB  . PRO A 1 92  ? 15.865  -1.595  1.756   1.00 23.31 ? 89  PRO A CB  1 
ATOM   655  C CG  . PRO A 1 92  ? 15.355  -2.843  1.161   1.00 26.25 ? 89  PRO A CG  1 
ATOM   656  C CD  . PRO A 1 92  ? 15.763  -3.923  2.106   1.00 27.48 ? 89  PRO A CD  1 
ATOM   657  N N   . VAL A 1 93  ? 13.585  -1.490  3.931   1.00 17.88 ? 90  VAL A N   1 
ATOM   658  C CA  . VAL A 1 93  ? 12.535  -0.611  4.431   1.00 18.39 ? 90  VAL A CA  1 
ATOM   659  C C   . VAL A 1 93  ? 12.623  -0.370  5.944   1.00 18.94 ? 90  VAL A C   1 
ATOM   660  O O   . VAL A 1 93  ? 11.881  0.509   6.423   1.00 18.65 ? 90  VAL A O   1 
ATOM   661  C CB  . VAL A 1 93  ? 11.129  -1.156  4.090   1.00 19.79 ? 90  VAL A CB  1 
ATOM   662  C CG1 . VAL A 1 93  ? 11.033  -1.365  2.578   1.00 19.36 ? 90  VAL A CG1 1 
ATOM   663  C CG2 . VAL A 1 93  ? 10.794  -2.406  4.868   1.00 19.88 ? 90  VAL A CG2 1 
ATOM   664  N N   . ALA A 1 94  ? 13.435  -1.151  6.675   1.00 19.32 ? 91  ALA A N   1 
ATOM   665  C CA  . ALA A 1 94  ? 13.559  -1.061  8.144   1.00 22.17 ? 91  ALA A CA  1 
ATOM   666  C C   . ALA A 1 94  ? 14.613  -0.075  8.637   1.00 21.05 ? 91  ALA A C   1 
ATOM   667  O O   . ALA A 1 94  ? 14.857  -0.015  9.870   1.00 22.69 ? 91  ALA A O   1 
ATOM   668  C CB  . ALA A 1 94  ? 13.879  -2.429  8.689   1.00 24.21 ? 91  ALA A CB  1 
ATOM   669  N N   . SER A 1 95  ? 15.261  0.603   7.697   1.00 20.76 ? 92  SER A N   1 
ATOM   670  C CA  . SER A 1 95  ? 16.280  1.602   8.000   1.00 22.12 ? 92  SER A CA  1 
ATOM   671  C C   . SER A 1 95  ? 16.104  2.913   7.291   1.00 23.25 ? 92  SER A C   1 
ATOM   672  O O   . SER A 1 95  ? 15.828  2.992   6.090   1.00 21.88 ? 92  SER A O   1 
ATOM   673  C CB  . SER A 1 95  ? 17.689  1.010   7.781   1.00 22.33 ? 92  SER A CB  1 
ATOM   674  O OG  . SER A 1 95  ? 17.811  -0.094  8.673   1.00 27.19 ? 92  SER A OG  1 
ATOM   675  N N   . GLY A 1 96  ? 16.337  3.969   8.074   1.00 27.91 ? 93  GLY A N   1 
ATOM   676  C CA  . GLY A 1 96  ? 16.273  5.328   7.602   1.00 26.09 ? 93  GLY A CA  1 
ATOM   677  C C   . GLY A 1 96  ? 17.095  5.565   6.363   1.00 29.68 ? 93  GLY A C   1 
ATOM   678  O O   . GLY A 1 96  ? 16.695  6.296   5.497   1.00 29.49 ? 93  GLY A O   1 
ATOM   679  N N   . SER A 1 97  ? 18.233  4.876   6.268   1.00 32.02 ? 94  SER A N   1 
ATOM   680  C CA  . SER A 1 97  ? 19.227  5.049   5.222   1.00 36.07 ? 94  SER A CA  1 
ATOM   681  C C   . SER A 1 97  ? 18.780  4.620   3.870   1.00 33.82 ? 94  SER A C   1 
ATOM   682  O O   . SER A 1 97  ? 19.000  5.336   2.889   1.00 39.06 ? 94  SER A O   1 
ATOM   683  C CB  . SER A 1 97  ? 20.464  4.237   5.579   1.00 36.63 ? 94  SER A CB  1 
ATOM   684  O OG  . SER A 1 97  ? 20.737  4.358   6.950   1.00 38.21 ? 94  SER A OG  1 
ATOM   685  N N   . SER A 1 98  ? 18.140  3.431   3.823   1.00 31.14 ? 95  SER A N   1 
ATOM   686  C CA  . SER A 1 98  ? 17.772  2.748   2.558   1.00 31.60 ? 95  SER A CA  1 
ATOM   687  C C   . SER A 1 98  ? 16.278  2.663   2.243   1.00 27.56 ? 95  SER A C   1 
ATOM   688  O O   . SER A 1 98  ? 15.885  1.928   1.336   1.00 29.39 ? 95  SER A O   1 
ATOM   689  C CB  . SER A 1 98  ? 18.196  1.311   2.728   1.00 30.55 ? 95  SER A CB  1 
ATOM   690  O OG  . SER A 1 98  ? 17.810  0.892   4.029   1.00 34.22 ? 95  SER A OG  1 
ATOM   691  N N   . ALA A 1 99  ? 15.442  3.256   3.094   1.00 21.99 ? 96  ALA A N   1 
ATOM   692  C CA  . ALA A 1 99  ? 14.013  3.101   2.950   1.00 20.21 ? 96  ALA A CA  1 
ATOM   693  C C   . ALA A 1 99  ? 13.498  4.132   2.025   1.00 20.02 ? 96  ALA A C   1 
ATOM   694  O O   . ALA A 1 99  ? 13.908  5.280   2.099   1.00 20.16 ? 96  ALA A O   1 
ATOM   695  C CB  . ALA A 1 99  ? 13.282  3.169   4.313   1.00 21.61 ? 96  ALA A CB  1 
ATOM   696  N N   . PRO A 1 100 ? 12.566  3.743   1.124   1.00 18.33 ? 97  PRO A N   1 
ATOM   697  C CA  . PRO A 1 100 ? 11.887  4.680   0.290   1.00 19.85 ? 97  PRO A CA  1 
ATOM   698  C C   . PRO A 1 100 ? 11.291  5.813   1.106   1.00 19.94 ? 97  PRO A C   1 
ATOM   699  O O   . PRO A 1 100 ? 10.850  5.605   2.263   1.00 19.54 ? 97  PRO A O   1 
ATOM   700  C CB  . PRO A 1 100 ? 10.761  3.862   -0.311  1.00 19.10 ? 97  PRO A CB  1 
ATOM   701  C CG  . PRO A 1 100 ? 11.299  2.510   -0.363  1.00 19.44 ? 97  PRO A CG  1 
ATOM   702  C CD  . PRO A 1 100 ? 12.142  2.365   0.841   1.00 18.25 ? 97  PRO A CD  1 
ATOM   703  N N   . LYS A 1 101 ? 11.267  6.997   0.518   1.00 20.09 ? 98  LYS A N   1 
ATOM   704  C CA  . LYS A 1 101 ? 10.694  8.105   1.203   1.00 22.51 ? 98  LYS A CA  1 
ATOM   705  C C   . LYS A 1 101 ? 9.155   8.190   1.084   1.00 23.85 ? 98  LYS A C   1 
ATOM   706  O O   . LYS A 1 101 ? 8.542   9.027   1.745   1.00 23.05 ? 98  LYS A O   1 
ATOM   707  C CB  . LYS A 1 101 ? 11.371  9.406   0.740   1.00 26.92 ? 98  LYS A CB  1 
ATOM   708  C CG  . LYS A 1 101 ? 12.827  9.583   1.214   1.00 35.34 ? 98  LYS A CG  1 
ATOM   709  C CD  . LYS A 1 101 ? 12.890  10.186  2.612   1.00 40.41 ? 98  LYS A CD  1 
ATOM   710  C CE  . LYS A 1 101 ? 14.342  10.425  3.015   1.00 40.98 ? 98  LYS A CE  1 
ATOM   711  N NZ  . LYS A 1 101 ? 14.932  9.178   3.537   1.00 40.74 ? 98  LYS A NZ  1 
ATOM   712  N N   . GLN A 1 102 ? 8.564   7.357   0.215   1.00 20.05 ? 99  GLN A N   1 
ATOM   713  C CA  . GLN A 1 102 ? 7.134   7.233   0.020   1.00 17.79 ? 99  GLN A CA  1 
ATOM   714  C C   . GLN A 1 102 ? 6.664   5.829   0.360   1.00 15.98 ? 99  GLN A C   1 
ATOM   715  O O   . GLN A 1 102 ? 7.267   4.833   -0.104  1.00 16.77 ? 99  GLN A O   1 
ATOM   716  C CB  . GLN A 1 102 ? 6.792   7.558   -1.423  1.00 18.02 ? 99  GLN A CB  1 
ATOM   717  C CG  . GLN A 1 102 ? 7.027   9.029   -1.698  1.00 21.53 ? 99  GLN A CG  1 
ATOM   718  C CD  . GLN A 1 102 ? 6.938   9.383   -3.185  1.00 27.07 ? 99  GLN A CD  1 
ATOM   719  O OE1 . GLN A 1 102 ? 7.479   8.683   -4.073  1.00 30.34 ? 99  GLN A OE1 1 
ATOM   720  N NE2 . GLN A 1 102 ? 6.274   10.474  -3.464  1.00 26.36 ? 99  GLN A NE2 1 
ATOM   721  N N   . MET A 1 103 ? 5.593   5.724   1.186   1.00 15.28 ? 100 MET A N   1 
ATOM   722  C CA  . MET A 1 103 ? 5.040   4.458   1.502   1.00 13.38 ? 100 MET A CA  1 
ATOM   723  C C   . MET A 1 103 ? 3.518   4.589   1.517   1.00 14.73 ? 100 MET A C   1 
ATOM   724  O O   . MET A 1 103 ? 2.957   5.547   2.055   1.00 13.23 ? 100 MET A O   1 
ATOM   725  C CB  . MET A 1 103 ? 5.538   3.968   2.813   1.00 11.99 ? 100 MET A CB  1 
ATOM   726  C CG  . MET A 1 103 ? 4.878   2.799   3.523   1.00 13.33 ? 100 MET A CG  1 
ATOM   727  S SD  . MET A 1 103 ? 5.642   2.162   4.985   1.00 14.20 ? 100 MET A SD  1 
ATOM   728  C CE  . MET A 1 103 ? 4.645   0.803   5.447   1.00 14.18 ? 100 MET A CE  1 
ATOM   729  N N   . VAL A 1 104 ? 2.877   3.600   0.911   1.00 17.42 ? 101 VAL A N   1 
ATOM   730  C CA  . VAL A 1 104 ? 1.425   3.464   0.932   1.00 14.34 ? 101 VAL A CA  1 
ATOM   731  C C   . VAL A 1 104 ? 1.025   2.166   1.606   1.00 15.02 ? 101 VAL A C   1 
ATOM   732  O O   . VAL A 1 104 ? 1.606   1.079   1.373   1.00 14.55 ? 101 VAL A O   1 
ATOM   733  C CB  . VAL A 1 104 ? 0.805   3.526   -0.475  1.00 15.50 ? 101 VAL A CB  1 
ATOM   734  C CG1 . VAL A 1 104 ? -0.708  3.586   -0.355  1.00 16.88 ? 101 VAL A CG1 1 
ATOM   735  C CG2 . VAL A 1 104 ? 1.297   4.742   -1.223  1.00 15.85 ? 101 VAL A CG2 1 
ATOM   736  N N   . VAL A 1 105 ? 0.091   2.285   2.554   1.00 12.66 ? 102 VAL A N   1 
ATOM   737  C CA  . VAL A 1 105 ? -0.593  1.094   3.127   1.00 12.67 ? 102 VAL A CA  1 
ATOM   738  C C   . VAL A 1 105 ? -2.003  0.957   2.510   1.00 13.03 ? 102 VAL A C   1 
ATOM   739  O O   . VAL A 1 105 ? -2.945  1.719   2.787   1.00 15.08 ? 102 VAL A O   1 
ATOM   740  C CB  . VAL A 1 105 ? -0.692  1.076   4.668   1.00 12.42 ? 102 VAL A CB  1 
ATOM   741  C CG1 . VAL A 1 105 ? -1.366  -0.175  5.157   1.00 14.29 ? 102 VAL A CG1 1 
ATOM   742  C CG2 . VAL A 1 105 ? 0.688   1.313   5.331   1.00 12.60 ? 102 VAL A CG2 1 
ATOM   743  N N   . CYS A 1 106 ? -2.135  -0.044  1.645   1.00 14.74 ? 103 CYS A N   1 
ATOM   744  C CA  . CYS A 1 106 ? -3.365  -0.128  0.797   1.00 14.58 ? 103 CYS A CA  1 
ATOM   745  C C   . CYS A 1 106 ? -3.859  -1.606  0.698   1.00 17.24 ? 103 CYS A C   1 
ATOM   746  O O   . CYS A 1 106 ? -3.117  -2.445  0.124   1.00 19.72 ? 103 CYS A O   1 
ATOM   747  C CB  . CYS A 1 106 ? -3.050  0.386   -0.606  1.00 17.72 ? 103 CYS A CB  1 
ATOM   748  S SG  . CYS A 1 106 ? -4.463  0.280   -1.694  1.00 21.29 ? 103 CYS A SG  1 
ATOM   749  N N   . PRO A 1 107 ? -5.006  -1.928  1.298   1.00 15.50 ? 104 PRO A N   1 
ATOM   750  C CA  . PRO A 1 107 ? -5.768  -1.129  2.214   1.00 14.77 ? 104 PRO A CA  1 
ATOM   751  C C   . PRO A 1 107 ? -5.128  -1.203  3.585   1.00 14.68 ? 104 PRO A C   1 
ATOM   752  O O   . PRO A 1 107 ? -4.197  -1.984  3.783   1.00 17.58 ? 104 PRO A O   1 
ATOM   753  C CB  . PRO A 1 107 ? -7.107  -1.827  2.171   1.00 14.22 ? 104 PRO A CB  1 
ATOM   754  C CG  . PRO A 1 107 ? -6.621  -3.296  2.272   1.00 15.89 ? 104 PRO A CG  1 
ATOM   755  C CD  . PRO A 1 107 ? -5.486  -3.337  1.341   1.00 15.21 ? 104 PRO A CD  1 
ATOM   756  N N   . CYS A 1 108 ? -5.607  -0.375  4.519   1.00 13.36 ? 105 CYS A N   1 
ATOM   757  C CA  . CYS A 1 108 ? -5.089  -0.304  5.853   1.00 14.31 ? 105 CYS A CA  1 
ATOM   758  C C   . CYS A 1 108 ? -6.167  -0.585  6.865   1.00 12.74 ? 105 CYS A C   1 
ATOM   759  O O   . CYS A 1 108 ? -7.140  0.124   6.869   1.00 14.83 ? 105 CYS A O   1 
ATOM   760  C CB  . CYS A 1 108 ? -4.437  1.039   6.098   1.00 13.11 ? 105 CYS A CB  1 
ATOM   761  S SG  . CYS A 1 108 ? -3.567  1.172   7.726   1.00 16.34 ? 105 CYS A SG  1 
ATOM   762  N N   . SER A 1 109 ? -5.968  -1.637  7.644   1.00 14.48 ? 106 SER A N   1 
ATOM   763  C CA  . SER A 1 109 ? -6.852  -2.049  8.749   1.00 11.82 ? 106 SER A CA  1 
ATOM   764  C C   . SER A 1 109 ? -6.693  -0.943  9.826   1.00 12.39 ? 106 SER A C   1 
ATOM   765  O O   . SER A 1 109 ? -5.653  -0.285  9.916   1.00 13.28 ? 106 SER A O   1 
ATOM   766  C CB  . SER A 1 109 ? -6.443  -3.431  9.316   1.00 11.71 ? 106 SER A CB  1 
ATOM   767  O OG  . SER A 1 109 ? -5.148  -3.319  9.927   1.00 14.92 ? 106 SER A OG  1 
ATOM   768  N N   . THR A 1 110 ? -7.683  -0.827  10.648  1.00 10.98 ? 107 THR A N   1 
ATOM   769  C CA  . THR A 1 110 ? -7.527  0.096   11.790  1.00 11.66 ? 107 THR A CA  1 
ATOM   770  C C   . THR A 1 110 ? -6.567  -0.476  12.797  1.00 10.89 ? 107 THR A C   1 
ATOM   771  O O   . THR A 1 110 ? -5.971  0.333   13.502  1.00 12.67 ? 107 THR A O   1 
ATOM   772  C CB  . THR A 1 110 ? -8.868  0.487   12.411  1.00 11.78 ? 107 THR A CB  1 
ATOM   773  O OG1 . THR A 1 110 ? -9.547  -0.719  12.806  1.00 15.26 ? 107 THR A OG1 1 
ATOM   774  C CG2 . THR A 1 110 ? -9.678  1.416   11.533  1.00 11.23 ? 107 THR A CG2 1 
ATOM   775  N N   . GLY A 1 111 ? -6.401  -1.809  12.946  1.00 12.76 ? 108 GLY A N   1 
ATOM   776  C CA  . GLY A 1 111 ? -5.444  -2.309  13.913  1.00 15.04 ? 108 GLY A CA  1 
ATOM   777  C C   . GLY A 1 111 ? -4.013  -2.007  13.549  1.00 15.40 ? 108 GLY A C   1 
ATOM   778  O O   . GLY A 1 111 ? -3.174  -1.686  14.443  1.00 13.29 ? 108 GLY A O   1 
ATOM   779  N N   . THR A 1 112 ? -3.713  -2.061  12.242  1.00 12.96 ? 109 THR A N   1 
ATOM   780  C CA  . THR A 1 112 ? -2.391  -1.669  11.795  1.00 13.42 ? 109 THR A CA  1 
ATOM   781  C C   . THR A 1 112 ? -2.148  -0.144  11.946  1.00 12.39 ? 109 THR A C   1 
ATOM   782  O O   . THR A 1 112 ? -1.055  0.249   12.414  1.00 13.18 ? 109 THR A O   1 
ATOM   783  C CB  . THR A 1 112 ? -2.103  -2.236  10.392  1.00 14.45 ? 109 THR A CB  1 
ATOM   784  O OG1 . THR A 1 112 ? -1.934  -3.697  10.506  1.00 18.30 ? 109 THR A OG1 1 
ATOM   785  C CG2 . THR A 1 112 ? -0.897  -1.622  9.735   1.00 15.17 ? 109 THR A CG2 1 
ATOM   786  N N   . MET A 1 113 ? -3.110  0.641   11.497  1.00 12.81 ? 110 MET A N   1 
ATOM   787  C CA  . MET A 1 113 ? -3.101  2.066   11.702  1.00 11.97 ? 110 MET A CA  1 
ATOM   788  C C   . MET A 1 113 ? -2.849  2.377   13.223  1.00 12.34 ? 110 MET A C   1 
ATOM   789  O O   . MET A 1 113 ? -2.057  3.288   13.544  1.00 11.68 ? 110 MET A O   1 
ATOM   790  C CB  . MET A 1 113 ? -4.361  2.719   11.130  1.00 12.53 ? 110 MET A CB  1 
ATOM   791  C CG  . MET A 1 113 ? -4.366  4.209   11.325  1.00 14.28 ? 110 MET A CG  1 
ATOM   792  S SD  . MET A 1 113 ? -5.083  4.782   12.920  1.00 21.58 ? 110 MET A SD  1 
ATOM   793  C CE  . MET A 1 113 ? -6.802  4.253   12.785  1.00 23.31 ? 110 MET A CE  1 
ATOM   794  N N   . ALA A 1 114 ? -3.481  1.661   14.148  1.00 12.79 ? 111 ALA A N   1 
ATOM   795  C CA  . ALA A 1 114 ? -3.349  1.961   15.603  1.00 11.28 ? 111 ALA A CA  1 
ATOM   796  C C   . ALA A 1 114 ? -1.903  1.701   16.027  1.00 12.14 ? 111 ALA A C   1 
ATOM   797  O O   . ALA A 1 114 ? -1.270  2.506   16.762  1.00 11.24 ? 111 ALA A O   1 
ATOM   798  C CB  . ALA A 1 114 ? -4.236  1.103   16.436  1.00 11.47 ? 111 ALA A CB  1 
ATOM   799  N N   . ALA A 1 115 ? -1.410  0.536   15.666  1.00 11.76 ? 112 ALA A N   1 
ATOM   800  C CA  . ALA A 1 115 ? -0.009  0.226   15.933  1.00 10.37 ? 112 ALA A CA  1 
ATOM   801  C C   . ALA A 1 115 ? 0.972   1.242   15.400  1.00 11.11 ? 112 ALA A C   1 
ATOM   802  O O   . ALA A 1 115 ? 1.911   1.727   16.136  1.00 12.72 ? 112 ALA A O   1 
ATOM   803  C CB  . ALA A 1 115 ? 0.316   -1.131  15.427  1.00 11.87 ? 112 ALA A CB  1 
ATOM   804  N N   . ILE A 1 116 ? 0.658   1.778   14.192  1.00 10.18 ? 113 ILE A N   1 
ATOM   805  C CA  . ILE A 1 116 ? 1.534   2.783   13.589  1.00 10.44 ? 113 ILE A CA  1 
ATOM   806  C C   . ILE A 1 116 ? 1.416   4.075   14.438  1.00 10.21 ? 113 ILE A C   1 
ATOM   807  O O   . ILE A 1 116 ? 2.472   4.682   14.767  1.00 9.61  ? 113 ILE A O   1 
ATOM   808  C CB  . ILE A 1 116 ? 1.169   3.026   12.090  1.00 12.11 ? 113 ILE A CB  1 
ATOM   809  C CG1 . ILE A 1 116 ? 1.577   1.808   11.246  1.00 12.13 ? 113 ILE A CG1 1 
ATOM   810  C CG2 . ILE A 1 116 ? 1.793   4.306   11.594  1.00 13.36 ? 113 ILE A CG2 1 
ATOM   811  C CD1 . ILE A 1 116 ? 1.053   1.858   9.824   1.00 13.77 ? 113 ILE A CD1 1 
ATOM   812  N N   . CYS A 1 117 ? 0.181   4.445   14.833  1.00 8.62  ? 114 CYS A N   1 
ATOM   813  C CA  . CYS A 1 117 ? -0.089  5.672   15.557  1.00 9.39  ? 114 CYS A CA  1 
ATOM   814  C C   . CYS A 1 117 ? 0.711   5.673   16.854  1.00 9.95  ? 114 CYS A C   1 
ATOM   815  O O   . CYS A 1 117 ? 1.327   6.697   17.220  1.00 11.18 ? 114 CYS A O   1 
ATOM   816  C CB  . CYS A 1 117 ? -1.535  5.750   15.953  1.00 11.12 ? 114 CYS A CB  1 
ATOM   817  S SG  . CYS A 1 117 ? -2.024  7.073   17.032  1.00 13.73 ? 114 CYS A SG  1 
ATOM   818  N N   . HIS A 1 118 ? 0.737   4.517   17.508  1.00 11.35 ? 115 HIS A N   1 
ATOM   819  C CA  . HIS A 1 118 ? 1.343   4.424   18.863  1.00 16.15 ? 115 HIS A CA  1 
ATOM   820  C C   . HIS A 1 118 ? 2.851   4.056   18.862  1.00 15.78 ? 115 HIS A C   1 
ATOM   821  O O   . HIS A 1 118 ? 3.463   4.051   19.888  1.00 16.53 ? 115 HIS A O   1 
ATOM   822  C CB  . HIS A 1 118 ? 0.463   3.446   19.671  1.00 16.34 ? 115 HIS A CB  1 
ATOM   823  C CG  . HIS A 1 118 ? -0.956  3.937   19.796  1.00 17.53 ? 115 HIS A CG  1 
ATOM   824  N ND1 . HIS A 1 118 ? -1.266  5.143   20.363  1.00 21.18 ? 115 HIS A ND1 1 
ATOM   825  C CD2 . HIS A 1 118 ? -2.117  3.438   19.317  1.00 17.62 ? 115 HIS A CD2 1 
ATOM   826  C CE1 . HIS A 1 118 ? -2.577  5.346   20.291  1.00 16.51 ? 115 HIS A CE1 1 
ATOM   827  N NE2 . HIS A 1 118 ? -3.105  4.321   19.640  1.00 18.38 ? 115 HIS A NE2 1 
ATOM   828  N N   . GLY A 1 119 ? 3.380   3.745   17.681  1.00 14.47 ? 116 GLY A N   1 
ATOM   829  C CA  . GLY A 1 119 ? 4.819   3.406   17.494  1.00 15.88 ? 116 GLY A CA  1 
ATOM   830  C C   . GLY A 1 119 ? 5.260   1.980   17.808  1.00 14.47 ? 116 GLY A C   1 
ATOM   831  O O   . GLY A 1 119 ? 6.395   1.774   18.184  1.00 15.54 ? 116 GLY A O   1 
ATOM   832  N N   . MET A 1 120 ? 4.332   1.037   17.718  1.00 14.59 ? 117 MET A N   1 
ATOM   833  C CA  . MET A 1 120 ? 4.514   -0.335  18.132  1.00 18.91 ? 117 MET A CA  1 
ATOM   834  C C   . MET A 1 120 ? 5.510   -1.137  17.297  1.00 20.48 ? 117 MET A C   1 
ATOM   835  O O   . MET A 1 120 ? 6.236   -1.939  17.866  1.00 21.86 ? 117 MET A O   1 
ATOM   836  C CB  . MET A 1 120 ? 3.220   -1.116  18.175  1.00 16.50 ? 117 MET A CB  1 
ATOM   837  C CG  . MET A 1 120 ? 2.228   -0.561  19.222  1.00 22.64 ? 117 MET A CG  1 
ATOM   838  S SD  . MET A 1 120 ? 2.821   -0.694  20.917  1.00 24.94 ? 117 MET A SD  1 
ATOM   839  C CE  . MET A 1 120 ? 1.735   0.319   21.905  1.00 20.88 ? 117 MET A CE  1 
ATOM   840  N N   . SER A 1 121 ? 5.545   -0.992  16.012  1.00 21.16 ? 118 SER A N   1 
ATOM   841  C CA  . SER A 1 121 ? 6.682   -1.660  15.277  1.00 21.22 ? 118 SER A CA  1 
ATOM   842  C C   . SER A 1 121 ? 6.789   -3.129  15.646  1.00 23.45 ? 118 SER A C   1 
ATOM   843  O O   . SER A 1 121 ? 7.923   -3.603  15.885  1.00 23.77 ? 118 SER A O   1 
ATOM   844  C CB  . SER A 1 121 ? 8.009   -0.895  15.639  1.00 27.36 ? 118 SER A CB  1 
ATOM   845  O OG  . SER A 1 121 ? 9.069   -0.999  14.684  1.00 29.31 ? 118 SER A OG  1 
ATOM   846  N N   . ASP A 1 122 ? 5.657   -3.872  15.697  1.00 22.68 ? 119 ASP A N   1 
ATOM   847  C CA  . ASP A 1 122 ? 5.633   -5.379  15.997  1.00 26.00 ? 119 ASP A CA  1 
ATOM   848  C C   . ASP A 1 122 ? 5.801   -6.270  14.763  1.00 22.64 ? 119 ASP A C   1 
ATOM   849  O O   . ASP A 1 122 ? 5.956   -7.492  14.857  1.00 25.74 ? 119 ASP A O   1 
ATOM   850  C CB  . ASP A 1 122 ? 4.317   -5.880  16.645  1.00 29.81 ? 119 ASP A CB  1 
ATOM   851  C CG  . ASP A 1 122 ? 3.949   -5.200  17.949  1.00 32.74 ? 119 ASP A CG  1 
ATOM   852  O OD1 . ASP A 1 122 ? 4.839   -4.931  18.780  1.00 34.25 ? 119 ASP A OD1 1 
ATOM   853  O OD2 . ASP A 1 122 ? 2.721   -4.966  18.097  1.00 32.47 ? 119 ASP A OD2 1 
ATOM   854  N N   . ASN A 1 123 ? 5.804   -5.689  13.580  1.00 19.76 ? 120 ASN A N   1 
ATOM   855  C CA  . ASN A 1 123 ? 6.106   -6.430  12.351  1.00 20.57 ? 120 ASN A CA  1 
ATOM   856  C C   . ASN A 1 123 ? 6.741   -5.500  11.368  1.00 21.48 ? 120 ASN A C   1 
ATOM   857  O O   . ASN A 1 123 ? 6.949   -4.329  11.689  1.00 19.10 ? 120 ASN A O   1 
ATOM   858  C CB  . ASN A 1 123 ? 4.864   -7.025  11.756  1.00 21.53 ? 120 ASN A CB  1 
ATOM   859  C CG  . ASN A 1 123 ? 3.741   -6.000  11.603  1.00 21.33 ? 120 ASN A CG  1 
ATOM   860  O OD1 . ASN A 1 123 ? 3.932   -4.914  11.057  1.00 18.14 ? 120 ASN A OD1 1 
ATOM   861  N ND2 . ASN A 1 123 ? 2.560   -6.346  12.130  1.00 22.76 ? 120 ASN A ND2 1 
ATOM   862  N N   . LEU A 1 124 ? 7.078   -6.022  10.181  1.00 16.96 ? 121 LEU A N   1 
ATOM   863  C CA  . LEU A 1 124 ? 7.790   -5.191  9.226   1.00 17.67 ? 121 LEU A CA  1 
ATOM   864  C C   . LEU A 1 124 ? 7.000   -4.056  8.687   1.00 16.54 ? 121 LEU A C   1 
ATOM   865  O O   . LEU A 1 124 ? 7.602   -3.040  8.456   1.00 17.31 ? 121 LEU A O   1 
ATOM   866  C CB  . LEU A 1 124 ? 8.377   -6.012  8.047   1.00 20.65 ? 121 LEU A CB  1 
ATOM   867  C CG  . LEU A 1 124 ? 9.411   -5.357  7.096   1.00 20.75 ? 121 LEU A CG  1 
ATOM   868  C CD1 . LEU A 1 124 ? 10.641  -4.692  7.731   1.00 22.89 ? 121 LEU A CD1 1 
ATOM   869  C CD2 . LEU A 1 124 ? 9.937   -6.411  6.132   1.00 21.97 ? 121 LEU A CD2 1 
ATOM   870  N N   . ILE A 1 125 ? 5.668   -4.218  8.501   1.00 14.85 ? 122 ILE A N   1 
ATOM   871  C CA  . ILE A 1 125 ? 4.830   -3.140  8.030   1.00 15.25 ? 122 ILE A CA  1 
ATOM   872  C C   . ILE A 1 125 ? 4.909   -1.964  8.983   1.00 13.12 ? 122 ILE A C   1 
ATOM   873  O O   . ILE A 1 125 ? 5.152   -0.815  8.595   1.00 14.39 ? 122 ILE A O   1 
ATOM   874  C CB  . ILE A 1 125 ? 3.382   -3.595  7.789   1.00 17.67 ? 122 ILE A CB  1 
ATOM   875  C CG1 . ILE A 1 125 ? 3.365   -4.578  6.558   1.00 20.76 ? 122 ILE A CG1 1 
ATOM   876  C CG2 . ILE A 1 125 ? 2.480   -2.334  7.523   1.00 20.93 ? 122 ILE A CG2 1 
ATOM   877  C CD1 . ILE A 1 125 ? 2.222   -5.557  6.594   1.00 22.23 ? 122 ILE A CD1 1 
ATOM   878  N N   . GLU A 1 126 ? 4.719   -2.278  10.240  1.00 12.95 ? 123 GLU A N   1 
ATOM   879  C CA  . GLU A 1 126 ? 4.719   -1.249  11.305  1.00 14.07 ? 123 GLU A CA  1 
ATOM   880  C C   . GLU A 1 126 ? 6.110   -0.614  11.504  1.00 15.60 ? 123 GLU A C   1 
ATOM   881  O O   . GLU A 1 126 ? 6.259   0.589   11.619  1.00 16.98 ? 123 GLU A O   1 
ATOM   882  C CB  . GLU A 1 126 ? 4.240   -1.917  12.583  1.00 14.58 ? 123 GLU A CB  1 
ATOM   883  C CG  . GLU A 1 126 ? 2.813   -2.420  12.470  1.00 14.95 ? 123 GLU A CG  1 
ATOM   884  C CD  . GLU A 1 126 ? 2.353   -3.190  13.681  1.00 18.89 ? 123 GLU A CD  1 
ATOM   885  O OE1 . GLU A 1 126 ? 3.034   -3.177  14.719  1.00 18.98 ? 123 GLU A OE1 1 
ATOM   886  O OE2 . GLU A 1 126 ? 1.238   -3.801  13.640  1.00 19.16 ? 123 GLU A OE2 1 
ATOM   887  N N   . ARG A 1 127 ? 7.170   -1.388  11.460  1.00 14.99 ? 124 ARG A N   1 
ATOM   888  C CA  . ARG A 1 127 ? 8.495   -0.807  11.488  1.00 16.63 ? 124 ARG A CA  1 
ATOM   889  C C   . ARG A 1 127 ? 8.792   0.082   10.250  1.00 14.01 ? 124 ARG A C   1 
ATOM   890  O O   . ARG A 1 127 ? 9.414   1.125   10.368  1.00 16.30 ? 124 ARG A O   1 
ATOM   891  C CB  . ARG A 1 127 ? 9.573   -1.937  11.556  1.00 17.49 ? 124 ARG A CB  1 
ATOM   892  C CG  . ARG A 1 127 ? 11.013  -1.477  11.359  1.00 19.41 ? 124 ARG A CG  1 
ATOM   893  C CD  . ARG A 1 127 ? 11.583  -0.604  12.488  1.00 23.96 ? 124 ARG A CD  1 
ATOM   894  N NE  . ARG A 1 127 ? 12.983  -0.154  12.209  1.00 24.57 ? 124 ARG A NE  1 
ATOM   895  C CZ  . ARG A 1 127 ? 13.603  0.923   12.762  1.00 30.05 ? 124 ARG A CZ  1 
ATOM   896  N NH1 . ARG A 1 127 ? 13.022  1.720   13.694  1.00 33.74 ? 124 ARG A NH1 1 
ATOM   897  N NH2 . ARG A 1 127 ? 14.816  1.238   12.378  1.00 31.83 ? 124 ARG A NH2 1 
ATOM   898  N N   . ALA A 1 128 ? 8.402   -0.350  9.044   1.00 12.25 ? 125 ALA A N   1 
ATOM   899  C CA  . ALA A 1 128 ? 8.582   0.496   7.822   1.00 12.22 ? 125 ALA A CA  1 
ATOM   900  C C   . ALA A 1 128 ? 7.864   1.799   7.960   1.00 11.69 ? 125 ALA A C   1 
ATOM   901  O O   . ALA A 1 128 ? 8.458   2.849   7.652   1.00 12.68 ? 125 ALA A O   1 
ATOM   902  C CB  . ALA A 1 128 ? 8.112   -0.203  6.599   1.00 13.53 ? 125 ALA A CB  1 
ATOM   903  N N   . ALA A 1 129 ? 6.606   1.766   8.414   1.00 11.49 ? 126 ALA A N   1 
ATOM   904  C CA  . ALA A 1 129 ? 5.854   3.029   8.604   1.00 11.86 ? 126 ALA A CA  1 
ATOM   905  C C   . ALA A 1 129 ? 6.554   3.899   9.590   1.00 11.53 ? 126 ALA A C   1 
ATOM   906  O O   . ALA A 1 129 ? 6.576   5.157   9.408   1.00 9.94  ? 126 ALA A O   1 
ATOM   907  C CB  . ALA A 1 129 ? 4.433   2.791   9.025   1.00 12.01 ? 126 ALA A CB  1 
ATOM   908  N N   . ASP A 1 130 ? 7.032   3.298   10.698  1.00 12.34 ? 127 ASP A N   1 
ATOM   909  C CA  . ASP A 1 130 ? 7.710   4.069   11.735  1.00 13.82 ? 127 ASP A CA  1 
ATOM   910  C C   . ASP A 1 130 ? 8.918   4.796   11.198  1.00 13.11 ? 127 ASP A C   1 
ATOM   911  O O   . ASP A 1 130 ? 9.219   5.974   11.567  1.00 14.87 ? 127 ASP A O   1 
ATOM   912  C CB  . ASP A 1 130 ? 8.102   3.171   12.922  1.00 15.64 ? 127 ASP A CB  1 
ATOM   913  C CG  . ASP A 1 130 ? 8.444   3.983   14.200  1.00 19.59 ? 127 ASP A CG  1 
ATOM   914  O OD1 . ASP A 1 130 ? 7.518   4.716   14.717  1.00 19.57 ? 127 ASP A OD1 1 
ATOM   915  O OD2 . ASP A 1 130 ? 9.658   3.934   14.578  1.00 23.38 ? 127 ASP A OD2 1 
ATOM   916  N N   . VAL A 1 131 ? 9.649   4.102   10.329  1.00 13.38 ? 128 VAL A N   1 
ATOM   917  C CA  . VAL A 1 131 ? 10.792  4.688   9.676   1.00 13.92 ? 128 VAL A CA  1 
ATOM   918  C C   . VAL A 1 131 ? 10.436  5.882   8.729   1.00 14.34 ? 128 VAL A C   1 
ATOM   919  O O   . VAL A 1 131 ? 11.085  6.909   8.838   1.00 12.95 ? 128 VAL A O   1 
ATOM   920  C CB  . VAL A 1 131 ? 11.583  3.554   8.931   1.00 15.43 ? 128 VAL A CB  1 
ATOM   921  C CG1 . VAL A 1 131 ? 12.629  4.215   8.087   1.00 17.78 ? 128 VAL A CG1 1 
ATOM   922  C CG2 . VAL A 1 131 ? 12.181  2.576   9.930   1.00 18.09 ? 128 VAL A CG2 1 
ATOM   923  N N   . VAL A 1 132 ? 9.399   5.750   7.882   1.00 13.67 ? 129 VAL A N   1 
ATOM   924  C CA  . VAL A 1 132 ? 8.965   6.804   6.992   1.00 15.09 ? 129 VAL A CA  1 
ATOM   925  C C   . VAL A 1 132 ? 8.599   8.009   7.895   1.00 12.91 ? 129 VAL A C   1 
ATOM   926  O O   . VAL A 1 132 ? 8.943   9.174   7.597   1.00 12.86 ? 129 VAL A O   1 
ATOM   927  C CB  . VAL A 1 132 ? 7.783   6.388   6.106   1.00 14.68 ? 129 VAL A CB  1 
ATOM   928  C CG1 . VAL A 1 132 ? 7.236   7.560   5.348   1.00 17.44 ? 129 VAL A CG1 1 
ATOM   929  C CG2 . VAL A 1 132 ? 8.251   5.367   5.036   1.00 15.00 ? 129 VAL A CG2 1 
ATOM   930  N N   . ILE A 1 133 ? 7.978   7.760   9.041   1.00 12.90 ? 130 ILE A N   1 
ATOM   931  C CA  . ILE A 1 133 ? 7.498   8.891   9.849   1.00 12.45 ? 130 ILE A CA  1 
ATOM   932  C C   . ILE A 1 133 ? 8.702   9.640   10.482  1.00 13.28 ? 130 ILE A C   1 
ATOM   933  O O   . ILE A 1 133 ? 8.728   10.885  10.503  1.00 12.01 ? 130 ILE A O   1 
ATOM   934  C CB  . ILE A 1 133 ? 6.510   8.407   10.936  1.00 13.67 ? 130 ILE A CB  1 
ATOM   935  C CG1 . ILE A 1 133 ? 5.214   7.852   10.307  1.00 13.27 ? 130 ILE A CG1 1 
ATOM   936  C CG2 . ILE A 1 133 ? 6.229   9.581   11.915  1.00 11.22 ? 130 ILE A CG2 1 
ATOM   937  C CD1 . ILE A 1 133 ? 4.288   7.150   11.297  1.00 12.91 ? 130 ILE A CD1 1 
ATOM   938  N N   . LYS A 1 134 ? 9.661   8.898   10.993  1.00 12.98 ? 131 LYS A N   1 
ATOM   939  C CA  . LYS A 1 134 ? 10.847  9.534   11.655  1.00 14.81 ? 131 LYS A CA  1 
ATOM   940  C C   . LYS A 1 134 ? 11.713  10.212  10.653  1.00 15.09 ? 131 LYS A C   1 
ATOM   941  O O   . LYS A 1 134 ? 12.243  11.267  11.039  1.00 12.72 ? 131 LYS A O   1 
ATOM   942  C CB  . LYS A 1 134 ? 11.723  8.672   12.516  1.00 17.78 ? 131 LYS A CB  1 
ATOM   943  C CG  . LYS A 1 134 ? 12.506  7.690   11.769  1.00 20.34 ? 131 LYS A CG  1 
ATOM   944  C CD  . LYS A 1 134 ? 13.426  6.945   12.726  1.00 21.21 ? 131 LYS A CD  1 
ATOM   945  C CE  . LYS A 1 134 ? 14.319  6.127   11.826  1.00 24.28 ? 131 LYS A CE  1 
ATOM   946  N NZ  . LYS A 1 134 ? 15.339  5.463   12.662  1.00 26.46 ? 131 LYS A NZ  1 
ATOM   947  N N   . GLU A 1 135 ? 11.717  9.734   9.384   1.00 16.13 ? 132 GLU A N   1 
ATOM   948  C CA  . GLU A 1 135 ? 12.484  10.414  8.292   1.00 16.32 ? 132 GLU A CA  1 
ATOM   949  C C   . GLU A 1 135 ? 11.741  11.530  7.671   1.00 17.27 ? 132 GLU A C   1 
ATOM   950  O O   . GLU A 1 135 ? 12.243  12.130  6.740   1.00 14.99 ? 132 GLU A O   1 
ATOM   951  C CB  . GLU A 1 135 ? 12.816  9.389   7.232   1.00 24.09 ? 132 GLU A CB  1 
ATOM   952  C CG  . GLU A 1 135 ? 13.719  8.318   7.836   1.00 23.99 ? 132 GLU A CG  1 
ATOM   953  C CD  . GLU A 1 135 ? 15.018  8.896   8.317   1.00 29.13 ? 132 GLU A CD  1 
ATOM   954  O OE1 . GLU A 1 135 ? 15.898  8.967   7.455   1.00 34.44 ? 132 GLU A OE1 1 
ATOM   955  O OE2 . GLU A 1 135 ? 15.135  9.264   9.526   1.00 27.37 ? 132 GLU A OE2 1 
ATOM   956  N N   . ARG A 1 136 ? 10.489  11.780  8.098   1.00 14.24 ? 133 ARG A N   1 
ATOM   957  C CA  . ARG A 1 136 ? 9.543   12.815  7.578   1.00 15.83 ? 133 ARG A CA  1 
ATOM   958  C C   . ARG A 1 136 ? 9.272   12.636  6.084   1.00 16.69 ? 133 ARG A C   1 
ATOM   959  O O   . ARG A 1 136 ? 9.280   13.613  5.358   1.00 13.95 ? 133 ARG A O   1 
ATOM   960  C CB  . ARG A 1 136 ? 9.869   14.356  7.850   1.00 17.01 ? 133 ARG A CB  1 
ATOM   961  C CG  . ARG A 1 136 ? 10.093  14.678  9.366   1.00 19.19 ? 133 ARG A CG  1 
ATOM   962  C CD  . ARG A 1 136 ? 10.402  16.122  9.636   1.00 22.31 ? 133 ARG A CD  1 
ATOM   963  N NE  . ARG A 1 136 ? 10.292  16.415  11.063  1.00 18.11 ? 133 ARG A NE  1 
ATOM   964  C CZ  . ARG A 1 136 ? 9.162   16.669  11.708  1.00 17.23 ? 133 ARG A CZ  1 
ATOM   965  N NH1 . ARG A 1 136 ? 7.977   16.631  11.126  1.00 16.16 ? 133 ARG A NH1 1 
ATOM   966  N NH2 . ARG A 1 136 ? 9.229   16.893  12.989  1.00 16.53 ? 133 ARG A NH2 1 
ATOM   967  N N   . GLY A 1 137 ? 9.137   11.377  5.707   1.00 16.45 ? 134 GLY A N   1 
ATOM   968  C CA  . GLY A 1 137 ? 8.657   10.947  4.462   1.00 15.73 ? 134 GLY A CA  1 
ATOM   969  C C   . GLY A 1 137 ? 7.139   11.054  4.354   1.00 14.70 ? 134 GLY A C   1 
ATOM   970  O O   . GLY A 1 137 ? 6.468   11.801  5.054   1.00 17.13 ? 134 GLY A O   1 
ATOM   971  N N   . GLN A 1 138 ? 6.663   10.464  3.265   1.00 14.73 ? 135 GLN A N   1 
ATOM   972  C CA  . GLN A 1 138 ? 5.282   10.540  2.869   1.00 14.76 ? 135 GLN A CA  1 
ATOM   973  C C   . GLN A 1 138 ? 4.701   9.143   3.126   1.00 12.67 ? 135 GLN A C   1 
ATOM   974  O O   . GLN A 1 138 ? 4.887   8.219   2.372   1.00 13.22 ? 135 GLN A O   1 
ATOM   975  C CB  . GLN A 1 138 ? 5.164   11.039  1.415   1.00 17.08 ? 135 GLN A CB  1 
ATOM   976  C CG  . GLN A 1 138 ? 3.778   10.978  0.900   1.00 19.32 ? 135 GLN A CG  1 
ATOM   977  C CD  . GLN A 1 138 ? 3.642   11.401  -0.506  1.00 22.45 ? 135 GLN A CD  1 
ATOM   978  O OE1 . GLN A 1 138 ? 4.529   11.134  -1.361  1.00 25.14 ? 135 GLN A OE1 1 
ATOM   979  N NE2 . GLN A 1 138 ? 2.520   12.059  -0.786  1.00 23.58 ? 135 GLN A NE2 1 
ATOM   980  N N   . LEU A 1 139 ? 3.849   9.056   4.143   1.00 12.31 ? 136 LEU A N   1 
ATOM   981  C CA  . LEU A 1 139 ? 3.037   7.824   4.466   1.00 11.65 ? 136 LEU A CA  1 
ATOM   982  C C   . LEU A 1 139 ? 1.521   8.099   4.290   1.00 13.10 ? 136 LEU A C   1 
ATOM   983  O O   . LEU A 1 139 ? 0.977   9.180   4.703   1.00 14.53 ? 136 LEU A O   1 
ATOM   984  C CB  . LEU A 1 139 ? 3.262   7.443   5.920   1.00 11.58 ? 136 LEU A CB  1 
ATOM   985  C CG  . LEU A 1 139 ? 2.504   6.207   6.404   1.00 10.70 ? 136 LEU A CG  1 
ATOM   986  C CD1 . LEU A 1 139 ? 2.815   4.840   5.675   1.00 10.44 ? 136 LEU A CD1 1 
ATOM   987  C CD2 . LEU A 1 139 ? 2.719   6.068   7.935   1.00 10.64 ? 136 LEU A CD2 1 
ATOM   988  N N   . ILE A 1 140 ? 0.955   7.249   3.420   1.00 13.17 ? 137 ILE A N   1 
ATOM   989  C CA  . ILE A 1 140 ? -0.437  7.319   2.979   1.00 13.90 ? 137 ILE A CA  1 
ATOM   990  C C   . ILE A 1 140 ? -1.078  6.027   3.492   1.00 14.60 ? 137 ILE A C   1 
ATOM   991  O O   . ILE A 1 140 ? -0.623  4.908   3.182   1.00 12.33 ? 137 ILE A O   1 
ATOM   992  C CB  . ILE A 1 140 ? -0.625  7.417   1.480   1.00 14.85 ? 137 ILE A CB  1 
ATOM   993  C CG1 . ILE A 1 140 ? -0.003  8.731   0.917   1.00 16.96 ? 137 ILE A CG1 1 
ATOM   994  C CG2 . ILE A 1 140 ? -2.145  7.237   1.144   1.00 14.20 ? 137 ILE A CG2 1 
ATOM   995  C CD1 . ILE A 1 140 ? 0.190   8.785   -0.609  1.00 17.24 ? 137 ILE A CD1 1 
ATOM   996  N N   . LEU A 1 141 ? -2.101  6.182   4.335   1.00 12.40 ? 138 LEU A N   1 
ATOM   997  C CA  . LEU A 1 141 ? -2.837  5.090   4.849   1.00 12.56 ? 138 LEU A CA  1 
ATOM   998  C C   . LEU A 1 141 ? -4.243  5.127   4.206   1.00 11.59 ? 138 LEU A C   1 
ATOM   999  O O   . LEU A 1 141 ? -5.098  6.034   4.460   1.00 12.15 ? 138 LEU A O   1 
ATOM   1000 C CB  . LEU A 1 141 ? -2.987  5.186   6.412   1.00 11.85 ? 138 LEU A CB  1 
ATOM   1001 C CG  . LEU A 1 141 ? -1.697  5.191   7.189   1.00 12.98 ? 138 LEU A CG  1 
ATOM   1002 C CD1 . LEU A 1 141 ? -1.940  5.148   8.677   1.00 12.03 ? 138 LEU A CD1 1 
ATOM   1003 C CD2 . LEU A 1 141 ? -0.705  4.134   6.800   1.00 11.93 ? 138 LEU A CD2 1 
ATOM   1004 N N   . MET A 1 142 ? -4.539  4.109   3.427   1.00 12.06 ? 139 MET A N   1 
ATOM   1005 C CA  . MET A 1 142 ? -5.843  4.067   2.736   1.00 12.51 ? 139 MET A CA  1 
ATOM   1006 C C   . MET A 1 142 ? -6.723  3.215   3.636   1.00 13.68 ? 139 MET A C   1 
ATOM   1007 O O   . MET A 1 142 ? -6.842  1.948   3.471   1.00 14.51 ? 139 MET A O   1 
ATOM   1008 C CB  . MET A 1 142 ? -5.753  3.457   1.284   1.00 13.91 ? 139 MET A CB  1 
ATOM   1009 C CG  . MET A 1 142 ? -7.167  3.593   0.667   1.00 17.63 ? 139 MET A CG  1 
ATOM   1010 S SD  . MET A 1 142 ? -7.237  2.840   -0.978  1.00 22.09 ? 139 MET A SD  1 
ATOM   1011 C CE  . MET A 1 142 ? -6.188  3.974   -1.784  1.00 21.63 ? 139 MET A CE  1 
ATOM   1012 N N   . VAL A 1 143 ? -7.301  3.854   4.660   1.00 12.21 ? 140 VAL A N   1 
ATOM   1013 C CA  . VAL A 1 143 ? -8.103  3.134   5.633   1.00 14.27 ? 140 VAL A CA  1 
ATOM   1014 C C   . VAL A 1 143 ? -9.390  2.555   5.031   1.00 16.60 ? 140 VAL A C   1 
ATOM   1015 O O   . VAL A 1 143 ? -10.084 3.216   4.337   1.00 19.64 ? 140 VAL A O   1 
ATOM   1016 C CB  . VAL A 1 143 ? -8.362  4.013   6.817   1.00 16.49 ? 140 VAL A CB  1 
ATOM   1017 C CG1 . VAL A 1 143 ? -9.191  3.265   7.863   1.00 18.26 ? 140 VAL A CG1 1 
ATOM   1018 C CG2 . VAL A 1 143 ? -7.025  4.355   7.438   1.00 17.77 ? 140 VAL A CG2 1 
ATOM   1019 N N   . ARG A 1 144 ? -9.745  1.331   5.416   1.00 14.63 ? 141 ARG A N   1 
ATOM   1020 C CA  . ARG A 1 144 ? -10.990 0.730   4.952   1.00 15.85 ? 141 ARG A CA  1 
ATOM   1021 C C   . ARG A 1 144 ? -11.689 0.147   6.142   1.00 15.25 ? 141 ARG A C   1 
ATOM   1022 O O   . ARG A 1 144 ? -11.288 -0.920  6.681   1.00 18.44 ? 141 ARG A O   1 
ATOM   1023 C CB  . ARG A 1 144 ? -10.688 -0.360  3.883   1.00 16.80 ? 141 ARG A CB  1 
ATOM   1024 C CG  . ARG A 1 144 ? -11.759 -0.602  2.796   1.00 14.76 ? 141 ARG A CG  1 
ATOM   1025 C CD  . ARG A 1 144 ? -13.229 -0.766  3.273   1.00 21.13 ? 141 ARG A CD  1 
ATOM   1026 N NE  . ARG A 1 144 ? -13.318 -1.893  4.207   1.00 21.43 ? 141 ARG A NE  1 
ATOM   1027 C CZ  . ARG A 1 144 ? -14.220 -2.091  5.171   1.00 19.64 ? 141 ARG A CZ  1 
ATOM   1028 N NH1 . ARG A 1 144 ? -14.066 -3.177  5.949   1.00 20.03 ? 141 ARG A NH1 1 
ATOM   1029 N NH2 . ARG A 1 144 ? -15.302 -1.345  5.333   1.00 19.57 ? 141 ARG A NH2 1 
ATOM   1030 N N   . GLU A 1 145 ? -12.640 0.932   6.654   1.00 12.25 ? 142 GLU A N   1 
ATOM   1031 C CA  . GLU A 1 145 ? -13.349 0.537   7.861   1.00 18.18 ? 142 GLU A CA  1 
ATOM   1032 C C   . GLU A 1 145 ? -14.534 1.445   7.955   1.00 16.18 ? 142 GLU A C   1 
ATOM   1033 O O   . GLU A 1 145 ? -14.468 2.621   7.454   1.00 14.30 ? 142 GLU A O   1 
ATOM   1034 C CB  . GLU A 1 145 ? -12.389 0.632   9.053   1.00 18.12 ? 142 GLU A CB  1 
ATOM   1035 C CG  . GLU A 1 145 ? -13.015 0.399   10.405  1.00 22.02 ? 142 GLU A CG  1 
ATOM   1036 C CD  . GLU A 1 145 ? -13.545 -1.038  10.591  1.00 25.90 ? 142 GLU A CD  1 
ATOM   1037 O OE1 . GLU A 1 145 ? -14.452 -1.422  9.799   1.00 26.62 ? 142 GLU A OE1 1 
ATOM   1038 O OE2 . GLU A 1 145 ? -13.154 -1.766  11.554  1.00 29.07 ? 142 GLU A OE2 1 
ATOM   1039 N N   . THR A 1 146 ? -15.652 0.914   8.461   1.00 14.36 ? 143 THR A N   1 
ATOM   1040 C CA  . THR A 1 146 ? -16.756 1.830   8.789   1.00 14.95 ? 143 THR A CA  1 
ATOM   1041 C C   . THR A 1 146 ? -17.627 1.104   9.836   1.00 14.77 ? 143 THR A C   1 
ATOM   1042 O O   . THR A 1 146 ? -17.679 -0.181  9.880   1.00 15.46 ? 143 THR A O   1 
ATOM   1043 C CB  . THR A 1 146 ? -17.517 2.202   7.500   1.00 16.70 ? 143 THR A CB  1 
ATOM   1044 O OG1 . THR A 1 146 ? -18.452 3.210   7.768   1.00 14.12 ? 143 THR A OG1 1 
ATOM   1045 C CG2 . THR A 1 146 ? -18.234 1.018   6.907   1.00 16.73 ? 143 THR A CG2 1 
ATOM   1046 N N   . PRO A 1 147 ? -18.275 1.868   10.718  1.00 14.22 ? 144 PRO A N   1 
ATOM   1047 C CA  . PRO A 1 147 ? -17.963 3.282   11.012  1.00 13.31 ? 144 PRO A CA  1 
ATOM   1048 C C   . PRO A 1 147 ? -16.627 3.417   11.660  1.00 14.86 ? 144 PRO A C   1 
ATOM   1049 O O   . PRO A 1 147 ? -15.969 2.381   11.986  1.00 13.36 ? 144 PRO A O   1 
ATOM   1050 C CB  . PRO A 1 147 ? -19.063 3.704   11.983  1.00 13.67 ? 144 PRO A CB  1 
ATOM   1051 C CG  . PRO A 1 147 ? -19.546 2.498   12.557  1.00 13.00 ? 144 PRO A CG  1 
ATOM   1052 C CD  . PRO A 1 147 ? -19.167 1.300   11.736  1.00 14.56 ? 144 PRO A CD  1 
ATOM   1053 N N   . PHE A 1 148 ? -16.261 4.686   11.957  1.00 13.30 ? 145 PHE A N   1 
ATOM   1054 C CA  . PHE A 1 148 ? -14.997 5.039   12.626  1.00 15.28 ? 145 PHE A CA  1 
ATOM   1055 C C   . PHE A 1 148 ? -15.395 5.314   14.062  1.00 14.89 ? 145 PHE A C   1 
ATOM   1056 O O   . PHE A 1 148 ? -16.109 6.279   14.329  1.00 18.65 ? 145 PHE A O   1 
ATOM   1057 C CB  . PHE A 1 148 ? -14.353 6.255   12.064  1.00 15.96 ? 145 PHE A CB  1 
ATOM   1058 C CG  . PHE A 1 148 ? -13.628 6.090   10.761  1.00 16.57 ? 145 PHE A CG  1 
ATOM   1059 C CD1 . PHE A 1 148 ? -13.226 4.873   10.271  1.00 18.18 ? 145 PHE A CD1 1 
ATOM   1060 C CD2 . PHE A 1 148 ? -13.165 7.230   10.113  1.00 15.77 ? 145 PHE A CD2 1 
ATOM   1061 C CE1 . PHE A 1 148 ? -12.543 4.773   9.033   1.00 16.82 ? 145 PHE A CE1 1 
ATOM   1062 C CE2 . PHE A 1 148 ? -12.419 7.133   8.945   1.00 16.26 ? 145 PHE A CE2 1 
ATOM   1063 C CZ  . PHE A 1 148 ? -12.063 5.896   8.415   1.00 15.74 ? 145 PHE A CZ  1 
ATOM   1064 N N   . SER A 1 149 ? -14.960 4.416   14.924  1.00 10.28 ? 146 SER A N   1 
ATOM   1065 C CA  . SER A 1 149 ? -15.078 4.701   16.377  1.00 11.69 ? 146 SER A CA  1 
ATOM   1066 C C   . SER A 1 149 ? -14.303 5.974   16.797  1.00 10.08 ? 146 SER A C   1 
ATOM   1067 O O   . SER A 1 149 ? -13.368 6.405   16.203  1.00 10.57 ? 146 SER A O   1 
ATOM   1068 C CB  . SER A 1 149 ? -14.723 3.540   17.200  1.00 11.98 ? 146 SER A CB  1 
ATOM   1069 O OG  . SER A 1 149 ? -13.350 3.306   17.213  1.00 9.99  ? 146 SER A OG  1 
ATOM   1070 N N   . THR A 1 150 ? -14.672 6.499   17.959  1.00 10.23 ? 147 THR A N   1 
ATOM   1071 C CA  . THR A 1 150 ? -13.980 7.596   18.622  1.00 8.40  ? 147 THR A CA  1 
ATOM   1072 C C   . THR A 1 150 ? -12.506 7.277   18.759  1.00 10.00 ? 147 THR A C   1 
ATOM   1073 O O   . THR A 1 150 ? -11.706 8.146   18.395  1.00 9.32  ? 147 THR A O   1 
ATOM   1074 C CB  . THR A 1 150 ? -14.646 7.897   19.960  1.00 8.12  ? 147 THR A CB  1 
ATOM   1075 O OG1 . THR A 1 150 ? -15.974 8.354   19.722  1.00 10.30 ? 147 THR A OG1 1 
ATOM   1076 C CG2 . THR A 1 150 ? -13.896 9.063   20.661  1.00 9.49  ? 147 THR A CG2 1 
ATOM   1077 N N   . LEU A 1 151 ? -12.140 6.117   19.259  1.00 9.88  ? 148 LEU A N   1 
ATOM   1078 C CA  . LEU A 1 151 ? -10.721 5.789   19.504  1.00 10.74 ? 148 LEU A CA  1 
ATOM   1079 C C   . LEU A 1 151 ? -9.966  5.747   18.193  1.00 10.25 ? 148 LEU A C   1 
ATOM   1080 O O   . LEU A 1 151 ? -8.809  6.243   18.128  1.00 10.10 ? 148 LEU A O   1 
ATOM   1081 C CB  . LEU A 1 151 ? -10.536 4.560   20.385  1.00 12.80 ? 148 LEU A CB  1 
ATOM   1082 C CG  . LEU A 1 151 ? -10.837 3.243   19.819  1.00 12.10 ? 148 LEU A CG  1 
ATOM   1083 C CD1 . LEU A 1 151 ? -9.577  2.717   19.210  1.00 13.44 ? 148 LEU A CD1 1 
ATOM   1084 C CD2 . LEU A 1 151 ? -11.379 2.331   20.895  1.00 13.89 ? 148 LEU A CD2 1 
ATOM   1085 N N   . HIS A 1 152 ? -10.612 5.224   17.131  1.00 9.97  ? 149 HIS A N   1 
ATOM   1086 C CA  . HIS A 1 152 ? -9.892  5.252   15.885  1.00 11.06 ? 149 HIS A CA  1 
ATOM   1087 C C   . HIS A 1 152 ? -9.789  6.613   15.234  1.00 9.59  ? 149 HIS A C   1 
ATOM   1088 O O   . HIS A 1 152 ? -8.813  6.876   14.629  1.00 10.14 ? 149 HIS A O   1 
ATOM   1089 C CB  . HIS A 1 152 ? -10.378 4.292   14.907  1.00 13.01 ? 149 HIS A CB  1 
ATOM   1090 C CG  . HIS A 1 152 ? -10.022 2.880   15.294  1.00 13.40 ? 149 HIS A CG  1 
ATOM   1091 N ND1 . HIS A 1 152 ? -8.706  2.451   15.442  1.00 14.61 ? 149 HIS A ND1 1 
ATOM   1092 C CD2 . HIS A 1 152 ? -10.791 1.851   15.618  1.00 11.65 ? 149 HIS A CD2 1 
ATOM   1093 C CE1 . HIS A 1 152 ? -8.692  1.214   15.882  1.00 14.39 ? 149 HIS A CE1 1 
ATOM   1094 N NE2 . HIS A 1 152 ? -9.942  0.809   15.964  1.00 14.75 ? 149 HIS A NE2 1 
ATOM   1095 N N   . LEU A 1 153 ? -10.740 7.489   15.444  1.00 8.89  ? 150 LEU A N   1 
ATOM   1096 C CA  . LEU A 1 153 ? -10.561 8.899   15.006  1.00 8.80  ? 150 LEU A CA  1 
ATOM   1097 C C   . LEU A 1 153 ? -9.444  9.558   15.787  1.00 10.11 ? 150 LEU A C   1 
ATOM   1098 O O   . LEU A 1 153 ? -8.758  10.403  15.231  1.00 8.80  ? 150 LEU A O   1 
ATOM   1099 C CB  . LEU A 1 153 ? -11.932 9.596   15.148  1.00 10.63 ? 150 LEU A CB  1 
ATOM   1100 C CG  . LEU A 1 153 ? -12.977 9.255   14.110  1.00 9.77  ? 150 LEU A CG  1 
ATOM   1101 C CD1 . LEU A 1 153 ? -14.334 9.741   14.574  1.00 9.20  ? 150 LEU A CD1 1 
ATOM   1102 C CD2 . LEU A 1 153 ? -12.660 9.866   12.775  1.00 11.33 ? 150 LEU A CD2 1 
ATOM   1103 N N   . GLN A 1 154 ? -9.246  9.238   17.078  1.00 8.75  ? 151 GLN A N   1 
ATOM   1104 C CA  . GLN A 1 154 ? -8.143  9.879   17.853  1.00 11.35 ? 151 GLN A CA  1 
ATOM   1105 C C   . GLN A 1 154 ? -6.781  9.375   17.247  1.00 8.47  ? 151 GLN A C   1 
ATOM   1106 O O   . GLN A 1 154 ? -5.922  10.150  17.045  1.00 9.61  ? 151 GLN A O   1 
ATOM   1107 C CB  . GLN A 1 154 ? -8.166  9.372   19.290  1.00 13.97 ? 151 GLN A CB  1 
ATOM   1108 C CG  . GLN A 1 154 ? -9.199  10.049  20.114  1.00 18.76 ? 151 GLN A CG  1 
ATOM   1109 C CD  . GLN A 1 154 ? -9.303  9.509   21.503  1.00 25.68 ? 151 GLN A CD  1 
ATOM   1110 O OE1 . GLN A 1 154 ? -9.240  8.307   21.750  1.00 25.84 ? 151 GLN A OE1 1 
ATOM   1111 N NE2 . GLN A 1 154 ? -9.480  10.441  22.457  1.00 27.98 ? 151 GLN A NE2 1 
ATOM   1112 N N   . ASN A 1 155 ? -6.773  8.097   16.828  1.00 9.08  ? 152 ASN A N   1 
ATOM   1113 C CA  . ASN A 1 155 ? -5.589  7.464   16.211  1.00 9.38  ? 152 ASN A CA  1 
ATOM   1114 C C   . ASN A 1 155 ? -5.313  8.221   14.895  1.00 9.06  ? 152 ASN A C   1 
ATOM   1115 O O   . ASN A 1 155 ? -4.180  8.646   14.627  1.00 8.31  ? 152 ASN A O   1 
ATOM   1116 C CB  . ASN A 1 155 ? -5.840  5.951   16.064  1.00 11.05 ? 152 ASN A CB  1 
ATOM   1117 C CG  . ASN A 1 155 ? -5.750  5.201   17.386  1.00 11.72 ? 152 ASN A CG  1 
ATOM   1118 O OD1 . ASN A 1 155 ? -5.352  5.758   18.471  1.00 13.61 ? 152 ASN A OD1 1 
ATOM   1119 N ND2 . ASN A 1 155 ? -6.082  3.897   17.302  1.00 12.86 ? 152 ASN A ND2 1 
ATOM   1120 N N   . MET A 1 156 ? -6.333  8.242   14.004  1.00 8.74  ? 153 MET A N   1 
ATOM   1121 C CA  . MET A 1 156 ? -6.226  9.001   12.776  1.00 9.53  ? 153 MET A CA  1 
ATOM   1122 C C   . MET A 1 156 ? -5.811  10.444  12.887  1.00 9.03  ? 153 MET A C   1 
ATOM   1123 O O   . MET A 1 156 ? -4.894  10.894  12.109  1.00 7.41  ? 153 MET A O   1 
ATOM   1124 C CB  . MET A 1 156 ? -7.528  8.790   12.006  1.00 10.63 ? 153 MET A CB  1 
ATOM   1125 C CG  . MET A 1 156 ? -7.529  7.428   11.352  1.00 13.24 ? 153 MET A CG  1 
ATOM   1126 S SD  . MET A 1 156 ? -9.061  7.194   10.391  1.00 17.94 ? 153 MET A SD  1 
ATOM   1127 C CE  . MET A 1 156 ? -10.234 7.108   11.580  1.00 17.95 ? 153 MET A CE  1 
ATOM   1128 N N   . LEU A 1 157 ? -6.447  11.156  13.849  1.00 8.57  ? 154 LEU A N   1 
ATOM   1129 C CA  . LEU A 1 157 ? -6.115  12.550  14.095  1.00 10.03 ? 154 LEU A CA  1 
ATOM   1130 C C   . LEU A 1 157 ? -4.618  12.704  14.458  1.00 8.47  ? 154 LEU A C   1 
ATOM   1131 O O   . LEU A 1 157 ? -3.937  13.565  13.888  1.00 10.04 ? 154 LEU A O   1 
ATOM   1132 C CB  . LEU A 1 157 ? -6.961  13.124  15.187  1.00 10.21 ? 154 LEU A CB  1 
ATOM   1133 C CG  . LEU A 1 157 ? -6.714  14.577  15.531  1.00 11.12 ? 154 LEU A CG  1 
ATOM   1134 C CD1 . LEU A 1 157 ? -6.858  15.426  14.306  1.00 12.94 ? 154 LEU A CD1 1 
ATOM   1135 C CD2 . LEU A 1 157 ? -7.516  14.864  16.773  1.00 14.98 ? 154 LEU A CD2 1 
ATOM   1136 N N   . SER A 1 158 ? -4.082  11.880  15.376  1.00 9.88  ? 155 SER A N   1 
ATOM   1137 C CA  . SER A 1 158 ? -2.692  11.911  15.760  1.00 11.37 ? 155 SER A CA  1 
ATOM   1138 C C   . SER A 1 158 ? -1.797  11.847  14.537  1.00 8.87  ? 155 SER A C   1 
ATOM   1139 O O   . SER A 1 158 ? -0.901  12.670  14.330  1.00 9.28  ? 155 SER A O   1 
ATOM   1140 C CB  . SER A 1 158 ? -2.372  10.678  16.720  1.00 13.62 ? 155 SER A CB  1 
ATOM   1141 O OG  . SER A 1 158 ? -1.091  10.797  17.173  1.00 17.25 ? 155 SER A OG  1 
ATOM   1142 N N   . LEU A 1 159 ? -1.934  10.770  13.790  1.00 8.65  ? 156 LEU A N   1 
ATOM   1143 C CA  . LEU A 1 159 ? -1.157  10.569  12.601  1.00 8.73  ? 156 LEU A CA  1 
ATOM   1144 C C   . LEU A 1 159 ? -1.264  11.680  11.637  1.00 9.89  ? 156 LEU A C   1 
ATOM   1145 O O   . LEU A 1 159 ? -0.238  12.158  11.148  1.00 10.41 ? 156 LEU A O   1 
ATOM   1146 C CB  . LEU A 1 159 ? -1.557  9.246   11.949  1.00 9.58  ? 156 LEU A CB  1 
ATOM   1147 C CG  . LEU A 1 159 ? -0.967  8.087   12.743  1.00 10.44 ? 156 LEU A CG  1 
ATOM   1148 C CD1 . LEU A 1 159 ? -1.809  6.890   12.342  1.00 11.99 ? 156 LEU A CD1 1 
ATOM   1149 C CD2 . LEU A 1 159 ? 0.521   7.871   12.659  1.00 10.96 ? 156 LEU A CD2 1 
ATOM   1150 N N   . SER A 1 160 ? -2.511  12.177  11.391  1.00 9.30  ? 157 SER A N   1 
ATOM   1151 C CA  . SER A 1 160 ? -2.698  13.255  10.452  1.00 9.37  ? 157 SER A CA  1 
ATOM   1152 C C   . SER A 1 160 ? -1.894  14.501  10.927  1.00 9.05  ? 157 SER A C   1 
ATOM   1153 O O   . SER A 1 160 ? -1.357  15.271  10.091  1.00 6.95  ? 157 SER A O   1 
ATOM   1154 C CB  . SER A 1 160 ? -4.183  13.515  10.211  1.00 10.97 ? 157 SER A CB  1 
ATOM   1155 O OG  . SER A 1 160 ? -4.345  14.287  9.046   1.00 9.91  ? 157 SER A OG  1 
ATOM   1156 N N   . GLN A 1 161 ? -1.939  14.814  12.232  1.00 10.05 ? 158 GLN A N   1 
ATOM   1157 C CA  . GLN A 1 161 ? -1.277  15.968  12.746  1.00 11.75 ? 158 GLN A CA  1 
ATOM   1158 C C   . GLN A 1 161 ? 0.200   15.903  12.572  1.00 11.25 ? 158 GLN A C   1 
ATOM   1159 O O   . GLN A 1 161 ? 0.873   16.928  12.409  1.00 10.45 ? 158 GLN A O   1 
ATOM   1160 C CB  . GLN A 1 161 ? -1.608  16.004  14.286  1.00 12.81 ? 158 GLN A CB  1 
ATOM   1161 C CG  . GLN A 1 161 ? -3.000  16.588  14.566  1.00 12.57 ? 158 GLN A CG  1 
ATOM   1162 C CD  . GLN A 1 161 ? -3.322  16.609  16.031  1.00 16.22 ? 158 GLN A CD  1 
ATOM   1163 O OE1 . GLN A 1 161 ? -2.946  15.712  16.784  1.00 16.66 ? 158 GLN A OE1 1 
ATOM   1164 N NE2 . GLN A 1 161 ? -4.079  17.624  16.442  1.00 17.60 ? 158 GLN A NE2 1 
ATOM   1165 N N   . GLN A 1 162 ? 0.684   14.666  12.471  1.00 10.97 ? 159 GLN A N   1 
ATOM   1166 C CA  . GLN A 1 162 ? 2.080   14.314  12.291  1.00 13.00 ? 159 GLN A CA  1 
ATOM   1167 C C   . GLN A 1 162 ? 2.439   14.053  10.824  1.00 11.93 ? 159 GLN A C   1 
ATOM   1168 O O   . GLN A 1 162 ? 3.562   13.598  10.553  1.00 13.35 ? 159 GLN A O   1 
ATOM   1169 C CB  . GLN A 1 162 ? 2.410   13.133  13.129  1.00 12.88 ? 159 GLN A CB  1 
ATOM   1170 C CG  . GLN A 1 162 ? 2.266   13.427  14.598  1.00 13.62 ? 159 GLN A CG  1 
ATOM   1171 C CD  . GLN A 1 162 ? 2.143   12.198  15.542  1.00 11.70 ? 159 GLN A CD  1 
ATOM   1172 O OE1 . GLN A 1 162 ? 2.294   11.061  15.119  1.00 10.27 ? 159 GLN A OE1 1 
ATOM   1173 N NE2 . GLN A 1 162 ? 1.925   12.442  16.808  1.00 13.63 ? 159 GLN A NE2 1 
ATOM   1174 N N   . GLY A 1 163 ? 1.577   14.456  9.901   1.00 11.96 ? 160 GLY A N   1 
ATOM   1175 C CA  . GLY A 1 163 ? 1.873   14.538  8.554   1.00 12.54 ? 160 GLY A CA  1 
ATOM   1176 C C   . GLY A 1 163 ? 1.515   13.343  7.688   1.00 13.60 ? 160 GLY A C   1 
ATOM   1177 O O   . GLY A 1 163 ? 1.952   13.321  6.494   1.00 12.75 ? 160 GLY A O   1 
ATOM   1178 N N   . VAL A 1 164 ? 0.833   12.375  8.276   1.00 12.76 ? 161 VAL A N   1 
ATOM   1179 C CA  . VAL A 1 164 ? 0.466   11.161  7.581   1.00 12.80 ? 161 VAL A CA  1 
ATOM   1180 C C   . VAL A 1 164 ? -0.845  11.434  6.848   1.00 12.99 ? 161 VAL A C   1 
ATOM   1181 O O   . VAL A 1 164 ? -1.702  12.097  7.452   1.00 13.47 ? 161 VAL A O   1 
ATOM   1182 C CB  . VAL A 1 164 ? 0.276   10.028  8.600   1.00 13.35 ? 161 VAL A CB  1 
ATOM   1183 C CG1 . VAL A 1 164 ? -0.228  8.759   7.913   1.00 13.01 ? 161 VAL A CG1 1 
ATOM   1184 C CG2 . VAL A 1 164 ? 1.550   9.728   9.383   1.00 12.75 ? 161 VAL A CG2 1 
ATOM   1185 N N   . THR A 1 165 ? -1.005  10.933  5.596   1.00 12.33 ? 162 THR A N   1 
ATOM   1186 C CA  . THR A 1 165 ? -2.197  11.193  4.846   1.00 13.59 ? 162 THR A CA  1 
ATOM   1187 C C   . THR A 1 165 ? -3.201  10.086  5.089   1.00 11.85 ? 162 THR A C   1 
ATOM   1188 O O   . THR A 1 165 ? -2.873  8.968   4.866   1.00 14.04 ? 162 THR A O   1 
ATOM   1189 C CB  . THR A 1 165 ? -1.941  11.359  3.380   1.00 17.69 ? 162 THR A CB  1 
ATOM   1190 O OG1 . THR A 1 165 ? -1.093  12.452  3.175   1.00 17.97 ? 162 THR A OG1 1 
ATOM   1191 C CG2 . THR A 1 165 ? -3.249  11.672  2.605   1.00 16.79 ? 162 THR A CG2 1 
ATOM   1192 N N   . ILE A 1 166 ? -4.282  10.416  5.777   1.00 12.16 ? 163 ILE A N   1 
ATOM   1193 C CA  . ILE A 1 166 ? -5.381  9.497   6.061   1.00 12.50 ? 163 ILE A CA  1 
ATOM   1194 C C   . ILE A 1 166 ? -6.363  9.570   4.931   1.00 11.33 ? 163 ILE A C   1 
ATOM   1195 O O   . ILE A 1 166 ? -7.129  10.534  4.808   1.00 14.85 ? 163 ILE A O   1 
ATOM   1196 C CB  . ILE A 1 166 ? -6.076  9.857   7.402   1.00 12.91 ? 163 ILE A CB  1 
ATOM   1197 C CG1 . ILE A 1 166 ? -5.010  9.955   8.563   1.00 12.51 ? 163 ILE A CG1 1 
ATOM   1198 C CG2 . ILE A 1 166 ? -7.195  8.880   7.794   1.00 11.23 ? 163 ILE A CG2 1 
ATOM   1199 C CD1 . ILE A 1 166 ? -4.306  8.644   8.975   1.00 12.98 ? 163 ILE A CD1 1 
ATOM   1200 N N   . MET A 1 167 ? -6.414  8.494   4.123   1.00 11.32 ? 164 MET A N   1 
ATOM   1201 C CA  . MET A 1 167 ? -7.133  8.468   2.937   1.00 13.11 ? 164 MET A CA  1 
ATOM   1202 C C   . MET A 1 167 ? -8.161  7.349   2.958   1.00 13.61 ? 164 MET A C   1 
ATOM   1203 O O   . MET A 1 167 ? -7.926  6.281   2.419   1.00 16.02 ? 164 MET A O   1 
ATOM   1204 C CB  . MET A 1 167 ? -6.149  8.371   1.722   1.00 14.71 ? 164 MET A CB  1 
ATOM   1205 C CG  . MET A 1 167 ? -6.910  8.552   0.370   1.00 14.61 ? 164 MET A CG  1 
ATOM   1206 S SD  . MET A 1 167 ? -5.702  8.192   -0.951  1.00 23.50 ? 164 MET A SD  1 
ATOM   1207 C CE  . MET A 1 167 ? -4.763  9.627   -0.801  1.00 16.95 ? 164 MET A CE  1 
ATOM   1208 N N   . PRO A 1 168 ? -9.327  7.586   3.573   1.00 13.75 ? 165 PRO A N   1 
ATOM   1209 C CA  . PRO A 1 168 ? -10.242 6.488   3.594   0.97 14.74 ? 165 PRO A CA  1 
ATOM   1210 C C   . PRO A 1 168 ? -10.634 6.076   2.192   1.00 13.92 ? 165 PRO A C   1 
ATOM   1211 O O   . PRO A 1 168 ? -10.625 6.862   1.316   1.00 13.01 ? 165 PRO A O   1 
ATOM   1212 C CB  . PRO A 1 168 ? -11.424 6.998   4.369   1.00 17.67 ? 165 PRO A CB  1 
ATOM   1213 C CG  . PRO A 1 168 ? -10.982 8.144   5.144   1.00 19.61 ? 165 PRO A CG  1 
ATOM   1214 C CD  . PRO A 1 168 ? -9.805  8.739   4.368   1.00 15.53 ? 165 PRO A CD  1 
ATOM   1215 N N   . ALA A 1 169 ? -10.892 4.773   2.024   1.00 13.24 ? 166 ALA A N   1 
ATOM   1216 C CA  . ALA A 1 169 ? -11.318 4.214   0.764   1.00 14.46 ? 166 ALA A CA  1 
ATOM   1217 C C   . ALA A 1 169 ? -12.800 4.483   0.582   1.00 13.48 ? 166 ALA A C   1 
ATOM   1218 O O   . ALA A 1 169 ? -13.633 3.564   0.781   1.00 14.54 ? 166 ALA A O   1 
ATOM   1219 C CB  . ALA A 1 169 ? -10.990 2.677   0.781   1.00 14.59 ? 166 ALA A CB  1 
ATOM   1220 N N   . SER A 1 170 ? -13.124 5.703   0.188   1.00 13.93 ? 167 SER A N   1 
ATOM   1221 C CA  . SER A 1 170 ? -14.439 6.245   0.133   1.00 13.08 ? 167 SER A CA  1 
ATOM   1222 C C   . SER A 1 170 ? -14.596 6.852   -1.216  1.00 14.06 ? 167 SER A C   1 
ATOM   1223 O O   . SER A 1 170 ? -14.684 8.059   -1.389  1.00 15.16 ? 167 SER A O   1 
ATOM   1224 C CB  . SER A 1 170 ? -14.781 7.331   1.163   1.00 16.00 ? 167 SER A CB  1 
ATOM   1225 O OG  . SER A 1 170 ? -14.556 6.989   2.432   1.00 19.95 ? 167 SER A OG  1 
ATOM   1226 N N   . PRO A 1 171 ? -14.700 6.005   -2.203  1.00 14.87 ? 168 PRO A N   1 
ATOM   1227 C CA  . PRO A 1 171 ? -14.740 6.613   -3.550  1.00 16.84 ? 168 PRO A CA  1 
ATOM   1228 C C   . PRO A 1 171 ? -16.038 7.366   -3.825  1.00 17.27 ? 168 PRO A C   1 
ATOM   1229 O O   . PRO A 1 171 ? -17.124 6.905   -3.442  1.00 19.89 ? 168 PRO A O   1 
ATOM   1230 C CB  . PRO A 1 171 ? -14.649 5.375   -4.429  1.00 14.89 ? 168 PRO A CB  1 
ATOM   1231 C CG  . PRO A 1 171 ? -15.306 4.278   -3.631  1.00 15.60 ? 168 PRO A CG  1 
ATOM   1232 C CD  . PRO A 1 171 ? -14.856 4.555   -2.195  1.00 13.70 ? 168 PRO A CD  1 
ATOM   1233 N N   . GLY A 1 172 ? -15.925 8.463   -4.574  1.00 16.67 ? 169 GLY A N   1 
ATOM   1234 C CA  . GLY A 1 172 ? -17.037 9.191   -5.118  1.00 18.25 ? 169 GLY A CA  1 
ATOM   1235 C C   . GLY A 1 172 ? -17.652 8.564   -6.365  1.00 21.38 ? 169 GLY A C   1 
ATOM   1236 O O   . GLY A 1 172 ? -16.975 7.872   -7.084  1.00 20.07 ? 169 GLY A O   1 
ATOM   1237 N N   . PHE A 1 173 ? -18.905 8.929   -6.617  1.00 22.71 ? 170 PHE A N   1 
ATOM   1238 C CA  . PHE A 1 173 ? -19.759 8.392   -7.683  1.00 24.54 ? 170 PHE A CA  1 
ATOM   1239 C C   . PHE A 1 173 ? -19.939 9.537   -8.630  1.00 31.99 ? 170 PHE A C   1 
ATOM   1240 O O   . PHE A 1 173 ? -20.855 10.275  -8.522  1.00 31.47 ? 170 PHE A O   1 
ATOM   1241 C CB  . PHE A 1 173 ? -21.114 7.916   -7.139  1.00 25.10 ? 170 PHE A CB  1 
ATOM   1242 C CG  . PHE A 1 173 ? -21.050 6.597   -6.410  1.00 25.89 ? 170 PHE A CG  1 
ATOM   1243 C CD1 . PHE A 1 173 ? -20.278 6.441   -5.234  1.00 26.74 ? 170 PHE A CD1 1 
ATOM   1244 C CD2 . PHE A 1 173 ? -21.739 5.477   -6.890  1.00 31.29 ? 170 PHE A CD2 1 
ATOM   1245 C CE1 . PHE A 1 173 ? -20.211 5.234   -4.606  1.00 24.74 ? 170 PHE A CE1 1 
ATOM   1246 C CE2 . PHE A 1 173 ? -21.684 4.282   -6.239  1.00 28.65 ? 170 PHE A CE2 1 
ATOM   1247 C CZ  . PHE A 1 173 ? -20.935 4.157   -5.093  1.00 30.30 ? 170 PHE A CZ  1 
ATOM   1248 N N   . TYR A 1 174 ? -19.002 9.684   -9.543  1.00 36.69 ? 171 TYR A N   1 
ATOM   1249 C CA  . TYR A 1 174 ? -18.943 10.856  -10.384 1.00 40.42 ? 171 TYR A CA  1 
ATOM   1250 C C   . TYR A 1 174 ? -19.586 10.561  -11.754 1.00 40.66 ? 171 TYR A C   1 
ATOM   1251 O O   . TYR A 1 174 ? -19.549 11.394  -12.652 1.00 42.39 ? 171 TYR A O   1 
ATOM   1252 C CB  . TYR A 1 174 ? -17.468 11.306  -10.503 1.00 40.82 ? 171 TYR A CB  1 
ATOM   1253 C CG  . TYR A 1 174 ? -16.870 12.025  -9.272  1.00 43.88 ? 171 TYR A CG  1 
ATOM   1254 C CD1 . TYR A 1 174 ? -17.495 12.008  -8.028  1.00 44.01 ? 171 TYR A CD1 1 
ATOM   1255 C CD2 . TYR A 1 174 ? -15.654 12.708  -9.361  1.00 44.59 ? 171 TYR A CD2 1 
ATOM   1256 C CE1 . TYR A 1 174 ? -16.945 12.652  -6.929  1.00 39.29 ? 171 TYR A CE1 1 
ATOM   1257 C CE2 . TYR A 1 174 ? -15.095 13.343  -8.251  1.00 39.88 ? 171 TYR A CE2 1 
ATOM   1258 C CZ  . TYR A 1 174 ? -15.758 13.323  -7.036  1.00 43.26 ? 171 TYR A CZ  1 
ATOM   1259 O OH  . TYR A 1 174 ? -15.246 13.956  -5.895  1.00 47.16 ? 171 TYR A OH  1 
ATOM   1260 N N   . HIS A 1 175 ? -20.200 9.400   -11.941 1.00 44.20 ? 172 HIS A N   1 
ATOM   1261 C CA  . HIS A 1 175 ? -20.647 9.061   -13.283 1.00 49.28 ? 172 HIS A CA  1 
ATOM   1262 C C   . HIS A 1 175 ? -22.099 8.726   -13.264 1.00 51.60 ? 172 HIS A C   1 
ATOM   1263 O O   . HIS A 1 175 ? -22.737 8.795   -12.216 1.00 49.05 ? 172 HIS A O   1 
ATOM   1264 C CB  . HIS A 1 175 ? -19.790 7.951   -13.905 1.00 52.13 ? 172 HIS A CB  1 
ATOM   1265 C CG  . HIS A 1 175 ? -18.340 8.301   -13.987 1.00 53.57 ? 172 HIS A CG  1 
ATOM   1266 N ND1 . HIS A 1 175 ? -17.894 9.581   -14.251 1.00 60.46 ? 172 HIS A ND1 1 
ATOM   1267 C CD2 . HIS A 1 175 ? -17.228 7.543   -13.837 1.00 58.16 ? 172 HIS A CD2 1 
ATOM   1268 C CE1 . HIS A 1 175 ? -16.571 9.595   -14.260 1.00 55.17 ? 172 HIS A CE1 1 
ATOM   1269 N NE2 . HIS A 1 175 ? -16.143 8.370   -14.019 1.00 56.74 ? 172 HIS A NE2 1 
ATOM   1270 N N   . LYS A 1 176 ? -22.629 8.449   -14.451 1.00 44.35 ? 173 LYS A N   1 
ATOM   1271 C CA  . LYS A 1 176 ? -24.049 8.253   -14.599 1.00 43.35 ? 173 LYS A CA  1 
ATOM   1272 C C   . LYS A 1 176 ? -24.389 6.775   -14.440 1.00 39.92 ? 173 LYS A C   1 
ATOM   1273 O O   . LYS A 1 176 ? -25.415 6.452   -13.846 1.00 40.86 ? 173 LYS A O   1 
ATOM   1274 C CB  . LYS A 1 176 ? -24.519 8.857   -15.944 1.00 44.92 ? 173 LYS A CB  1 
ATOM   1275 C CG  . LYS A 1 176 ? -23.986 10.268  -16.159 1.00 40.10 ? 173 LYS A CG  1 
ATOM   1276 C CD  . LYS A 1 176 ? -24.753 11.042  -17.219 1.00 43.10 ? 173 LYS A CD  1 
ATOM   1277 C CE  . LYS A 1 176 ? -24.135 12.426  -17.372 1.00 42.58 ? 173 LYS A CE  1 
ATOM   1278 N NZ  . LYS A 1 176 ? -24.986 13.380  -18.133 1.00 42.75 ? 173 LYS A NZ  1 
ATOM   1279 N N   . VAL A 1 177 ? -23.541 5.901   -14.992 1.00 40.62 ? 174 VAL A N   1 
ATOM   1280 C CA  . VAL A 1 177 ? -23.523 4.462   -14.644 1.00 38.07 ? 174 VAL A CA  1 
ATOM   1281 C C   . VAL A 1 177 ? -22.123 4.163   -14.081 1.00 33.13 ? 174 VAL A C   1 
ATOM   1282 O O   . VAL A 1 177 ? -21.142 4.144   -14.811 1.00 30.53 ? 174 VAL A O   1 
ATOM   1283 C CB  . VAL A 1 177 ? -23.842 3.490   -15.828 1.00 40.60 ? 174 VAL A CB  1 
ATOM   1284 C CG1 . VAL A 1 177 ? -23.574 2.046   -15.397 1.00 40.35 ? 174 VAL A CG1 1 
ATOM   1285 C CG2 . VAL A 1 177 ? -25.305 3.602   -16.284 1.00 40.86 ? 174 VAL A CG2 1 
ATOM   1286 N N   . GLU A 1 178 ? -22.046 3.887   -12.785 1.00 31.75 ? 175 GLU A N   1 
ATOM   1287 C CA  . GLU A 1 178 ? -20.745 3.796   -12.095 1.00 25.83 ? 175 GLU A CA  1 
ATOM   1288 C C   . GLU A 1 178 ? -20.335 2.389   -12.299 1.00 24.92 ? 175 GLU A C   1 
ATOM   1289 O O   . GLU A 1 178 ? -21.223 1.559   -12.353 1.00 24.89 ? 175 GLU A O   1 
ATOM   1290 C CB  . GLU A 1 178 ? -20.970 4.079   -10.590 1.00 30.39 ? 175 GLU A CB  1 
ATOM   1291 C CG  . GLU A 1 178 ? -19.671 4.328   -9.793  1.00 30.53 ? 175 GLU A CG  1 
ATOM   1292 C CD  . GLU A 1 178 ? -18.906 5.555   -10.237 1.00 34.23 ? 175 GLU A CD  1 
ATOM   1293 O OE1 . GLU A 1 178 ? -19.530 6.562   -10.653 1.00 28.04 ? 175 GLU A OE1 1 
ATOM   1294 O OE2 . GLU A 1 178 ? -17.648 5.490   -10.194 1.00 39.73 ? 175 GLU A OE2 1 
ATOM   1295 N N   . THR A 1 179 ? -19.032 2.052   -12.339 1.00 22.64 ? 176 THR A N   1 
ATOM   1296 C CA  . THR A 1 179 ? -18.602 0.689   -12.445 1.00 24.31 ? 176 THR A CA  1 
ATOM   1297 C C   . THR A 1 179 ? -17.602 0.467   -11.344 1.00 22.73 ? 176 THR A C   1 
ATOM   1298 O O   . THR A 1 179 ? -17.106 1.431   -10.779 1.00 24.28 ? 176 THR A O   1 
ATOM   1299 C CB  . THR A 1 179 ? -17.826 0.391   -13.710 1.00 22.21 ? 176 THR A CB  1 
ATOM   1300 O OG1 . THR A 1 179 ? -16.667 1.250   -13.741 1.00 20.12 ? 176 THR A OG1 1 
ATOM   1301 C CG2 . THR A 1 179 ? -18.649 0.642   -14.858 1.00 23.86 ? 176 THR A CG2 1 
ATOM   1302 N N   . ILE A 1 180 ? -17.411 -0.780  -10.985 1.00 22.92 ? 177 ILE A N   1 
ATOM   1303 C CA  . ILE A 1 180 ? -16.420 -1.118  -9.927  1.00 22.91 ? 177 ILE A CA  1 
ATOM   1304 C C   . ILE A 1 180 ? -15.037 -0.660  -10.308 1.00 21.21 ? 177 ILE A C   1 
ATOM   1305 O O   . ILE A 1 180 ? -14.370 -0.060  -9.475  1.00 20.81 ? 177 ILE A O   1 
ATOM   1306 C CB  . ILE A 1 180 ? -16.481 -2.544  -9.447  1.00 25.04 ? 177 ILE A CB  1 
ATOM   1307 C CG1 . ILE A 1 180 ? -17.528 -2.604  -8.349  1.00 28.73 ? 177 ILE A CG1 1 
ATOM   1308 C CG2 . ILE A 1 180 ? -15.155 -2.997  -8.845  1.00 25.86 ? 177 ILE A CG2 1 
ATOM   1309 C CD1 . ILE A 1 180 ? -18.247 -3.879  -8.309  1.00 32.32 ? 177 ILE A CD1 1 
ATOM   1310 N N   . GLU A 1 181 ? -14.655 -0.799  -11.586 1.00 18.51 ? 178 GLU A N   1 
ATOM   1311 C CA  . GLU A 1 181 ? -13.383 -0.168  -12.086 1.00 21.25 ? 178 GLU A CA  1 
ATOM   1312 C C   . GLU A 1 181 ? -13.253 1.385   -11.876 1.00 19.06 ? 178 GLU A C   1 
ATOM   1313 O O   . GLU A 1 181 ? -12.202 1.859   -11.476 1.00 20.44 ? 178 GLU A O   1 
ATOM   1314 C CB  . GLU A 1 181 ? -13.205 -0.466  -13.561 1.00 24.75 ? 178 GLU A CB  1 
ATOM   1315 C CG  . GLU A 1 181 ? -12.960 -1.930  -13.952 1.00 30.06 ? 178 GLU A CG  1 
ATOM   1316 C CD  . GLU A 1 181 ? -14.114 -2.864  -13.665 1.00 37.44 ? 178 GLU A CD  1 
ATOM   1317 O OE1 . GLU A 1 181 ? -15.302 -2.424  -13.732 1.00 37.31 ? 178 GLU A OE1 1 
ATOM   1318 O OE2 . GLU A 1 181 ? -13.786 -4.036  -13.336 1.00 42.35 ? 178 GLU A OE2 1 
ATOM   1319 N N   . ASP A 1 182 ? -14.321 2.164   -12.116 1.00 18.82 ? 179 ASP A N   1 
ATOM   1320 C CA  . ASP A 1 182 ? -14.293 3.636   -11.819 1.00 19.29 ? 179 ASP A CA  1 
ATOM   1321 C C   . ASP A 1 182 ? -13.960 3.928   -10.309 1.00 20.90 ? 179 ASP A C   1 
ATOM   1322 O O   . ASP A 1 182 ? -13.264 4.876   -10.014 1.00 20.50 ? 179 ASP A O   1 
ATOM   1323 C CB  . ASP A 1 182 ? -15.669 4.282   -12.088 1.00 19.48 ? 179 ASP A CB  1 
ATOM   1324 C CG  . ASP A 1 182 ? -16.050 4.338   -13.560 1.00 24.32 ? 179 ASP A CG  1 
ATOM   1325 O OD1 . ASP A 1 182 ? -15.151 4.356   -14.399 1.00 23.59 ? 179 ASP A OD1 1 
ATOM   1326 O OD2 . ASP A 1 182 ? -17.267 4.419   -13.828 1.00 35.17 ? 179 ASP A OD2 1 
ATOM   1327 N N   . LEU A 1 183 ? -14.556 3.155   -9.436  1.00 20.68 ? 180 LEU A N   1 
ATOM   1328 C CA  . LEU A 1 183 ? -14.474 3.342   -7.973  1.00 18.83 ? 180 LEU A CA  1 
ATOM   1329 C C   . LEU A 1 183 ? -13.088 2.965   -7.512  1.00 17.98 ? 180 LEU A C   1 
ATOM   1330 O O   . LEU A 1 183 ? -12.493 3.713   -6.753  1.00 18.05 ? 180 LEU A O   1 
ATOM   1331 C CB  . LEU A 1 183 ? -15.487 2.520   -7.180  1.00 18.70 ? 180 LEU A CB  1 
ATOM   1332 C CG  . LEU A 1 183 ? -17.014 2.845   -7.333  1.00 19.67 ? 180 LEU A CG  1 
ATOM   1333 C CD1 . LEU A 1 183 ? -17.856 1.859   -6.502  1.00 23.30 ? 180 LEU A CD1 1 
ATOM   1334 C CD2 . LEU A 1 183 ? -17.312 4.311   -7.044  1.00 21.84 ? 180 LEU A CD2 1 
ATOM   1335 N N   . ILE A 1 184 ? -12.519 1.885   -8.053  1.00 18.77 ? 181 ILE A N   1 
ATOM   1336 C CA  . ILE A 1 184 ? -11.130 1.492   -7.724  1.00 18.24 ? 181 ILE A CA  1 
ATOM   1337 C C   . ILE A 1 184 ? -10.215 2.564   -8.224  1.00 20.67 ? 181 ILE A C   1 
ATOM   1338 O O   . ILE A 1 184 ? -9.304  3.002   -7.514  1.00 17.44 ? 181 ILE A O   1 
ATOM   1339 C CB  . ILE A 1 184 ? -10.735 0.096   -8.322  1.00 18.88 ? 181 ILE A CB  1 
ATOM   1340 C CG1 . ILE A 1 184 ? -11.634 -0.917  -7.632  1.00 20.69 ? 181 ILE A CG1 1 
ATOM   1341 C CG2 . ILE A 1 184 ? -9.259  -0.267  -8.077  1.00 17.66 ? 181 ILE A CG2 1 
ATOM   1342 C CD1 . ILE A 1 184 ? -11.583 -2.323  -8.120  1.00 25.55 ? 181 ILE A CD1 1 
ATOM   1343 N N   . ASP A 1 185 ? -10.414 2.994   -9.458  1.00 16.44 ? 182 ASP A N   1 
ATOM   1344 C CA  . ASP A 1 185 ? -9.522  4.012   -9.982  1.00 16.92 ? 182 ASP A CA  1 
ATOM   1345 C C   . ASP A 1 185 ? -9.677  5.342   -9.298  1.00 17.89 ? 182 ASP A C   1 
ATOM   1346 O O   . ASP A 1 185 ? -8.805  6.130   -9.337  1.00 16.29 ? 182 ASP A O   1 
ATOM   1347 C CB  . ASP A 1 185 ? -9.720  4.175   -11.522 1.00 18.37 ? 182 ASP A CB  1 
ATOM   1348 C CG  . ASP A 1 185 ? -9.089  3.048   -12.280 1.00 22.35 ? 182 ASP A CG  1 
ATOM   1349 O OD1 . ASP A 1 185 ? -8.456  2.245   -11.648 1.00 22.62 ? 182 ASP A OD1 1 
ATOM   1350 O OD2 . ASP A 1 185 ? -9.228  2.940   -13.516 1.00 24.59 ? 182 ASP A OD2 1 
ATOM   1351 N N   . PHE A 1 186 ? -10.841 5.646   -8.831  1.00 17.75 ? 183 PHE A N   1 
ATOM   1352 C CA  . PHE A 1 186 ? -11.062 6.892   -8.115  1.00 18.30 ? 183 PHE A CA  1 
ATOM   1353 C C   . PHE A 1 186 ? -10.013 6.929   -7.028  1.00 17.39 ? 183 PHE A C   1 
ATOM   1354 O O   . PHE A 1 186 ? -9.343  7.953   -6.857  1.00 18.83 ? 183 PHE A O   1 
ATOM   1355 C CB  . PHE A 1 186 ? -12.464 6.929   -7.446  1.00 17.78 ? 183 PHE A CB  1 
ATOM   1356 C CG  . PHE A 1 186 ? -12.789 8.261   -6.812  1.00 19.39 ? 183 PHE A CG  1 
ATOM   1357 C CD1 . PHE A 1 186 ? -12.322 8.580   -5.505  1.00 17.36 ? 183 PHE A CD1 1 
ATOM   1358 C CD2 . PHE A 1 186 ? -13.495 9.226   -7.513  1.00 21.00 ? 183 PHE A CD2 1 
ATOM   1359 C CE1 . PHE A 1 186 ? -12.628 9.802   -4.946  1.00 17.50 ? 183 PHE A CE1 1 
ATOM   1360 C CE2 . PHE A 1 186 ? -13.869 10.386  -6.916  1.00 24.18 ? 183 PHE A CE2 1 
ATOM   1361 C CZ  . PHE A 1 186 ? -13.360 10.721  -5.662  1.00 21.41 ? 183 PHE A CZ  1 
ATOM   1362 N N   . MET A 1 187 ? -9.917  5.837   -6.274  1.00 15.31 ? 184 MET A N   1 
ATOM   1363 C CA  . MET A 1 187 ? -9.028  5.826   -5.073  1.00 16.28 ? 184 MET A CA  1 
ATOM   1364 C C   . MET A 1 187 ? -7.588  5.746   -5.570  1.00 14.66 ? 184 MET A C   1 
ATOM   1365 O O   . MET A 1 187 ? -6.728  6.485   -5.115  1.00 15.64 ? 184 MET A O   1 
ATOM   1366 C CB  . MET A 1 187 ? -9.342  4.642   -4.170  1.00 15.33 ? 184 MET A CB  1 
ATOM   1367 C CG  . MET A 1 187 ? -10.614 4.768   -3.339  1.00 15.61 ? 184 MET A CG  1 
ATOM   1368 S SD  . MET A 1 187 ? -10.784 6.358   -2.563  1.00 15.63 ? 184 MET A SD  1 
ATOM   1369 C CE  . MET A 1 187 ? -9.266  6.441   -1.656  1.00 16.52 ? 184 MET A CE  1 
ATOM   1370 N N   . VAL A 1 188 ? -7.298  4.866   -6.505  1.00 14.65 ? 185 VAL A N   1 
ATOM   1371 C CA  . VAL A 1 188 ? -5.894  4.691   -7.001  1.00 15.01 ? 185 VAL A CA  1 
ATOM   1372 C C   . VAL A 1 188 ? -5.358  5.956   -7.666  1.00 16.23 ? 185 VAL A C   1 
ATOM   1373 O O   . VAL A 1 188 ? -4.163  6.303   -7.452  1.00 16.53 ? 185 VAL A O   1 
ATOM   1374 C CB  . VAL A 1 188 ? -5.739  3.474   -7.917  1.00 13.72 ? 185 VAL A CB  1 
ATOM   1375 C CG1 . VAL A 1 188 ? -4.385  3.527   -8.595  1.00 16.93 ? 185 VAL A CG1 1 
ATOM   1376 C CG2 . VAL A 1 188 ? -5.986  2.144   -7.171  1.00 14.71 ? 185 VAL A CG2 1 
ATOM   1377 N N   . GLY A 1 189 ? -6.174  6.691   -8.476  1.00 16.65 ? 186 GLY A N   1 
ATOM   1378 C CA  . GLY A 1 189 ? -5.699  7.912   -9.081  1.00 21.14 ? 186 GLY A CA  1 
ATOM   1379 C C   . GLY A 1 189 ? -5.420  8.948   -8.043  1.00 21.24 ? 186 GLY A C   1 
ATOM   1380 O O   . GLY A 1 189 ? -4.461  9.758   -8.212  1.00 20.70 ? 186 GLY A O   1 
ATOM   1381 N N   . ARG A 1 190 ? -6.193  8.942   -6.962  1.00 18.35 ? 187 ARG A N   1 
ATOM   1382 C CA  . ARG A 1 190 ? -5.889  9.874   -5.859  1.00 18.81 ? 187 ARG A CA  1 
ATOM   1383 C C   . ARG A 1 190 ? -4.640  9.528   -5.078  1.00 18.88 ? 187 ARG A C   1 
ATOM   1384 O O   . ARG A 1 190 ? -3.849  10.440  -4.763  1.00 16.92 ? 187 ARG A O   1 
ATOM   1385 C CB  . ARG A 1 190 ? -7.034  10.108  -4.948  1.00 18.88 ? 187 ARG A CB  1 
ATOM   1386 C CG  . ARG A 1 190 ? -8.034  11.006  -5.682  1.00 23.03 ? 187 ARG A CG  1 
ATOM   1387 C CD  . ARG A 1 190 ? -9.366  10.886  -5.090  1.00 22.93 ? 187 ARG A CD  1 
ATOM   1388 N NE  . ARG A 1 190 ? -10.310 11.835  -5.690  1.00 26.26 ? 187 ARG A NE  1 
ATOM   1389 C CZ  . ARG A 1 190 ? -10.814 11.779  -6.925  1.00 30.89 ? 187 ARG A CZ  1 
ATOM   1390 N NH1 . ARG A 1 190 ? -11.637 12.747  -7.307  1.00 32.80 ? 187 ARG A NH1 1 
ATOM   1391 N NH2 . ARG A 1 190 ? -10.529 10.756  -7.787  1.00 31.24 ? 187 ARG A NH2 1 
ATOM   1392 N N   . VAL A 1 191 ? -4.379  8.245   -4.889  1.00 16.71 ? 188 VAL A N   1 
ATOM   1393 C CA  . VAL A 1 191 ? -3.028  7.857   -4.410  1.00 17.21 ? 188 VAL A CA  1 
ATOM   1394 C C   . VAL A 1 191 ? -1.906  8.366   -5.314  1.00 18.42 ? 188 VAL A C   1 
ATOM   1395 O O   . VAL A 1 191 ? -1.011  9.089   -4.875  1.00 18.49 ? 188 VAL A O   1 
ATOM   1396 C CB  . VAL A 1 191 ? -2.890  6.365   -4.189  1.00 15.87 ? 188 VAL A CB  1 
ATOM   1397 C CG1 . VAL A 1 191 ? -1.506  5.987   -3.724  1.00 16.43 ? 188 VAL A CG1 1 
ATOM   1398 C CG2 . VAL A 1 191 ? -3.943  5.894   -3.166  1.00 14.99 ? 188 VAL A CG2 1 
ATOM   1399 N N   . LEU A 1 192 ? -1.982  8.050   -6.595  1.00 18.88 ? 189 LEU A N   1 
ATOM   1400 C CA  . LEU A 1 192 ? -0.994  8.578   -7.555  1.00 22.90 ? 189 LEU A CA  1 
ATOM   1401 C C   . LEU A 1 192 ? -0.864  10.072  -7.584  1.00 25.38 ? 189 LEU A C   1 
ATOM   1402 O O   . LEU A 1 192 ? 0.225   10.573  -7.749  1.00 26.23 ? 189 LEU A O   1 
ATOM   1403 C CB  . LEU A 1 192 ? -1.324  8.106   -8.978  1.00 25.41 ? 189 LEU A CB  1 
ATOM   1404 C CG  . LEU A 1 192 ? -1.394  6.621   -9.218  1.00 28.61 ? 189 LEU A CG  1 
ATOM   1405 C CD1 . LEU A 1 192 ? -1.843  6.322   -10.669 1.00 32.46 ? 189 LEU A CD1 1 
ATOM   1406 C CD2 . LEU A 1 192 ? -0.110  5.872   -8.924  1.00 30.43 ? 189 LEU A CD2 1 
ATOM   1407 N N   . ASP A 1 193 ? -1.982  10.772  -7.489  1.00 23.96 ? 190 ASP A N   1 
ATOM   1408 C CA  . ASP A 1 193 ? -1.999  12.229  -7.349  1.00 25.89 ? 190 ASP A CA  1 
ATOM   1409 C C   . ASP A 1 193 ? -1.106  12.637  -6.144  1.00 25.56 ? 190 ASP A C   1 
ATOM   1410 O O   . ASP A 1 193 ? -0.237  13.487  -6.294  1.00 24.37 ? 190 ASP A O   1 
ATOM   1411 C CB  . ASP A 1 193 ? -3.402  12.763  -7.127  1.00 25.48 ? 190 ASP A CB  1 
ATOM   1412 C CG  . ASP A 1 193 ? -4.269  12.874  -8.439  1.00 29.21 ? 190 ASP A CG  1 
ATOM   1413 O OD1 . ASP A 1 193 ? -3.728  12.815  -9.577  1.00 35.66 ? 190 ASP A OD1 1 
ATOM   1414 O OD2 . ASP A 1 193 ? -5.506  13.081  -8.311  1.00 33.79 ? 190 ASP A OD2 1 
ATOM   1415 N N   . HIS A 1 194 ? -1.354  12.047  -4.954  1.00 23.98 ? 191 HIS A N   1 
ATOM   1416 C CA  . HIS A 1 194 ? -0.540  12.326  -3.734  1.00 23.31 ? 191 HIS A CA  1 
ATOM   1417 C C   . HIS A 1 194 ? 0.947   11.951  -3.886  1.00 25.71 ? 191 HIS A C   1 
ATOM   1418 O O   . HIS A 1 194 ? 1.827   12.677  -3.403  1.00 30.51 ? 191 HIS A O   1 
ATOM   1419 C CB  . HIS A 1 194 ? -1.168  11.677  -2.521  1.00 22.10 ? 191 HIS A CB  1 
ATOM   1420 C CG  . HIS A 1 194 ? -2.241  12.496  -1.932  1.00 25.16 ? 191 HIS A CG  1 
ATOM   1421 N ND1 . HIS A 1 194 ? -3.404  12.775  -2.620  1.00 27.17 ? 191 HIS A ND1 1 
ATOM   1422 C CD2 . HIS A 1 194 ? -2.265  13.254  -0.820  1.00 24.68 ? 191 HIS A CD2 1 
ATOM   1423 C CE1 . HIS A 1 194 ? -4.133  13.608  -1.908  1.00 24.91 ? 191 HIS A CE1 1 
ATOM   1424 N NE2 . HIS A 1 194 ? -3.460  13.911  -0.813  1.00 29.29 ? 191 HIS A NE2 1 
ATOM   1425 N N   . LEU A 1 195 ? 1.233   10.892  -4.593  1.00 24.54 ? 192 LEU A N   1 
ATOM   1426 C CA  . LEU A 1 195 ? 2.622   10.440  -4.852  1.00 27.30 ? 192 LEU A CA  1 
ATOM   1427 C C   . LEU A 1 195 ? 3.358   11.250  -5.910  1.00 31.04 ? 192 LEU A C   1 
ATOM   1428 O O   . LEU A 1 195 ? 4.551   11.020  -6.168  1.00 34.50 ? 192 LEU A O   1 
ATOM   1429 C CB  . LEU A 1 195 ? 2.576   9.001   -5.309  1.00 24.68 ? 192 LEU A CB  1 
ATOM   1430 C CG  . LEU A 1 195 ? 2.200   8.025   -4.208  1.00 24.54 ? 192 LEU A CG  1 
ATOM   1431 C CD1 . LEU A 1 195 ? 1.963   6.677   -4.834  1.00 25.02 ? 192 LEU A CD1 1 
ATOM   1432 C CD2 . LEU A 1 195 ? 3.309   7.889   -3.188  1.00 22.95 ? 192 LEU A CD2 1 
ATOM   1433 N N   . GLY A 1 196 ? 2.630   12.119  -6.592  1.00 34.29 ? 193 GLY A N   1 
ATOM   1434 C CA  . GLY A 1 196 ? 3.203   12.977  -7.615  1.00 37.62 ? 193 GLY A CA  1 
ATOM   1435 C C   . GLY A 1 196 ? 3.409   12.251  -8.937  1.00 37.03 ? 193 GLY A C   1 
ATOM   1436 O O   . GLY A 1 196 ? 4.218   12.682  -9.756  1.00 35.09 ? 193 GLY A O   1 
ATOM   1437 N N   . ILE A 1 197 ? 2.644   11.185  -9.167  1.00 31.94 ? 194 ILE A N   1 
ATOM   1438 C CA  . ILE A 1 197 ? 2.721   10.439  -10.379 1.00 35.65 ? 194 ILE A CA  1 
ATOM   1439 C C   . ILE A 1 197 ? 1.544   10.722  -11.277 1.00 36.76 ? 194 ILE A C   1 
ATOM   1440 O O   . ILE A 1 197 ? 0.380   10.641  -10.842 1.00 35.67 ? 194 ILE A O   1 
ATOM   1441 C CB  . ILE A 1 197 ? 2.732   8.924   -10.089 1.00 38.32 ? 194 ILE A CB  1 
ATOM   1442 C CG1 . ILE A 1 197 ? 3.915   8.607   -9.191  1.00 40.66 ? 194 ILE A CG1 1 
ATOM   1443 C CG2 . ILE A 1 197 ? 2.698   8.134   -11.392 1.00 38.56 ? 194 ILE A CG2 1 
ATOM   1444 C CD1 . ILE A 1 197 ? 3.769   7.382   -8.324  1.00 42.52 ? 194 ILE A CD1 1 
ATOM   1445 N N   . GLU A 1 198 ? 1.838   10.941  -12.561 1.00 39.03 ? 195 GLU A N   1 
ATOM   1446 C CA  . GLU A 1 198 ? 0.785   11.209  -13.548 1.00 39.62 ? 195 GLU A CA  1 
ATOM   1447 C C   . GLU A 1 198 ? -0.283  10.141  -13.768 1.00 42.93 ? 195 GLU A C   1 
ATOM   1448 O O   . GLU A 1 198 ? -0.003  8.969   -14.023 1.00 41.64 ? 195 GLU A O   1 
ATOM   1449 C CB  . GLU A 1 198 ? 1.411   11.622  -14.892 1.00 43.83 ? 195 GLU A CB  1 
ATOM   1450 C CG  . GLU A 1 198 ? 1.979   13.040  -14.851 1.00 47.64 ? 195 GLU A CG  1 
ATOM   1451 C CD  . GLU A 1 198 ? 0.999   14.062  -14.273 1.00 53.52 ? 195 GLU A CD  1 
ATOM   1452 O OE1 . GLU A 1 198 ? -0.237  13.939  -14.551 1.00 54.98 ? 195 GLU A OE1 1 
ATOM   1453 O OE2 . GLU A 1 198 ? 1.466   14.980  -13.542 1.00 50.10 ? 195 GLU A OE2 1 
ATOM   1454 N N   . GLN A 1 199 ? -1.534  10.563  -13.689 1.00 43.39 ? 196 GLN A N   1 
ATOM   1455 C CA  . GLN A 1 199 ? -2.650  9.651   -13.910 1.00 40.60 ? 196 GLN A CA  1 
ATOM   1456 C C   . GLN A 1 199 ? -2.724  9.127   -15.350 1.00 43.48 ? 196 GLN A C   1 
ATOM   1457 O O   . GLN A 1 199 ? -3.351  8.084   -15.614 1.00 39.20 ? 196 GLN A O   1 
ATOM   1458 C CB  . GLN A 1 199 ? -3.929  10.352  -13.530 1.00 40.05 ? 196 GLN A CB  1 
ATOM   1459 C CG  . GLN A 1 199 ? -4.050  10.644  -12.049 1.00 43.18 ? 196 GLN A CG  1 
ATOM   1460 C CD  . GLN A 1 199 ? -5.488  10.577  -11.593 1.00 36.59 ? 196 GLN A CD  1 
ATOM   1461 O OE1 . GLN A 1 199 ? -5.998  11.492  -10.961 1.00 49.30 ? 196 GLN A OE1 1 
ATOM   1462 N NE2 . GLN A 1 199 ? -6.161  9.493   -11.927 1.00 43.40 ? 196 GLN A NE2 1 
ATOM   1463 N N   . ASP A 1 200 ? -2.054  9.816   -16.285 1.00 50.70 ? 197 ASP A N   1 
ATOM   1464 C CA  . ASP A 1 200 ? -2.053  9.403   -17.712 1.00 48.34 ? 197 ASP A CA  1 
ATOM   1465 C C   . ASP A 1 200 ? -1.372  8.047   -17.969 1.00 46.37 ? 197 ASP A C   1 
ATOM   1466 O O   . ASP A 1 200 ? -1.686  7.369   -18.931 1.00 44.74 ? 197 ASP A O   1 
ATOM   1467 C CB  . ASP A 1 200 ? -1.459  10.509  -18.624 1.00 51.56 ? 197 ASP A CB  1 
ATOM   1468 C CG  . ASP A 1 200 ? 0.033   10.809  -18.355 1.00 52.40 ? 197 ASP A CG  1 
ATOM   1469 O OD1 . ASP A 1 200 ? 0.645   10.289  -17.395 1.00 58.54 ? 197 ASP A OD1 1 
ATOM   1470 O OD2 . ASP A 1 200 ? 0.616   11.595  -19.137 1.00 47.49 ? 197 ASP A OD2 1 
ATOM   1471 N N   . ILE A 1 201 ? -0.470  7.639   -17.083 1.00 43.86 ? 198 ILE A N   1 
ATOM   1472 C CA  . ILE A 1 201 ? 0.173   6.335   -17.196 1.00 43.06 ? 198 ILE A CA  1 
ATOM   1473 C C   . ILE A 1 201 ? -0.676  5.116   -16.778 1.00 39.42 ? 198 ILE A C   1 
ATOM   1474 O O   . ILE A 1 201 ? -0.217  3.993   -17.008 1.00 35.96 ? 198 ILE A O   1 
ATOM   1475 C CB  . ILE A 1 201 ? 1.532   6.255   -16.454 1.00 46.35 ? 198 ILE A CB  1 
ATOM   1476 C CG1 . ILE A 1 201 ? 1.359   6.407   -14.941 1.00 44.50 ? 198 ILE A CG1 1 
ATOM   1477 C CG2 . ILE A 1 201 ? 2.515   7.261   -17.026 1.00 47.56 ? 198 ILE A CG2 1 
ATOM   1478 C CD1 . ILE A 1 201 ? 0.585   5.283   -14.268 1.00 39.58 ? 198 ILE A CD1 1 
ATOM   1479 N N   . MET A 1 202 ? -1.868  5.316   -16.180 1.00 33.14 ? 199 MET A N   1 
ATOM   1480 C CA  . MET A 1 202 ? -2.714  4.197   -15.718 1.00 32.13 ? 199 MET A CA  1 
ATOM   1481 C C   . MET A 1 202 ? -3.279  3.391   -16.872 1.00 33.92 ? 199 MET A C   1 
ATOM   1482 O O   . MET A 1 202 ? -4.006  3.916   -17.685 1.00 33.73 ? 199 MET A O   1 
ATOM   1483 C CB  . MET A 1 202 ? -3.910  4.694   -14.914 1.00 30.68 ? 199 MET A CB  1 
ATOM   1484 C CG  . MET A 1 202 ? -3.546  5.393   -13.622 1.00 33.46 ? 199 MET A CG  1 
ATOM   1485 S SD  . MET A 1 202 ? -4.953  6.198   -12.862 1.00 34.18 ? 199 MET A SD  1 
ATOM   1486 C CE  . MET A 1 202 ? -5.804  4.776   -12.110 1.00 26.28 ? 199 MET A CE  1 
ATOM   1487 N N   . PRO A 1 203 ? -3.000  2.104   -16.908 1.00 35.63 ? 200 PRO A N   1 
ATOM   1488 C CA  . PRO A 1 203 ? -3.408  1.390   -18.138 1.00 38.04 ? 200 PRO A CA  1 
ATOM   1489 C C   . PRO A 1 203 ? -4.857  0.905   -18.167 1.00 37.01 ? 200 PRO A C   1 
ATOM   1490 O O   . PRO A 1 203 ? -5.571  0.968   -17.189 1.00 32.81 ? 200 PRO A O   1 
ATOM   1491 C CB  . PRO A 1 203 ? -2.452  0.198   -18.185 1.00 39.77 ? 200 PRO A CB  1 
ATOM   1492 C CG  . PRO A 1 203 ? -1.953  0.029   -16.788 1.00 40.19 ? 200 PRO A CG  1 
ATOM   1493 C CD  . PRO A 1 203 ? -2.081  1.328   -16.064 1.00 37.48 ? 200 PRO A CD  1 
ATOM   1494 N N   . ARG A 1 204 ? -5.269  0.415   -19.324 1.00 31.72 ? 201 ARG A N   1 
ATOM   1495 C CA  . ARG A 1 204 ? -6.606  -0.046  -19.507 1.00 34.47 ? 201 ARG A CA  1 
ATOM   1496 C C   . ARG A 1 204 ? -6.888  -1.259  -18.636 1.00 31.34 ? 201 ARG A C   1 
ATOM   1497 O O   . ARG A 1 204 ? -6.058  -2.129  -18.501 1.00 36.29 ? 201 ARG A O   1 
ATOM   1498 C CB  . ARG A 1 204 ? -6.741  -0.465  -20.979 1.00 32.27 ? 201 ARG A CB  1 
ATOM   1499 C CG  . ARG A 1 204 ? -6.539  0.658   -21.989 1.00 38.61 ? 201 ARG A CG  1 
ATOM   1500 C CD  . ARG A 1 204 ? -7.820  1.405   -22.311 1.00 39.63 ? 201 ARG A CD  1 
ATOM   1501 N NE  . ARG A 1 204 ? -8.952  0.533   -22.648 1.00 40.66 ? 201 ARG A NE  1 
ATOM   1502 C CZ  . ARG A 1 204 ? -9.185  -0.008  -23.837 1.00 37.01 ? 201 ARG A CZ  1 
ATOM   1503 N NH1 . ARG A 1 204 ? -8.374  0.182   -24.849 1.00 40.00 ? 201 ARG A NH1 1 
ATOM   1504 N NH2 . ARG A 1 204 ? -10.229 -0.780  -23.999 1.00 44.59 ? 201 ARG A NH2 1 
ATOM   1505 N N   . TRP A 1 205 ? -8.062  -1.329  -18.041 1.00 34.09 ? 202 TRP A N   1 
ATOM   1506 C CA  . TRP A 1 205 ? -8.527  -2.568  -17.417 1.00 33.18 ? 202 TRP A CA  1 
ATOM   1507 C C   . TRP A 1 205 ? -8.761  -3.830  -18.326 1.00 38.37 ? 202 TRP A C   1 
ATOM   1508 O O   . TRP A 1 205 ? -8.373  -4.933  -17.955 1.00 36.96 ? 202 TRP A O   1 
ATOM   1509 C CB  . TRP A 1 205 ? -9.837  -2.290  -16.756 1.00 33.84 ? 202 TRP A CB  1 
ATOM   1510 C CG  . TRP A 1 205 ? -9.739  -1.489  -15.481 1.00 31.35 ? 202 TRP A CG  1 
ATOM   1511 C CD1 . TRP A 1 205 ? -9.755  -0.146  -15.370 1.00 31.73 ? 202 TRP A CD1 1 
ATOM   1512 C CD2 . TRP A 1 205 ? -9.616  -2.017  -14.166 1.00 28.91 ? 202 TRP A CD2 1 
ATOM   1513 N NE1 . TRP A 1 205 ? -9.688  0.213   -14.027 1.00 26.67 ? 202 TRP A NE1 1 
ATOM   1514 C CE2 . TRP A 1 205 ? -9.608  -0.925  -13.274 1.00 25.79 ? 202 TRP A CE2 1 
ATOM   1515 C CE3 . TRP A 1 205 ? -9.598  -3.329  -13.634 1.00 29.70 ? 202 TRP A CE3 1 
ATOM   1516 C CZ2 . TRP A 1 205 ? -9.518  -1.084  -11.909 1.00 27.06 ? 202 TRP A CZ2 1 
ATOM   1517 C CZ3 . TRP A 1 205 ? -9.494  -3.485  -12.254 1.00 33.58 ? 202 TRP A CZ3 1 
ATOM   1518 C CH2 . TRP A 1 205 ? -9.469  -2.349  -11.411 1.00 28.01 ? 202 TRP A CH2 1 
ATOM   1519 N N   . GLY A 1 206 ? -9.441  -3.684  -19.462 1.00 41.41 ? 203 GLY A N   1 
ATOM   1520 C CA  . GLY A 1 206 ? -9.959  -4.855  -20.211 1.00 41.00 ? 203 GLY A CA  1 
ATOM   1521 C C   . GLY A 1 206 ? -9.234  -6.186  -19.998 1.00 40.69 ? 203 GLY A C   1 
ATOM   1522 O O   . GLY A 1 206 ? -9.874  -7.261  -19.848 1.00 34.09 ? 203 GLY A O   1 
HETATM 1523 S S   . SO4 B 2 .   ? -17.958 -4.880  9.587   1.00 25.87 ? 301 SO4 A S   1 
HETATM 1524 O O1  . SO4 B 2 .   ? -17.388 -4.750  10.949  1.00 26.47 ? 301 SO4 A O1  1 
HETATM 1525 O O2  . SO4 B 2 .   ? -17.178 -5.760  8.708   1.00 28.72 ? 301 SO4 A O2  1 
HETATM 1526 O O3  . SO4 B 2 .   ? -19.276 -5.538  9.659   1.00 33.88 ? 301 SO4 A O3  1 
HETATM 1527 O O4  . SO4 B 2 .   ? -18.240 -3.558  9.058   1.00 27.18 ? 301 SO4 A O4  1 
HETATM 1528 S S   . SO4 C 2 .   ? -3.699  -6.785  9.473   1.00 24.48 ? 302 SO4 A S   1 
HETATM 1529 O O1  . SO4 C 2 .   ? -2.752  -7.643  10.313  1.00 26.85 ? 302 SO4 A O1  1 
HETATM 1530 O O2  . SO4 C 2 .   ? -3.701  -7.144  8.056   1.00 24.57 ? 302 SO4 A O2  1 
HETATM 1531 O O3  . SO4 C 2 .   ? -4.808  -7.410  10.172  1.00 30.59 ? 302 SO4 A O3  1 
HETATM 1532 O O4  . SO4 C 2 .   ? -3.841  -5.401  9.823   1.00 28.88 ? 302 SO4 A O4  1 
HETATM 1533 O O   . HOH D 3 .   ? -17.468 7.822   22.015  1.00 11.00 ? 401 HOH A O   1 
HETATM 1534 O O   . HOH D 3 .   ? -4.799  13.191  6.662   1.00 11.29 ? 402 HOH A O   1 
HETATM 1535 O O   . HOH D 3 .   ? -5.681  12.125  19.062  1.00 17.35 ? 403 HOH A O   1 
HETATM 1536 O O   . HOH D 3 .   ? 4.836   1.444   14.082  1.00 20.26 ? 404 HOH A O   1 
HETATM 1537 O O   . HOH D 3 .   ? -4.412  20.149  14.826  1.00 12.60 ? 405 HOH A O   1 
HETATM 1538 O O   . HOH D 3 .   ? 6.518   15.260  8.873   1.00 21.54 ? 406 HOH A O   1 
HETATM 1539 O O   . HOH D 3 .   ? -13.505 2.201   13.797  1.00 23.01 ? 407 HOH A O   1 
HETATM 1540 O O   . HOH D 3 .   ? -10.024 -2.308  10.009  1.00 20.15 ? 408 HOH A O   1 
HETATM 1541 O O   . HOH D 3 .   ? 0.208   13.116  0.966   1.00 24.77 ? 409 HOH A O   1 
HETATM 1542 O O   . HOH D 3 .   ? 0.554   9.258   16.106  1.00 11.95 ? 410 HOH A O   1 
HETATM 1543 O O   . HOH D 3 .   ? -12.302 -0.583  13.727  1.00 19.29 ? 411 HOH A O   1 
HETATM 1544 O O   . HOH D 3 .   ? 4.927   4.086   13.968  1.00 21.01 ? 412 HOH A O   1 
HETATM 1545 O O   . HOH D 3 .   ? -8.174  -3.855  12.302  1.00 17.72 ? 413 HOH A O   1 
HETATM 1546 O O   . HOH D 3 .   ? 4.034   11.349  6.102   1.00 20.01 ? 414 HOH A O   1 
HETATM 1547 O O   . HOH D 3 .   ? 6.788   12.494  9.961   1.00 15.88 ? 415 HOH A O   1 
HETATM 1548 O O   . HOH D 3 .   ? 11.695  14.438  12.638  1.00 29.25 ? 416 HOH A O   1 
HETATM 1549 O O   . HOH D 3 .   ? -4.564  7.875   19.848  1.00 15.90 ? 417 HOH A O   1 
HETATM 1550 O O   . HOH D 3 .   ? -16.819 5.089   21.299  1.00 19.12 ? 418 HOH A O   1 
HETATM 1551 O O   . HOH D 3 .   ? -14.063 4.673   20.932  1.00 12.81 ? 419 HOH A O   1 
HETATM 1552 O O   . HOH D 3 .   ? 8.175   7.125   14.114  1.00 21.20 ? 420 HOH A O   1 
HETATM 1553 O O   . HOH D 3 .   ? 4.586   11.580  8.825   1.00 18.56 ? 421 HOH A O   1 
HETATM 1554 O O   . HOH D 3 .   ? 9.470   3.043   2.957   1.00 19.07 ? 422 HOH A O   1 
HETATM 1555 O O   . HOH D 3 .   ? 10.327  2.473   5.577   1.00 14.22 ? 423 HOH A O   1 
HETATM 1556 O O   . HOH D 3 .   ? -16.695 -2.139  7.766   1.00 29.10 ? 424 HOH A O   1 
HETATM 1557 O O   . HOH D 3 .   ? -2.501  -3.729  15.646  1.00 28.29 ? 425 HOH A O   1 
HETATM 1558 O O   . HOH D 3 .   ? -16.400 7.760   -9.281  1.00 30.26 ? 426 HOH A O   1 
HETATM 1559 O O   . HOH D 3 .   ? 9.860   -12.999 7.988   1.00 34.21 ? 427 HOH A O   1 
HETATM 1560 O O   . HOH D 3 .   ? 12.259  -3.963  -5.877  1.00 24.74 ? 428 HOH A O   1 
HETATM 1561 O O   . HOH D 3 .   ? 3.634   14.818  5.220   1.00 27.94 ? 429 HOH A O   1 
HETATM 1562 O O   . HOH D 3 .   ? 6.080   14.453  5.988   1.00 26.08 ? 430 HOH A O   1 
HETATM 1563 O O   . HOH D 3 .   ? -11.197 -6.288  -3.230  1.00 23.47 ? 431 HOH A O   1 
HETATM 1564 O O   . HOH D 3 .   ? 10.996  -7.555  -10.326 1.00 21.96 ? 432 HOH A O   1 
HETATM 1565 O O   . HOH D 3 .   ? -12.362 -5.866  6.917   1.00 36.70 ? 433 HOH A O   1 
HETATM 1566 O O   . HOH D 3 .   ? -18.227 5.400   -1.285  1.00 17.94 ? 434 HOH A O   1 
HETATM 1567 O O   . HOH D 3 .   ? 8.559   13.805  13.482  1.00 19.35 ? 435 HOH A O   1 
HETATM 1568 O O   . HOH D 3 .   ? -2.557  -14.415 -1.366  1.00 27.84 ? 436 HOH A O   1 
HETATM 1569 O O   . HOH D 3 .   ? 19.300  -1.001  4.545   1.00 34.43 ? 437 HOH A O   1 
HETATM 1570 O O   . HOH D 3 .   ? -6.897  -7.278  9.278   1.00 29.11 ? 438 HOH A O   1 
HETATM 1571 O O   . HOH D 3 .   ? -3.748  14.361  18.917  1.00 27.34 ? 439 HOH A O   1 
HETATM 1572 O O   . HOH D 3 .   ? 14.441  6.609   4.381   1.00 33.47 ? 440 HOH A O   1 
HETATM 1573 O O   . HOH D 3 .   ? 4.529   16.949  9.611   1.00 26.91 ? 441 HOH A O   1 
HETATM 1574 O O   . HOH D 3 .   ? -5.587  -5.457  13.018  1.00 35.49 ? 442 HOH A O   1 
HETATM 1575 O O   . HOH D 3 .   ? 10.854  1.490   15.207  1.00 29.01 ? 443 HOH A O   1 
HETATM 1576 O O   . HOH D 3 .   ? 3.225   13.535  2.498   1.00 30.04 ? 444 HOH A O   1 
HETATM 1577 O O   . HOH D 3 .   ? 1.784   12.038  3.860   1.00 24.90 ? 445 HOH A O   1 
HETATM 1578 O O   . HOH D 3 .   ? -14.013 -3.964  9.621   1.00 25.45 ? 446 HOH A O   1 
HETATM 1579 O O   . HOH D 3 .   ? 1.862   -14.663 5.594   1.00 34.93 ? 447 HOH A O   1 
HETATM 1580 O O   . HOH D 3 .   ? -2.637  -9.945  9.614   1.00 22.79 ? 448 HOH A O   1 
HETATM 1581 O O   . HOH D 3 .   ? -7.064  5.597   20.638  1.00 32.93 ? 449 HOH A O   1 
HETATM 1582 O O   . HOH D 3 .   ? -12.639 4.038   5.579   1.00 22.75 ? 450 HOH A O   1 
HETATM 1583 O O   . HOH D 3 .   ? 12.420  -9.393  -8.003  1.00 25.38 ? 451 HOH A O   1 
HETATM 1584 O O   . HOH D 3 .   ? 4.827   -7.257  8.292   1.00 24.62 ? 452 HOH A O   1 
HETATM 1585 O O   . HOH D 3 .   ? 5.437   -9.596  3.246   1.00 38.11 ? 453 HOH A O   1 
HETATM 1586 O O   . HOH D 3 .   ? 5.530   -8.186  5.772   1.00 29.79 ? 454 HOH A O   1 
# 
